data_4QO4
# 
_entry.id   4QO4 
# 
_audit_conform.dict_name       mmcif_pdbx.dic 
_audit_conform.dict_version    5.387 
_audit_conform.dict_location   http://mmcif.pdb.org/dictionaries/ascii/mmcif_pdbx.dic 
# 
loop_
_database_2.database_id 
_database_2.database_code 
_database_2.pdbx_database_accession 
_database_2.pdbx_DOI 
PDB   4QO4         pdb_00004qo4 10.2210/pdb4qo4/pdb 
RCSB  RCSB086299   ?            ?                   
WWPDB D_1000086299 ?            ?                   
# 
loop_
_pdbx_audit_revision_history.ordinal 
_pdbx_audit_revision_history.data_content_type 
_pdbx_audit_revision_history.major_revision 
_pdbx_audit_revision_history.minor_revision 
_pdbx_audit_revision_history.revision_date 
1 'Structure model' 1 0 2014-07-16 
2 'Structure model' 1 1 2014-09-10 
3 'Structure model' 1 2 2024-02-28 
# 
_pdbx_audit_revision_details.ordinal             1 
_pdbx_audit_revision_details.revision_ordinal    1 
_pdbx_audit_revision_details.data_content_type   'Structure model' 
_pdbx_audit_revision_details.provider            repository 
_pdbx_audit_revision_details.type                'Initial release' 
_pdbx_audit_revision_details.description         ? 
_pdbx_audit_revision_details.details             ? 
# 
loop_
_pdbx_audit_revision_group.ordinal 
_pdbx_audit_revision_group.revision_ordinal 
_pdbx_audit_revision_group.data_content_type 
_pdbx_audit_revision_group.group 
1 2 'Structure model' 'Database references'  
2 3 'Structure model' 'Data collection'      
3 3 'Structure model' 'Database references'  
4 3 'Structure model' 'Derived calculations' 
# 
loop_
_pdbx_audit_revision_category.ordinal 
_pdbx_audit_revision_category.revision_ordinal 
_pdbx_audit_revision_category.data_content_type 
_pdbx_audit_revision_category.category 
1 3 'Structure model' chem_comp_atom     
2 3 'Structure model' chem_comp_bond     
3 3 'Structure model' database_2         
4 3 'Structure model' struct_ref_seq_dif 
5 3 'Structure model' struct_site        
# 
loop_
_pdbx_audit_revision_item.ordinal 
_pdbx_audit_revision_item.revision_ordinal 
_pdbx_audit_revision_item.data_content_type 
_pdbx_audit_revision_item.item 
1 3 'Structure model' '_database_2.pdbx_DOI'                
2 3 'Structure model' '_database_2.pdbx_database_accession' 
3 3 'Structure model' '_struct_ref_seq_dif.details'         
4 3 'Structure model' '_struct_site.pdbx_auth_asym_id'      
5 3 'Structure model' '_struct_site.pdbx_auth_comp_id'      
6 3 'Structure model' '_struct_site.pdbx_auth_seq_id'       
# 
_pdbx_database_status.status_code                     REL 
_pdbx_database_status.entry_id                        4QO4 
_pdbx_database_status.recvd_initial_deposition_date   2014-06-19 
_pdbx_database_status.deposit_site                    RCSB 
_pdbx_database_status.process_site                    RCSB 
_pdbx_database_status.status_code_sf                  REL 
_pdbx_database_status.status_code_mr                  ? 
_pdbx_database_status.SG_entry                        ? 
_pdbx_database_status.status_code_cs                  ? 
_pdbx_database_status.methods_development_category    ? 
_pdbx_database_status.pdb_format_compatible           Y 
_pdbx_database_status.status_code_nmr_data            ? 
# 
_pdbx_database_related.db_name        PDB 
_pdbx_database_related.db_id          4QOC 
_pdbx_database_related.details        . 
_pdbx_database_related.content_type   unspecified 
# 
_audit_author.name           'Huang, X.' 
_audit_author.pdbx_ordinal   1 
# 
_citation.id                        primary 
_citation.title                     'Discovery of Potent and Simplified Piperidinone-Based Inhibitors of the MDM2-p53 Interaction.' 
_citation.journal_abbrev            'ACS Med Chem Lett' 
_citation.journal_volume            5 
_citation.page_first                894 
_citation.page_last                 899 
_citation.year                      2014 
_citation.journal_id_ASTM           ? 
_citation.country                   US 
_citation.journal_id_ISSN           1948-5875 
_citation.journal_id_CSD            ? 
_citation.book_publisher            ? 
_citation.pdbx_database_id_PubMed   25147610 
_citation.pdbx_database_id_DOI      10.1021/ml500142b 
# 
loop_
_citation_author.citation_id 
_citation_author.name 
_citation_author.ordinal 
_citation_author.identifier_ORCID 
primary 'Yu, M.'           1  ? 
primary 'Wang, Y.'         2  ? 
primary 'Zhu, J.'          3  ? 
primary 'Bartberger, M.D.' 4  ? 
primary 'Canon, J.'        5  ? 
primary 'Chen, A.'         6  ? 
primary 'Chow, D.'         7  ? 
primary 'Eksterowicz, J.'  8  ? 
primary 'Fox, B.'          9  ? 
primary 'Fu, J.'           10 ? 
primary 'Gribble, M.'      11 ? 
primary 'Huang, X.'        12 ? 
primary 'Li, Z.'           13 ? 
primary 'Liu, J.J.'        14 ? 
primary 'Lo, M.C.'         15 ? 
primary 'McMinn, D.'       16 ? 
primary 'Oliner, J.D.'     17 ? 
primary 'Osgood, T.'       18 ? 
primary 'Rew, Y.'          19 ? 
primary 'Saiki, A.Y.'      20 ? 
primary 'Shaffer, P.'      21 ? 
primary 'Yan, X.'          22 ? 
primary 'Ye, Q.'           23 ? 
primary 'Yu, D.'           24 ? 
primary 'Zhao, X.'         25 ? 
primary 'Zhou, J.'         26 ? 
primary 'Olson, S.H.'      27 ? 
primary 'Medina, J.C.'     28 ? 
primary 'Sun, D.'          29 ? 
# 
loop_
_entity.id 
_entity.type 
_entity.src_method 
_entity.pdbx_description 
_entity.formula_weight 
_entity.pdbx_number_of_molecules 
_entity.pdbx_ec 
_entity.pdbx_mutation 
_entity.pdbx_fragment 
_entity.details 
1 polymer     man 'E3 ubiquitin-protein ligase Mdm2' 11156.052 1  6.3.2.- ? ? ? 
2 non-polymer syn 
;{(3R,5R,6S)-5-(3-chlorophenyl)-6-(4-chlorophenyl)-1-[(1S)-1-(6-cyclopropylpyridin-2-yl)propyl]-3-methyl-2-oxopiperidin-3-yl}acetic acid
;
551.503   1  ?       ? ? ? 
3 water       nat water 18.015    78 ?       ? ? ? 
# 
_entity_name_com.entity_id   1 
_entity_name_com.name        'Double minute 2 protein, Hdm2, Oncoprotein Mdm2, p53-binding protein Mdm2' 
# 
_entity_poly.entity_id                      1 
_entity_poly.type                           'polypeptide(L)' 
_entity_poly.nstd_linkage                   no 
_entity_poly.nstd_monomer                   no 
_entity_poly.pdbx_seq_one_letter_code       
;GSQIPASEQETLVRPKPLLLKLLKSVGAQKDTYTMKEVLFYLGQYIMTKRLYDEKQQHIVYCSNDLLGDLFGVPSFSVKE
HRKIYTMIYRNLVVVN
;
_entity_poly.pdbx_seq_one_letter_code_can   
;GSQIPASEQETLVRPKPLLLKLLKSVGAQKDTYTMKEVLFYLGQYIMTKRLYDEKQQHIVYCSNDLLGDLFGVPSFSVKE
HRKIYTMIYRNLVVVN
;
_entity_poly.pdbx_strand_id                 A 
_entity_poly.pdbx_target_identifier         ? 
# 
loop_
_pdbx_entity_nonpoly.entity_id 
_pdbx_entity_nonpoly.name 
_pdbx_entity_nonpoly.comp_id 
2 
;{(3R,5R,6S)-5-(3-chlorophenyl)-6-(4-chlorophenyl)-1-[(1S)-1-(6-cyclopropylpyridin-2-yl)propyl]-3-methyl-2-oxopiperidin-3-yl}acetic acid
;
35S 
3 water HOH 
# 
loop_
_entity_poly_seq.entity_id 
_entity_poly_seq.num 
_entity_poly_seq.mon_id 
_entity_poly_seq.hetero 
1 1  GLY n 
1 2  SER n 
1 3  GLN n 
1 4  ILE n 
1 5  PRO n 
1 6  ALA n 
1 7  SER n 
1 8  GLU n 
1 9  GLN n 
1 10 GLU n 
1 11 THR n 
1 12 LEU n 
1 13 VAL n 
1 14 ARG n 
1 15 PRO n 
1 16 LYS n 
1 17 PRO n 
1 18 LEU n 
1 19 LEU n 
1 20 LEU n 
1 21 LYS n 
1 22 LEU n 
1 23 LEU n 
1 24 LYS n 
1 25 SER n 
1 26 VAL n 
1 27 GLY n 
1 28 ALA n 
1 29 GLN n 
1 30 LYS n 
1 31 ASP n 
1 32 THR n 
1 33 TYR n 
1 34 THR n 
1 35 MET n 
1 36 LYS n 
1 37 GLU n 
1 38 VAL n 
1 39 LEU n 
1 40 PHE n 
1 41 TYR n 
1 42 LEU n 
1 43 GLY n 
1 44 GLN n 
1 45 TYR n 
1 46 ILE n 
1 47 MET n 
1 48 THR n 
1 49 LYS n 
1 50 ARG n 
1 51 LEU n 
1 52 TYR n 
1 53 ASP n 
1 54 GLU n 
1 55 LYS n 
1 56 GLN n 
1 57 GLN n 
1 58 HIS n 
1 59 ILE n 
1 60 VAL n 
1 61 TYR n 
1 62 CYS n 
1 63 SER n 
1 64 ASN n 
1 65 ASP n 
1 66 LEU n 
1 67 LEU n 
1 68 GLY n 
1 69 ASP n 
1 70 LEU n 
1 71 PHE n 
1 72 GLY n 
1 73 VAL n 
1 74 PRO n 
1 75 SER n 
1 76 PHE n 
1 77 SER n 
1 78 VAL n 
1 79 LYS n 
1 80 GLU n 
1 81 HIS n 
1 82 ARG n 
1 83 LYS n 
1 84 ILE n 
1 85 TYR n 
1 86 THR n 
1 87 MET n 
1 88 ILE n 
1 89 TYR n 
1 90 ARG n 
1 91 ASN n 
1 92 LEU n 
1 93 VAL n 
1 94 VAL n 
1 95 VAL n 
1 96 ASN n 
# 
_entity_src_gen.entity_id                          1 
_entity_src_gen.pdbx_src_id                        1 
_entity_src_gen.pdbx_alt_source_flag               sample 
_entity_src_gen.pdbx_seq_type                      ? 
_entity_src_gen.pdbx_beg_seq_num                   ? 
_entity_src_gen.pdbx_end_seq_num                   ? 
_entity_src_gen.gene_src_common_name               human 
_entity_src_gen.gene_src_genus                     ? 
_entity_src_gen.pdbx_gene_src_gene                 MDM2 
_entity_src_gen.gene_src_species                   ? 
_entity_src_gen.gene_src_strain                    ? 
_entity_src_gen.gene_src_tissue                    ? 
_entity_src_gen.gene_src_tissue_fraction           ? 
_entity_src_gen.gene_src_details                   ? 
_entity_src_gen.pdbx_gene_src_fragment             ? 
_entity_src_gen.pdbx_gene_src_scientific_name      'Homo sapiens' 
_entity_src_gen.pdbx_gene_src_ncbi_taxonomy_id     9606 
_entity_src_gen.pdbx_gene_src_variant              ? 
_entity_src_gen.pdbx_gene_src_cell_line            ? 
_entity_src_gen.pdbx_gene_src_atcc                 ? 
_entity_src_gen.pdbx_gene_src_organ                ? 
_entity_src_gen.pdbx_gene_src_organelle            ? 
_entity_src_gen.pdbx_gene_src_cell                 ? 
_entity_src_gen.pdbx_gene_src_cellular_location    ? 
_entity_src_gen.host_org_common_name               ? 
_entity_src_gen.pdbx_host_org_scientific_name      'Escherichia coli' 
_entity_src_gen.pdbx_host_org_ncbi_taxonomy_id     562 
_entity_src_gen.host_org_genus                     ? 
_entity_src_gen.pdbx_host_org_gene                 ? 
_entity_src_gen.pdbx_host_org_organ                ? 
_entity_src_gen.host_org_species                   ? 
_entity_src_gen.pdbx_host_org_tissue               ? 
_entity_src_gen.pdbx_host_org_tissue_fraction      ? 
_entity_src_gen.pdbx_host_org_strain               ? 
_entity_src_gen.pdbx_host_org_variant              ? 
_entity_src_gen.pdbx_host_org_cell_line            ? 
_entity_src_gen.pdbx_host_org_atcc                 ? 
_entity_src_gen.pdbx_host_org_culture_collection   ? 
_entity_src_gen.pdbx_host_org_cell                 ? 
_entity_src_gen.pdbx_host_org_organelle            ? 
_entity_src_gen.pdbx_host_org_cellular_location    ? 
_entity_src_gen.pdbx_host_org_vector_type          ? 
_entity_src_gen.pdbx_host_org_vector               ? 
_entity_src_gen.host_org_details                   ? 
_entity_src_gen.expression_system_id               ? 
_entity_src_gen.plasmid_name                       ? 
_entity_src_gen.plasmid_details                    ? 
_entity_src_gen.pdbx_description                   ? 
# 
loop_
_chem_comp.id 
_chem_comp.type 
_chem_comp.mon_nstd_flag 
_chem_comp.name 
_chem_comp.pdbx_synonyms 
_chem_comp.formula 
_chem_comp.formula_weight 
35S non-polymer         . 
;{(3R,5R,6S)-5-(3-chlorophenyl)-6-(4-chlorophenyl)-1-[(1S)-1-(6-cyclopropylpyridin-2-yl)propyl]-3-methyl-2-oxopiperidin-3-yl}acetic acid
;
? 'C31 H32 Cl2 N2 O3' 551.503 
ALA 'L-peptide linking' y ALANINE ? 'C3 H7 N O2'        89.093  
ARG 'L-peptide linking' y ARGININE ? 'C6 H15 N4 O2 1'    175.209 
ASN 'L-peptide linking' y ASPARAGINE ? 'C4 H8 N2 O3'       132.118 
ASP 'L-peptide linking' y 'ASPARTIC ACID' ? 'C4 H7 N O4'        133.103 
CYS 'L-peptide linking' y CYSTEINE ? 'C3 H7 N O2 S'      121.158 
GLN 'L-peptide linking' y GLUTAMINE ? 'C5 H10 N2 O3'      146.144 
GLU 'L-peptide linking' y 'GLUTAMIC ACID' ? 'C5 H9 N O4'        147.129 
GLY 'peptide linking'   y GLYCINE ? 'C2 H5 N O2'        75.067  
HIS 'L-peptide linking' y HISTIDINE ? 'C6 H10 N3 O2 1'    156.162 
HOH non-polymer         . WATER ? 'H2 O'              18.015  
ILE 'L-peptide linking' y ISOLEUCINE ? 'C6 H13 N O2'       131.173 
LEU 'L-peptide linking' y LEUCINE ? 'C6 H13 N O2'       131.173 
LYS 'L-peptide linking' y LYSINE ? 'C6 H15 N2 O2 1'    147.195 
MET 'L-peptide linking' y METHIONINE ? 'C5 H11 N O2 S'     149.211 
PHE 'L-peptide linking' y PHENYLALANINE ? 'C9 H11 N O2'       165.189 
PRO 'L-peptide linking' y PROLINE ? 'C5 H9 N O2'        115.130 
SER 'L-peptide linking' y SERINE ? 'C3 H7 N O3'        105.093 
THR 'L-peptide linking' y THREONINE ? 'C4 H9 N O3'        119.119 
TYR 'L-peptide linking' y TYROSINE ? 'C9 H11 N O3'       181.189 
VAL 'L-peptide linking' y VALINE ? 'C5 H11 N O2'       117.146 
# 
loop_
_pdbx_poly_seq_scheme.asym_id 
_pdbx_poly_seq_scheme.entity_id 
_pdbx_poly_seq_scheme.seq_id 
_pdbx_poly_seq_scheme.mon_id 
_pdbx_poly_seq_scheme.ndb_seq_num 
_pdbx_poly_seq_scheme.pdb_seq_num 
_pdbx_poly_seq_scheme.auth_seq_num 
_pdbx_poly_seq_scheme.pdb_mon_id 
_pdbx_poly_seq_scheme.auth_mon_id 
_pdbx_poly_seq_scheme.pdb_strand_id 
_pdbx_poly_seq_scheme.pdb_ins_code 
_pdbx_poly_seq_scheme.hetero 
A 1 1  GLY 1  16  ?   ?   ?   A . n 
A 1 2  SER 2  17  ?   ?   ?   A . n 
A 1 3  GLN 3  18  18  GLN GLN A . n 
A 1 4  ILE 4  19  19  ILE ILE A . n 
A 1 5  PRO 5  20  20  PRO PRO A . n 
A 1 6  ALA 6  21  21  ALA ALA A . n 
A 1 7  SER 7  22  22  SER SER A . n 
A 1 8  GLU 8  23  23  GLU GLU A . n 
A 1 9  GLN 9  24  24  GLN GLN A . n 
A 1 10 GLU 10 25  25  GLU GLU A . n 
A 1 11 THR 11 26  26  THR THR A . n 
A 1 12 LEU 12 27  27  LEU LEU A . n 
A 1 13 VAL 13 28  28  VAL VAL A . n 
A 1 14 ARG 14 29  29  ARG ARG A . n 
A 1 15 PRO 15 30  30  PRO PRO A . n 
A 1 16 LYS 16 31  31  LYS LYS A . n 
A 1 17 PRO 17 32  32  PRO PRO A . n 
A 1 18 LEU 18 33  33  LEU LEU A . n 
A 1 19 LEU 19 34  34  LEU LEU A . n 
A 1 20 LEU 20 35  35  LEU LEU A . n 
A 1 21 LYS 21 36  36  LYS LYS A . n 
A 1 22 LEU 22 37  37  LEU LEU A . n 
A 1 23 LEU 23 38  38  LEU LEU A . n 
A 1 24 LYS 24 39  39  LYS LYS A . n 
A 1 25 SER 25 40  40  SER SER A . n 
A 1 26 VAL 26 41  41  VAL VAL A . n 
A 1 27 GLY 27 42  42  GLY GLY A . n 
A 1 28 ALA 28 43  43  ALA ALA A . n 
A 1 29 GLN 29 44  44  GLN GLN A . n 
A 1 30 LYS 30 45  45  LYS LYS A . n 
A 1 31 ASP 31 46  46  ASP ASP A . n 
A 1 32 THR 32 47  47  THR THR A . n 
A 1 33 TYR 33 48  48  TYR TYR A . n 
A 1 34 THR 34 49  49  THR THR A . n 
A 1 35 MET 35 50  50  MET MET A . n 
A 1 36 LYS 36 51  51  LYS LYS A . n 
A 1 37 GLU 37 52  52  GLU GLU A . n 
A 1 38 VAL 38 53  53  VAL VAL A . n 
A 1 39 LEU 39 54  54  LEU LEU A . n 
A 1 40 PHE 40 55  55  PHE PHE A . n 
A 1 41 TYR 41 56  56  TYR TYR A . n 
A 1 42 LEU 42 57  57  LEU LEU A . n 
A 1 43 GLY 43 58  58  GLY GLY A . n 
A 1 44 GLN 44 59  59  GLN GLN A . n 
A 1 45 TYR 45 60  60  TYR TYR A . n 
A 1 46 ILE 46 61  61  ILE ILE A . n 
A 1 47 MET 47 62  62  MET MET A . n 
A 1 48 THR 48 63  63  THR THR A . n 
A 1 49 LYS 49 64  64  LYS LYS A . n 
A 1 50 ARG 50 65  65  ARG ARG A . n 
A 1 51 LEU 51 66  66  LEU LEU A . n 
A 1 52 TYR 52 67  67  TYR TYR A . n 
A 1 53 ASP 53 68  68  ASP ASP A . n 
A 1 54 GLU 54 69  ?   ?   ?   A . n 
A 1 55 LYS 55 70  ?   ?   ?   A . n 
A 1 56 GLN 56 71  ?   ?   ?   A . n 
A 1 57 GLN 57 72  ?   ?   ?   A . n 
A 1 58 HIS 58 73  73  HIS HIS A . n 
A 1 59 ILE 59 74  74  ILE ILE A . n 
A 1 60 VAL 60 75  75  VAL VAL A . n 
A 1 61 TYR 61 76  76  TYR TYR A . n 
A 1 62 CYS 62 77  77  CYS CYS A . n 
A 1 63 SER 63 78  78  SER SER A . n 
A 1 64 ASN 64 79  79  ASN ASN A . n 
A 1 65 ASP 65 80  80  ASP ASP A . n 
A 1 66 LEU 66 81  81  LEU LEU A . n 
A 1 67 LEU 67 82  82  LEU LEU A . n 
A 1 68 GLY 68 83  83  GLY GLY A . n 
A 1 69 ASP 69 84  84  ASP ASP A . n 
A 1 70 LEU 70 85  85  LEU LEU A . n 
A 1 71 PHE 71 86  86  PHE PHE A . n 
A 1 72 GLY 72 87  87  GLY GLY A . n 
A 1 73 VAL 73 88  88  VAL VAL A . n 
A 1 74 PRO 74 89  89  PRO PRO A . n 
A 1 75 SER 75 90  90  SER SER A . n 
A 1 76 PHE 76 91  91  PHE PHE A . n 
A 1 77 SER 77 92  92  SER SER A . n 
A 1 78 VAL 78 93  93  VAL VAL A . n 
A 1 79 LYS 79 94  94  LYS LYS A . n 
A 1 80 GLU 80 95  95  GLU GLU A . n 
A 1 81 HIS 81 96  96  HIS HIS A . n 
A 1 82 ARG 82 97  97  ARG ARG A . n 
A 1 83 LYS 83 98  98  LYS LYS A . n 
A 1 84 ILE 84 99  99  ILE ILE A . n 
A 1 85 TYR 85 100 100 TYR TYR A . n 
A 1 86 THR 86 101 101 THR THR A . n 
A 1 87 MET 87 102 102 MET MET A . n 
A 1 88 ILE 88 103 103 ILE ILE A . n 
A 1 89 TYR 89 104 104 TYR TYR A . n 
A 1 90 ARG 90 105 105 ARG ARG A . n 
A 1 91 ASN 91 106 106 ASN ASN A . n 
A 1 92 LEU 92 107 107 LEU LEU A . n 
A 1 93 VAL 93 108 108 VAL VAL A . n 
A 1 94 VAL 94 109 109 VAL VAL A . n 
A 1 95 VAL 95 110 110 VAL VAL A . n 
A 1 96 ASN 96 111 ?   ?   ?   A . n 
# 
loop_
_pdbx_nonpoly_scheme.asym_id 
_pdbx_nonpoly_scheme.entity_id 
_pdbx_nonpoly_scheme.mon_id 
_pdbx_nonpoly_scheme.ndb_seq_num 
_pdbx_nonpoly_scheme.pdb_seq_num 
_pdbx_nonpoly_scheme.auth_seq_num 
_pdbx_nonpoly_scheme.pdb_mon_id 
_pdbx_nonpoly_scheme.auth_mon_id 
_pdbx_nonpoly_scheme.pdb_strand_id 
_pdbx_nonpoly_scheme.pdb_ins_code 
B 2 35S 1  201 1   35S 35S A . 
C 3 HOH 1  301 3   HOH HOH A . 
C 3 HOH 2  302 6   HOH HOH A . 
C 3 HOH 3  303 7   HOH HOH A . 
C 3 HOH 4  304 8   HOH HOH A . 
C 3 HOH 5  305 11  HOH HOH A . 
C 3 HOH 6  306 14  HOH HOH A . 
C 3 HOH 7  307 15  HOH HOH A . 
C 3 HOH 8  308 17  HOH HOH A . 
C 3 HOH 9  309 28  HOH HOH A . 
C 3 HOH 10 310 29  HOH HOH A . 
C 3 HOH 11 311 32  HOH HOH A . 
C 3 HOH 12 312 33  HOH HOH A . 
C 3 HOH 13 313 42  HOH HOH A . 
C 3 HOH 14 314 43  HOH HOH A . 
C 3 HOH 15 315 44  HOH HOH A . 
C 3 HOH 16 316 45  HOH HOH A . 
C 3 HOH 17 317 48  HOH HOH A . 
C 3 HOH 18 318 49  HOH HOH A . 
C 3 HOH 19 319 53  HOH HOH A . 
C 3 HOH 20 320 55  HOH HOH A . 
C 3 HOH 21 321 56  HOH HOH A . 
C 3 HOH 22 322 57  HOH HOH A . 
C 3 HOH 23 323 58  HOH HOH A . 
C 3 HOH 24 324 60  HOH HOH A . 
C 3 HOH 25 325 61  HOH HOH A . 
C 3 HOH 26 326 63  HOH HOH A . 
C 3 HOH 27 327 65  HOH HOH A . 
C 3 HOH 28 328 66  HOH HOH A . 
C 3 HOH 29 329 68  HOH HOH A . 
C 3 HOH 30 330 69  HOH HOH A . 
C 3 HOH 31 331 71  HOH HOH A . 
C 3 HOH 32 332 72  HOH HOH A . 
C 3 HOH 33 333 73  HOH HOH A . 
C 3 HOH 34 334 74  HOH HOH A . 
C 3 HOH 35 335 75  HOH HOH A . 
C 3 HOH 36 336 76  HOH HOH A . 
C 3 HOH 37 337 77  HOH HOH A . 
C 3 HOH 38 338 79  HOH HOH A . 
C 3 HOH 39 339 80  HOH HOH A . 
C 3 HOH 40 340 81  HOH HOH A . 
C 3 HOH 41 341 82  HOH HOH A . 
C 3 HOH 42 342 83  HOH HOH A . 
C 3 HOH 43 343 84  HOH HOH A . 
C 3 HOH 44 344 85  HOH HOH A . 
C 3 HOH 45 345 86  HOH HOH A . 
C 3 HOH 46 346 87  HOH HOH A . 
C 3 HOH 47 347 92  HOH HOH A . 
C 3 HOH 48 348 94  HOH HOH A . 
C 3 HOH 49 349 96  HOH HOH A . 
C 3 HOH 50 350 101 HOH HOH A . 
C 3 HOH 51 351 102 HOH HOH A . 
C 3 HOH 52 352 105 HOH HOH A . 
C 3 HOH 53 353 106 HOH HOH A . 
C 3 HOH 54 354 107 HOH HOH A . 
C 3 HOH 55 355 108 HOH HOH A . 
C 3 HOH 56 356 110 HOH HOH A . 
C 3 HOH 57 357 112 HOH HOH A . 
C 3 HOH 58 358 113 HOH HOH A . 
C 3 HOH 59 359 114 HOH HOH A . 
C 3 HOH 60 360 115 HOH HOH A . 
C 3 HOH 61 361 116 HOH HOH A . 
C 3 HOH 62 362 120 HOH HOH A . 
C 3 HOH 63 363 122 HOH HOH A . 
C 3 HOH 64 364 126 HOH HOH A . 
C 3 HOH 65 365 127 HOH HOH A . 
C 3 HOH 66 366 129 HOH HOH A . 
C 3 HOH 67 367 132 HOH HOH A . 
C 3 HOH 68 368 134 HOH HOH A . 
C 3 HOH 69 369 136 HOH HOH A . 
C 3 HOH 70 370 138 HOH HOH A . 
C 3 HOH 71 371 139 HOH HOH A . 
C 3 HOH 72 372 140 HOH HOH A . 
C 3 HOH 73 373 141 HOH HOH A . 
C 3 HOH 74 374 142 HOH HOH A . 
C 3 HOH 75 375 146 HOH HOH A . 
C 3 HOH 76 376 147 HOH HOH A . 
C 3 HOH 77 377 148 HOH HOH A . 
C 3 HOH 78 378 160 HOH HOH A . 
# 
loop_
_software.name 
_software.classification 
_software.version 
_software.citation_id 
_software.pdbx_ordinal 
CrystalClear 'data collection' . ? 1 
AMoRE        phasing           . ? 2 
CNS          refinement        . ? 3 
DENZO        'data reduction'  . ? 4 
SCALEPACK    'data scaling'    . ? 5 
# 
_cell.entry_id           4QO4 
_cell.length_a           56.727 
_cell.length_b           56.727 
_cell.length_c           102.382 
_cell.angle_alpha        90 
_cell.angle_beta         90 
_cell.angle_gamma        120 
_cell.Z_PDB              12 
_cell.pdbx_unique_axis   ? 
_cell.length_a_esd       ? 
_cell.length_b_esd       ? 
_cell.length_c_esd       ? 
_cell.angle_alpha_esd    ? 
_cell.angle_beta_esd     ? 
_cell.angle_gamma_esd    ? 
# 
_symmetry.entry_id                         4QO4 
_symmetry.space_group_name_H-M             'P 61 2 2' 
_symmetry.pdbx_full_space_group_name_H-M   ? 
_symmetry.cell_setting                     ? 
_symmetry.Int_Tables_number                178 
_symmetry.space_group_name_Hall            ? 
# 
_exptl.entry_id          4QO4 
_exptl.method            'X-RAY DIFFRACTION' 
_exptl.crystals_number   1 
# 
_exptl_crystal.id                    1 
_exptl_crystal.density_meas          ? 
_exptl_crystal.density_Matthews      2.13 
_exptl_crystal.density_percent_sol   42.29 
_exptl_crystal.description           ? 
_exptl_crystal.F_000                 ? 
_exptl_crystal.preparation           ? 
# 
_exptl_crystal_grow.crystal_id      1 
_exptl_crystal_grow.method          'VAPOR DIFFUSION, HANGING DROP' 
_exptl_crystal_grow.temp            277 
_exptl_crystal_grow.temp_details    ? 
_exptl_crystal_grow.pH              5.0 
_exptl_crystal_grow.pdbx_details    
;100 mM Citrate, 
1.9-2.4 M Ammonium Sulfate, pH 5.0, VAPOR DIFFUSION, HANGING DROP, temperature 277K
;
_exptl_crystal_grow.pdbx_pH_range   ? 
# 
_diffrn.id                     1 
_diffrn.ambient_temp           100 
_diffrn.ambient_temp_details   ? 
_diffrn.crystal_id             1 
# 
_diffrn_radiation.diffrn_id                        1 
_diffrn_radiation.wavelength_id                    1 
_diffrn_radiation.pdbx_monochromatic_or_laue_m_l   M 
_diffrn_radiation.monochromator                    ? 
_diffrn_radiation.pdbx_diffrn_protocol             'SINGLE WAVELENGTH' 
_diffrn_radiation.pdbx_scattering_type             x-ray 
# 
_diffrn_radiation_wavelength.id           1 
_diffrn_radiation_wavelength.wavelength   1.54 
_diffrn_radiation_wavelength.wt           1.0 
# 
_diffrn_source.diffrn_id                   1 
_diffrn_source.source                      'ROTATING ANODE' 
_diffrn_source.type                        'RIGAKU FR-E DW' 
_diffrn_source.pdbx_synchrotron_site       ? 
_diffrn_source.pdbx_synchrotron_beamline   ? 
_diffrn_source.pdbx_wavelength             ? 
_diffrn_source.pdbx_wavelength_list        1.54 
# 
_reflns.entry_id                     4QO4 
_reflns.observed_criterion_sigma_I   -3.0 
_reflns.observed_criterion_sigma_F   ? 
_reflns.d_resolution_low             50.0 
_reflns.d_resolution_high            1.70 
_reflns.number_obs                   11035 
_reflns.number_all                   ? 
_reflns.percent_possible_obs         97.1 
_reflns.pdbx_Rmerge_I_obs            0.032 
_reflns.pdbx_Rsym_value              ? 
_reflns.pdbx_netI_over_sigmaI        ? 
_reflns.B_iso_Wilson_estimate        ? 
_reflns.pdbx_redundancy              ? 
_reflns.R_free_details               ? 
_reflns.limit_h_max                  ? 
_reflns.limit_h_min                  ? 
_reflns.limit_k_max                  ? 
_reflns.limit_k_min                  ? 
_reflns.limit_l_max                  ? 
_reflns.limit_l_min                  ? 
_reflns.observed_criterion_F_max     ? 
_reflns.observed_criterion_F_min     ? 
_reflns.pdbx_chi_squared             ? 
_reflns.pdbx_scaling_rejects         ? 
_reflns.pdbx_ordinal                 1 
_reflns.pdbx_diffrn_id               1 
# 
_reflns_shell.d_res_high             1.70 
_reflns_shell.d_res_low              1.76 
_reflns_shell.percent_possible_all   89.7 
_reflns_shell.Rmerge_I_obs           0.222 
_reflns_shell.pdbx_Rsym_value        ? 
_reflns_shell.meanI_over_sigI_obs    ? 
_reflns_shell.pdbx_redundancy        ? 
_reflns_shell.percent_possible_obs   ? 
_reflns_shell.number_unique_all      ? 
_reflns_shell.number_measured_all    ? 
_reflns_shell.number_measured_obs    ? 
_reflns_shell.number_unique_obs      ? 
_reflns_shell.pdbx_chi_squared       ? 
_reflns_shell.pdbx_ordinal           1 
_reflns_shell.pdbx_diffrn_id         1 
# 
_refine.entry_id                                 4QO4 
_refine.ls_number_reflns_obs                     11011 
_refine.ls_number_reflns_all                     ? 
_refine.pdbx_ls_sigma_I                          ? 
_refine.pdbx_ls_sigma_F                          0.00 
_refine.pdbx_data_cutoff_high_absF               ? 
_refine.pdbx_data_cutoff_low_absF                ? 
_refine.pdbx_data_cutoff_high_rms_absF           ? 
_refine.ls_d_res_low                             50.0 
_refine.ls_d_res_high                            1.70 
_refine.ls_percent_reflns_obs                    ? 
_refine.ls_R_factor_obs                          ? 
_refine.ls_R_factor_all                          ? 
_refine.ls_R_factor_R_work                       0.264 
_refine.ls_R_factor_R_free                       0.302 
_refine.ls_R_factor_R_free_error                 ? 
_refine.ls_R_factor_R_free_error_details         ? 
_refine.ls_percent_reflns_R_free                 ? 
_refine.ls_number_reflns_R_free                  528 
_refine.ls_number_parameters                     ? 
_refine.ls_number_restraints                     ? 
_refine.occupancy_min                            ? 
_refine.occupancy_max                            ? 
_refine.correlation_coeff_Fo_to_Fc               ? 
_refine.correlation_coeff_Fo_to_Fc_free          ? 
_refine.B_iso_mean                               ? 
_refine.aniso_B[1][1]                            ? 
_refine.aniso_B[2][2]                            ? 
_refine.aniso_B[3][3]                            ? 
_refine.aniso_B[1][2]                            ? 
_refine.aniso_B[1][3]                            ? 
_refine.aniso_B[2][3]                            ? 
_refine.solvent_model_details                    ? 
_refine.solvent_model_param_ksol                 ? 
_refine.solvent_model_param_bsol                 ? 
_refine.pdbx_solvent_vdw_probe_radii             ? 
_refine.pdbx_solvent_ion_probe_radii             ? 
_refine.pdbx_solvent_shrinkage_radii             ? 
_refine.pdbx_ls_cross_valid_method               ? 
_refine.details                                  ? 
_refine.pdbx_starting_model                      ? 
_refine.pdbx_method_to_determine_struct          'MOLECULAR REPLACEMENT' 
_refine.pdbx_isotropic_thermal_model             ? 
_refine.pdbx_stereochemistry_target_values       'Engh & Huber' 
_refine.pdbx_stereochem_target_val_spec_case     ? 
_refine.pdbx_R_Free_selection_details            RANDOM 
_refine.pdbx_overall_ESU_R                       ? 
_refine.pdbx_overall_ESU_R_Free                  ? 
_refine.overall_SU_ML                            ? 
_refine.pdbx_overall_phase_error                 ? 
_refine.overall_SU_B                             ? 
_refine.overall_SU_R_Cruickshank_DPI             ? 
_refine.ls_redundancy_reflns_obs                 ? 
_refine.B_iso_min                                ? 
_refine.B_iso_max                                ? 
_refine.overall_SU_R_free                        ? 
_refine.ls_wR_factor_R_free                      ? 
_refine.ls_wR_factor_R_work                      ? 
_refine.overall_FOM_free_R_set                   ? 
_refine.overall_FOM_work_R_set                   ? 
_refine.pdbx_diffrn_id                           1 
_refine.pdbx_refine_id                           'X-RAY DIFFRACTION' 
_refine.pdbx_TLS_residual_ADP_flag               ? 
_refine.pdbx_overall_SU_R_free_Cruickshank_DPI   ? 
_refine.pdbx_overall_SU_R_Blow_DPI               ? 
_refine.pdbx_overall_SU_R_free_Blow_DPI          ? 
# 
_refine_hist.pdbx_refine_id                   'X-RAY DIFFRACTION' 
_refine_hist.cycle_id                         LAST 
_refine_hist.pdbx_number_atoms_protein        729 
_refine_hist.pdbx_number_atoms_nucleic_acid   0 
_refine_hist.pdbx_number_atoms_ligand         38 
_refine_hist.number_atoms_solvent             78 
_refine_hist.number_atoms_total               845 
_refine_hist.d_res_high                       1.70 
_refine_hist.d_res_low                        50.0 
# 
_struct.entry_id                  4QO4 
_struct.title                     
;co-crystal structure of MDM2 (17-111) with compound 16, {(3R,5R,6S)-5-(3-CHLOROPHENYL)-6-(4-CHLOROPHENYL)-1-[(1S)-1-(6-CYCLOPROPYLPYRIDIN-2-YL)PROPYL]-3-METHYL-2-OXOPIPERIDIN-3-YL}ACETIC ACID
;
_struct.pdbx_model_details        ? 
_struct.pdbx_CASP_flag            ? 
_struct.pdbx_model_type_details   ? 
# 
_struct_keywords.entry_id        4QO4 
_struct_keywords.pdbx_keywords   'Ligase/Ligase inhibitor' 
_struct_keywords.text            'MDM2, p53, protein-protein interaction, inhibitor, Ligase-Ligase inhibitor complex' 
# 
loop_
_struct_asym.id 
_struct_asym.pdbx_blank_PDB_chainid_flag 
_struct_asym.pdbx_modified 
_struct_asym.entity_id 
_struct_asym.details 
A N N 1 ? 
B N N 2 ? 
C N N 3 ? 
# 
_struct_ref.id                         1 
_struct_ref.db_name                    UNP 
_struct_ref.db_code                    MDM2_HUMAN 
_struct_ref.pdbx_db_accession          Q00987 
_struct_ref.entity_id                  1 
_struct_ref.pdbx_seq_one_letter_code   
;SQIPASEQETLVRPKPLLLKLLKSVGAQKDTYTMKEVLFYLGQYIMTKRLYDEKQQHIVYCSNDLLGDLFGVPSFSVKEH
RKIYTMIYRNLVVVN
;
_struct_ref.pdbx_align_begin           17 
_struct_ref.pdbx_db_isoform            ? 
# 
_struct_ref_seq.align_id                      1 
_struct_ref_seq.ref_id                        1 
_struct_ref_seq.pdbx_PDB_id_code              4QO4 
_struct_ref_seq.pdbx_strand_id                A 
_struct_ref_seq.seq_align_beg                 2 
_struct_ref_seq.pdbx_seq_align_beg_ins_code   ? 
_struct_ref_seq.seq_align_end                 96 
_struct_ref_seq.pdbx_seq_align_end_ins_code   ? 
_struct_ref_seq.pdbx_db_accession             Q00987 
_struct_ref_seq.db_align_beg                  17 
_struct_ref_seq.pdbx_db_align_beg_ins_code    ? 
_struct_ref_seq.db_align_end                  111 
_struct_ref_seq.pdbx_db_align_end_ins_code    ? 
_struct_ref_seq.pdbx_auth_seq_align_beg       17 
_struct_ref_seq.pdbx_auth_seq_align_end       111 
# 
_struct_ref_seq_dif.align_id                     1 
_struct_ref_seq_dif.pdbx_pdb_id_code             4QO4 
_struct_ref_seq_dif.mon_id                       GLY 
_struct_ref_seq_dif.pdbx_pdb_strand_id           A 
_struct_ref_seq_dif.seq_num                      1 
_struct_ref_seq_dif.pdbx_pdb_ins_code            ? 
_struct_ref_seq_dif.pdbx_seq_db_name             UNP 
_struct_ref_seq_dif.pdbx_seq_db_accession_code   Q00987 
_struct_ref_seq_dif.db_mon_id                    ? 
_struct_ref_seq_dif.pdbx_seq_db_seq_num          ? 
_struct_ref_seq_dif.details                      'expression tag' 
_struct_ref_seq_dif.pdbx_auth_seq_num            16 
_struct_ref_seq_dif.pdbx_ordinal                 1 
# 
_pdbx_struct_assembly.id                   1 
_pdbx_struct_assembly.details              author_and_software_defined_assembly 
_pdbx_struct_assembly.method_details       PISA 
_pdbx_struct_assembly.oligomeric_details   monomeric 
_pdbx_struct_assembly.oligomeric_count     1 
# 
_pdbx_struct_assembly_gen.assembly_id       1 
_pdbx_struct_assembly_gen.oper_expression   1 
_pdbx_struct_assembly_gen.asym_id_list      A,B,C 
# 
_pdbx_struct_oper_list.id                   1 
_pdbx_struct_oper_list.type                 'identity operation' 
_pdbx_struct_oper_list.name                 1_555 
_pdbx_struct_oper_list.symmetry_operation   x,y,z 
_pdbx_struct_oper_list.matrix[1][1]         1.0000000000 
_pdbx_struct_oper_list.matrix[1][2]         0.0000000000 
_pdbx_struct_oper_list.matrix[1][3]         0.0000000000 
_pdbx_struct_oper_list.vector[1]            0.0000000000 
_pdbx_struct_oper_list.matrix[2][1]         0.0000000000 
_pdbx_struct_oper_list.matrix[2][2]         1.0000000000 
_pdbx_struct_oper_list.matrix[2][3]         0.0000000000 
_pdbx_struct_oper_list.vector[2]            0.0000000000 
_pdbx_struct_oper_list.matrix[3][1]         0.0000000000 
_pdbx_struct_oper_list.matrix[3][2]         0.0000000000 
_pdbx_struct_oper_list.matrix[3][3]         1.0000000000 
_pdbx_struct_oper_list.vector[3]            0.0000000000 
# 
_struct_biol.id        1 
_struct_biol.details   ? 
# 
loop_
_struct_conf.conf_type_id 
_struct_conf.id 
_struct_conf.pdbx_PDB_helix_id 
_struct_conf.beg_label_comp_id 
_struct_conf.beg_label_asym_id 
_struct_conf.beg_label_seq_id 
_struct_conf.pdbx_beg_PDB_ins_code 
_struct_conf.end_label_comp_id 
_struct_conf.end_label_asym_id 
_struct_conf.end_label_seq_id 
_struct_conf.pdbx_end_PDB_ins_code 
_struct_conf.beg_auth_comp_id 
_struct_conf.beg_auth_asym_id 
_struct_conf.beg_auth_seq_id 
_struct_conf.end_auth_comp_id 
_struct_conf.end_auth_asym_id 
_struct_conf.end_auth_seq_id 
_struct_conf.pdbx_PDB_helix_class 
_struct_conf.details 
_struct_conf.pdbx_PDB_helix_length 
HELX_P HELX_P1 1 PRO A 5  ? GLU A 10 ? PRO A 20 GLU A 25  5 ? 6  
HELX_P HELX_P2 2 LYS A 16 ? SER A 25 ? LYS A 31 SER A 40  1 ? 10 
HELX_P HELX_P3 3 MET A 35 ? LYS A 49 ? MET A 50 LYS A 64  1 ? 15 
HELX_P HELX_P4 4 ASP A 65 ? GLY A 72 ? ASP A 80 GLY A 87  1 ? 8  
HELX_P HELX_P5 5 GLU A 80 ? ARG A 90 ? GLU A 95 ARG A 105 1 ? 11 
# 
_struct_conf_type.id          HELX_P 
_struct_conf_type.criteria    ? 
_struct_conf_type.reference   ? 
# 
loop_
_struct_sheet.id 
_struct_sheet.type 
_struct_sheet.number_strands 
_struct_sheet.details 
A ? 3 ? 
B ? 2 ? 
# 
loop_
_struct_sheet_order.sheet_id 
_struct_sheet_order.range_id_1 
_struct_sheet_order.range_id_2 
_struct_sheet_order.offset 
_struct_sheet_order.sense 
A 1 2 ? anti-parallel 
A 2 3 ? anti-parallel 
B 1 2 ? anti-parallel 
# 
loop_
_struct_sheet_range.sheet_id 
_struct_sheet_range.id 
_struct_sheet_range.beg_label_comp_id 
_struct_sheet_range.beg_label_asym_id 
_struct_sheet_range.beg_label_seq_id 
_struct_sheet_range.pdbx_beg_PDB_ins_code 
_struct_sheet_range.end_label_comp_id 
_struct_sheet_range.end_label_asym_id 
_struct_sheet_range.end_label_seq_id 
_struct_sheet_range.pdbx_end_PDB_ins_code 
_struct_sheet_range.beg_auth_comp_id 
_struct_sheet_range.beg_auth_asym_id 
_struct_sheet_range.beg_auth_seq_id 
_struct_sheet_range.end_auth_comp_id 
_struct_sheet_range.end_auth_asym_id 
_struct_sheet_range.end_auth_seq_id 
A 1 TYR A 33 ? THR A 34 ? TYR A 48  THR A 49  
A 2 LEU A 12 ? PRO A 15 ? LEU A 27  PRO A 30  
A 3 LEU A 92 ? VAL A 94 ? LEU A 107 VAL A 109 
B 1 ILE A 59 ? TYR A 61 ? ILE A 74  TYR A 76  
B 2 SER A 75 ? SER A 77 ? SER A 90  SER A 92  
# 
loop_
_pdbx_struct_sheet_hbond.sheet_id 
_pdbx_struct_sheet_hbond.range_id_1 
_pdbx_struct_sheet_hbond.range_id_2 
_pdbx_struct_sheet_hbond.range_1_label_atom_id 
_pdbx_struct_sheet_hbond.range_1_label_comp_id 
_pdbx_struct_sheet_hbond.range_1_label_asym_id 
_pdbx_struct_sheet_hbond.range_1_label_seq_id 
_pdbx_struct_sheet_hbond.range_1_PDB_ins_code 
_pdbx_struct_sheet_hbond.range_1_auth_atom_id 
_pdbx_struct_sheet_hbond.range_1_auth_comp_id 
_pdbx_struct_sheet_hbond.range_1_auth_asym_id 
_pdbx_struct_sheet_hbond.range_1_auth_seq_id 
_pdbx_struct_sheet_hbond.range_2_label_atom_id 
_pdbx_struct_sheet_hbond.range_2_label_comp_id 
_pdbx_struct_sheet_hbond.range_2_label_asym_id 
_pdbx_struct_sheet_hbond.range_2_label_seq_id 
_pdbx_struct_sheet_hbond.range_2_PDB_ins_code 
_pdbx_struct_sheet_hbond.range_2_auth_atom_id 
_pdbx_struct_sheet_hbond.range_2_auth_comp_id 
_pdbx_struct_sheet_hbond.range_2_auth_asym_id 
_pdbx_struct_sheet_hbond.range_2_auth_seq_id 
A 1 2 O TYR A 33 ? O TYR A 48 N VAL A 13 ? N VAL A 28  
A 2 3 N ARG A 14 ? N ARG A 29 O VAL A 93 ? O VAL A 108 
B 1 2 N VAL A 60 ? N VAL A 75 O PHE A 76 ? O PHE A 91  
# 
_struct_site.id                   AC1 
_struct_site.pdbx_evidence_code   Software 
_struct_site.pdbx_auth_asym_id    A 
_struct_site.pdbx_auth_comp_id    35S 
_struct_site.pdbx_auth_seq_id     201 
_struct_site.pdbx_auth_ins_code   ? 
_struct_site.pdbx_num_residues    18 
_struct_site.details              'BINDING SITE FOR RESIDUE 35S A 201' 
# 
loop_
_struct_site_gen.id 
_struct_site_gen.site_id 
_struct_site_gen.pdbx_num_res 
_struct_site_gen.label_comp_id 
_struct_site_gen.label_asym_id 
_struct_site_gen.label_seq_id 
_struct_site_gen.pdbx_auth_ins_code 
_struct_site_gen.auth_comp_id 
_struct_site_gen.auth_asym_id 
_struct_site_gen.auth_seq_id 
_struct_site_gen.label_atom_id 
_struct_site_gen.label_alt_id 
_struct_site_gen.symmetry 
_struct_site_gen.details 
1  AC1 18 LEU A 39 ? LEU A 54  . ? 1_555 ? 
2  AC1 18 PHE A 40 ? PHE A 55  . ? 1_555 ? 
3  AC1 18 GLY A 43 ? GLY A 58  . ? 1_555 ? 
4  AC1 18 ILE A 46 ? ILE A 61  . ? 1_555 ? 
5  AC1 18 MET A 47 ? MET A 62  . ? 1_555 ? 
6  AC1 18 TYR A 52 ? TYR A 67  . ? 1_555 ? 
7  AC1 18 PHE A 71 ? PHE A 86  . ? 1_555 ? 
8  AC1 18 VAL A 78 ? VAL A 93  . ? 1_555 ? 
9  AC1 18 LYS A 79 ? LYS A 94  . ? 1_555 ? 
10 AC1 18 HIS A 81 ? HIS A 96  . ? 1_555 ? 
11 AC1 18 ARG A 82 ? ARG A 97  . ? 5_554 ? 
12 AC1 18 ILE A 84 ? ILE A 99  . ? 1_555 ? 
13 AC1 18 TYR A 85 ? TYR A 100 . ? 1_555 ? 
14 AC1 18 HOH C .  ? HOH A 303 . ? 1_555 ? 
15 AC1 18 HOH C .  ? HOH A 315 . ? 1_555 ? 
16 AC1 18 HOH C .  ? HOH A 323 . ? 5_554 ? 
17 AC1 18 HOH C .  ? HOH A 327 . ? 1_555 ? 
18 AC1 18 HOH C .  ? HOH A 345 . ? 1_555 ? 
# 
loop_
_pdbx_validate_symm_contact.id 
_pdbx_validate_symm_contact.PDB_model_num 
_pdbx_validate_symm_contact.auth_atom_id_1 
_pdbx_validate_symm_contact.auth_asym_id_1 
_pdbx_validate_symm_contact.auth_comp_id_1 
_pdbx_validate_symm_contact.auth_seq_id_1 
_pdbx_validate_symm_contact.PDB_ins_code_1 
_pdbx_validate_symm_contact.label_alt_id_1 
_pdbx_validate_symm_contact.site_symmetry_1 
_pdbx_validate_symm_contact.auth_atom_id_2 
_pdbx_validate_symm_contact.auth_asym_id_2 
_pdbx_validate_symm_contact.auth_comp_id_2 
_pdbx_validate_symm_contact.auth_seq_id_2 
_pdbx_validate_symm_contact.PDB_ins_code_2 
_pdbx_validate_symm_contact.label_alt_id_2 
_pdbx_validate_symm_contact.site_symmetry_2 
_pdbx_validate_symm_contact.dist 
1 1 OE2 A GLU 25  ? ? 1_555 OE2 A GLU 25  ? ? 7_555  2.02 
2 1 O   A HOH 362 ? ? 1_555 O   A HOH 362 ? ? 12_555 2.06 
# 
_pdbx_struct_special_symmetry.id              1 
_pdbx_struct_special_symmetry.PDB_model_num   1 
_pdbx_struct_special_symmetry.auth_asym_id    A 
_pdbx_struct_special_symmetry.auth_comp_id    HOH 
_pdbx_struct_special_symmetry.auth_seq_id     342 
_pdbx_struct_special_symmetry.PDB_ins_code    ? 
_pdbx_struct_special_symmetry.label_asym_id   C 
_pdbx_struct_special_symmetry.label_comp_id   HOH 
_pdbx_struct_special_symmetry.label_seq_id    . 
# 
loop_
_pdbx_unobs_or_zero_occ_residues.id 
_pdbx_unobs_or_zero_occ_residues.PDB_model_num 
_pdbx_unobs_or_zero_occ_residues.polymer_flag 
_pdbx_unobs_or_zero_occ_residues.occupancy_flag 
_pdbx_unobs_or_zero_occ_residues.auth_asym_id 
_pdbx_unobs_or_zero_occ_residues.auth_comp_id 
_pdbx_unobs_or_zero_occ_residues.auth_seq_id 
_pdbx_unobs_or_zero_occ_residues.PDB_ins_code 
_pdbx_unobs_or_zero_occ_residues.label_asym_id 
_pdbx_unobs_or_zero_occ_residues.label_comp_id 
_pdbx_unobs_or_zero_occ_residues.label_seq_id 
1 1 Y 1 A GLY 16  ? A GLY 1  
2 1 Y 1 A SER 17  ? A SER 2  
3 1 Y 1 A GLU 69  ? A GLU 54 
4 1 Y 1 A LYS 70  ? A LYS 55 
5 1 Y 1 A GLN 71  ? A GLN 56 
6 1 Y 1 A GLN 72  ? A GLN 57 
7 1 Y 1 A ASN 111 ? A ASN 96 
# 
loop_
_chem_comp_atom.comp_id 
_chem_comp_atom.atom_id 
_chem_comp_atom.type_symbol 
_chem_comp_atom.pdbx_aromatic_flag 
_chem_comp_atom.pdbx_stereo_config 
_chem_comp_atom.pdbx_ordinal 
35S CL1  CL N N 1   
35S C9   C  Y N 2   
35S C24  C  Y N 3   
35S C25  C  Y N 4   
35S C27  C  Y N 5   
35S C28  C  Y N 6   
35S C6   C  Y N 7   
35S C7   C  N S 8   
35S N2   N  N N 9   
35S C8   C  N S 10  
35S C11  C  N N 11  
35S O1   O  N N 12  
35S C12  C  N R 13  
35S C13  C  N N 14  
35S C14  C  N N 15  
35S O2   O  N N 16  
35S O3   O  N N 17  
35S C15  C  N N 18  
35S C16  C  N R 19  
35S C17  C  Y N 20  
35S C18  C  Y N 21  
35S C19  C  Y N 22  
35S C20  C  Y N 23  
35S C21  C  Y N 24  
35S CL2  CL N N 25  
35S C22  C  Y N 26  
35S C10  C  N N 27  
35S C23  C  N N 28  
35S C26  C  N N 29  
35S C29  C  Y N 30  
35S C30  C  Y N 31  
35S C31  C  Y N 32  
35S C4   C  Y N 33  
35S C5   C  Y N 34  
35S N1   N  Y N 35  
35S C1   C  N N 36  
35S C2   C  N N 37  
35S C3   C  N N 38  
35S H1   H  N N 39  
35S H2   H  N N 40  
35S H3   H  N N 41  
35S H4   H  N N 42  
35S H5   H  N N 43  
35S H6   H  N N 44  
35S H7   H  N N 45  
35S H8   H  N N 46  
35S H9   H  N N 47  
35S H10  H  N N 48  
35S H11  H  N N 49  
35S H12  H  N N 50  
35S H13  H  N N 51  
35S H14  H  N N 52  
35S H15  H  N N 53  
35S H16  H  N N 54  
35S H17  H  N N 55  
35S H18  H  N N 56  
35S H19  H  N N 57  
35S H20  H  N N 58  
35S H21  H  N N 59  
35S H22  H  N N 60  
35S H23  H  N N 61  
35S H24  H  N N 62  
35S H25  H  N N 63  
35S H26  H  N N 64  
35S H27  H  N N 65  
35S H28  H  N N 66  
35S H29  H  N N 67  
35S H30  H  N N 68  
35S H31  H  N N 69  
35S H32  H  N N 70  
ALA N    N  N N 71  
ALA CA   C  N S 72  
ALA C    C  N N 73  
ALA O    O  N N 74  
ALA CB   C  N N 75  
ALA OXT  O  N N 76  
ALA H    H  N N 77  
ALA H2   H  N N 78  
ALA HA   H  N N 79  
ALA HB1  H  N N 80  
ALA HB2  H  N N 81  
ALA HB3  H  N N 82  
ALA HXT  H  N N 83  
ARG N    N  N N 84  
ARG CA   C  N S 85  
ARG C    C  N N 86  
ARG O    O  N N 87  
ARG CB   C  N N 88  
ARG CG   C  N N 89  
ARG CD   C  N N 90  
ARG NE   N  N N 91  
ARG CZ   C  N N 92  
ARG NH1  N  N N 93  
ARG NH2  N  N N 94  
ARG OXT  O  N N 95  
ARG H    H  N N 96  
ARG H2   H  N N 97  
ARG HA   H  N N 98  
ARG HB2  H  N N 99  
ARG HB3  H  N N 100 
ARG HG2  H  N N 101 
ARG HG3  H  N N 102 
ARG HD2  H  N N 103 
ARG HD3  H  N N 104 
ARG HE   H  N N 105 
ARG HH11 H  N N 106 
ARG HH12 H  N N 107 
ARG HH21 H  N N 108 
ARG HH22 H  N N 109 
ARG HXT  H  N N 110 
ASN N    N  N N 111 
ASN CA   C  N S 112 
ASN C    C  N N 113 
ASN O    O  N N 114 
ASN CB   C  N N 115 
ASN CG   C  N N 116 
ASN OD1  O  N N 117 
ASN ND2  N  N N 118 
ASN OXT  O  N N 119 
ASN H    H  N N 120 
ASN H2   H  N N 121 
ASN HA   H  N N 122 
ASN HB2  H  N N 123 
ASN HB3  H  N N 124 
ASN HD21 H  N N 125 
ASN HD22 H  N N 126 
ASN HXT  H  N N 127 
ASP N    N  N N 128 
ASP CA   C  N S 129 
ASP C    C  N N 130 
ASP O    O  N N 131 
ASP CB   C  N N 132 
ASP CG   C  N N 133 
ASP OD1  O  N N 134 
ASP OD2  O  N N 135 
ASP OXT  O  N N 136 
ASP H    H  N N 137 
ASP H2   H  N N 138 
ASP HA   H  N N 139 
ASP HB2  H  N N 140 
ASP HB3  H  N N 141 
ASP HD2  H  N N 142 
ASP HXT  H  N N 143 
CYS N    N  N N 144 
CYS CA   C  N R 145 
CYS C    C  N N 146 
CYS O    O  N N 147 
CYS CB   C  N N 148 
CYS SG   S  N N 149 
CYS OXT  O  N N 150 
CYS H    H  N N 151 
CYS H2   H  N N 152 
CYS HA   H  N N 153 
CYS HB2  H  N N 154 
CYS HB3  H  N N 155 
CYS HG   H  N N 156 
CYS HXT  H  N N 157 
GLN N    N  N N 158 
GLN CA   C  N S 159 
GLN C    C  N N 160 
GLN O    O  N N 161 
GLN CB   C  N N 162 
GLN CG   C  N N 163 
GLN CD   C  N N 164 
GLN OE1  O  N N 165 
GLN NE2  N  N N 166 
GLN OXT  O  N N 167 
GLN H    H  N N 168 
GLN H2   H  N N 169 
GLN HA   H  N N 170 
GLN HB2  H  N N 171 
GLN HB3  H  N N 172 
GLN HG2  H  N N 173 
GLN HG3  H  N N 174 
GLN HE21 H  N N 175 
GLN HE22 H  N N 176 
GLN HXT  H  N N 177 
GLU N    N  N N 178 
GLU CA   C  N S 179 
GLU C    C  N N 180 
GLU O    O  N N 181 
GLU CB   C  N N 182 
GLU CG   C  N N 183 
GLU CD   C  N N 184 
GLU OE1  O  N N 185 
GLU OE2  O  N N 186 
GLU OXT  O  N N 187 
GLU H    H  N N 188 
GLU H2   H  N N 189 
GLU HA   H  N N 190 
GLU HB2  H  N N 191 
GLU HB3  H  N N 192 
GLU HG2  H  N N 193 
GLU HG3  H  N N 194 
GLU HE2  H  N N 195 
GLU HXT  H  N N 196 
GLY N    N  N N 197 
GLY CA   C  N N 198 
GLY C    C  N N 199 
GLY O    O  N N 200 
GLY OXT  O  N N 201 
GLY H    H  N N 202 
GLY H2   H  N N 203 
GLY HA2  H  N N 204 
GLY HA3  H  N N 205 
GLY HXT  H  N N 206 
HIS N    N  N N 207 
HIS CA   C  N S 208 
HIS C    C  N N 209 
HIS O    O  N N 210 
HIS CB   C  N N 211 
HIS CG   C  Y N 212 
HIS ND1  N  Y N 213 
HIS CD2  C  Y N 214 
HIS CE1  C  Y N 215 
HIS NE2  N  Y N 216 
HIS OXT  O  N N 217 
HIS H    H  N N 218 
HIS H2   H  N N 219 
HIS HA   H  N N 220 
HIS HB2  H  N N 221 
HIS HB3  H  N N 222 
HIS HD1  H  N N 223 
HIS HD2  H  N N 224 
HIS HE1  H  N N 225 
HIS HE2  H  N N 226 
HIS HXT  H  N N 227 
HOH O    O  N N 228 
HOH H1   H  N N 229 
HOH H2   H  N N 230 
ILE N    N  N N 231 
ILE CA   C  N S 232 
ILE C    C  N N 233 
ILE O    O  N N 234 
ILE CB   C  N S 235 
ILE CG1  C  N N 236 
ILE CG2  C  N N 237 
ILE CD1  C  N N 238 
ILE OXT  O  N N 239 
ILE H    H  N N 240 
ILE H2   H  N N 241 
ILE HA   H  N N 242 
ILE HB   H  N N 243 
ILE HG12 H  N N 244 
ILE HG13 H  N N 245 
ILE HG21 H  N N 246 
ILE HG22 H  N N 247 
ILE HG23 H  N N 248 
ILE HD11 H  N N 249 
ILE HD12 H  N N 250 
ILE HD13 H  N N 251 
ILE HXT  H  N N 252 
LEU N    N  N N 253 
LEU CA   C  N S 254 
LEU C    C  N N 255 
LEU O    O  N N 256 
LEU CB   C  N N 257 
LEU CG   C  N N 258 
LEU CD1  C  N N 259 
LEU CD2  C  N N 260 
LEU OXT  O  N N 261 
LEU H    H  N N 262 
LEU H2   H  N N 263 
LEU HA   H  N N 264 
LEU HB2  H  N N 265 
LEU HB3  H  N N 266 
LEU HG   H  N N 267 
LEU HD11 H  N N 268 
LEU HD12 H  N N 269 
LEU HD13 H  N N 270 
LEU HD21 H  N N 271 
LEU HD22 H  N N 272 
LEU HD23 H  N N 273 
LEU HXT  H  N N 274 
LYS N    N  N N 275 
LYS CA   C  N S 276 
LYS C    C  N N 277 
LYS O    O  N N 278 
LYS CB   C  N N 279 
LYS CG   C  N N 280 
LYS CD   C  N N 281 
LYS CE   C  N N 282 
LYS NZ   N  N N 283 
LYS OXT  O  N N 284 
LYS H    H  N N 285 
LYS H2   H  N N 286 
LYS HA   H  N N 287 
LYS HB2  H  N N 288 
LYS HB3  H  N N 289 
LYS HG2  H  N N 290 
LYS HG3  H  N N 291 
LYS HD2  H  N N 292 
LYS HD3  H  N N 293 
LYS HE2  H  N N 294 
LYS HE3  H  N N 295 
LYS HZ1  H  N N 296 
LYS HZ2  H  N N 297 
LYS HZ3  H  N N 298 
LYS HXT  H  N N 299 
MET N    N  N N 300 
MET CA   C  N S 301 
MET C    C  N N 302 
MET O    O  N N 303 
MET CB   C  N N 304 
MET CG   C  N N 305 
MET SD   S  N N 306 
MET CE   C  N N 307 
MET OXT  O  N N 308 
MET H    H  N N 309 
MET H2   H  N N 310 
MET HA   H  N N 311 
MET HB2  H  N N 312 
MET HB3  H  N N 313 
MET HG2  H  N N 314 
MET HG3  H  N N 315 
MET HE1  H  N N 316 
MET HE2  H  N N 317 
MET HE3  H  N N 318 
MET HXT  H  N N 319 
PHE N    N  N N 320 
PHE CA   C  N S 321 
PHE C    C  N N 322 
PHE O    O  N N 323 
PHE CB   C  N N 324 
PHE CG   C  Y N 325 
PHE CD1  C  Y N 326 
PHE CD2  C  Y N 327 
PHE CE1  C  Y N 328 
PHE CE2  C  Y N 329 
PHE CZ   C  Y N 330 
PHE OXT  O  N N 331 
PHE H    H  N N 332 
PHE H2   H  N N 333 
PHE HA   H  N N 334 
PHE HB2  H  N N 335 
PHE HB3  H  N N 336 
PHE HD1  H  N N 337 
PHE HD2  H  N N 338 
PHE HE1  H  N N 339 
PHE HE2  H  N N 340 
PHE HZ   H  N N 341 
PHE HXT  H  N N 342 
PRO N    N  N N 343 
PRO CA   C  N S 344 
PRO C    C  N N 345 
PRO O    O  N N 346 
PRO CB   C  N N 347 
PRO CG   C  N N 348 
PRO CD   C  N N 349 
PRO OXT  O  N N 350 
PRO H    H  N N 351 
PRO HA   H  N N 352 
PRO HB2  H  N N 353 
PRO HB3  H  N N 354 
PRO HG2  H  N N 355 
PRO HG3  H  N N 356 
PRO HD2  H  N N 357 
PRO HD3  H  N N 358 
PRO HXT  H  N N 359 
SER N    N  N N 360 
SER CA   C  N S 361 
SER C    C  N N 362 
SER O    O  N N 363 
SER CB   C  N N 364 
SER OG   O  N N 365 
SER OXT  O  N N 366 
SER H    H  N N 367 
SER H2   H  N N 368 
SER HA   H  N N 369 
SER HB2  H  N N 370 
SER HB3  H  N N 371 
SER HG   H  N N 372 
SER HXT  H  N N 373 
THR N    N  N N 374 
THR CA   C  N S 375 
THR C    C  N N 376 
THR O    O  N N 377 
THR CB   C  N R 378 
THR OG1  O  N N 379 
THR CG2  C  N N 380 
THR OXT  O  N N 381 
THR H    H  N N 382 
THR H2   H  N N 383 
THR HA   H  N N 384 
THR HB   H  N N 385 
THR HG1  H  N N 386 
THR HG21 H  N N 387 
THR HG22 H  N N 388 
THR HG23 H  N N 389 
THR HXT  H  N N 390 
TYR N    N  N N 391 
TYR CA   C  N S 392 
TYR C    C  N N 393 
TYR O    O  N N 394 
TYR CB   C  N N 395 
TYR CG   C  Y N 396 
TYR CD1  C  Y N 397 
TYR CD2  C  Y N 398 
TYR CE1  C  Y N 399 
TYR CE2  C  Y N 400 
TYR CZ   C  Y N 401 
TYR OH   O  N N 402 
TYR OXT  O  N N 403 
TYR H    H  N N 404 
TYR H2   H  N N 405 
TYR HA   H  N N 406 
TYR HB2  H  N N 407 
TYR HB3  H  N N 408 
TYR HD1  H  N N 409 
TYR HD2  H  N N 410 
TYR HE1  H  N N 411 
TYR HE2  H  N N 412 
TYR HH   H  N N 413 
TYR HXT  H  N N 414 
VAL N    N  N N 415 
VAL CA   C  N S 416 
VAL C    C  N N 417 
VAL O    O  N N 418 
VAL CB   C  N N 419 
VAL CG1  C  N N 420 
VAL CG2  C  N N 421 
VAL OXT  O  N N 422 
VAL H    H  N N 423 
VAL H2   H  N N 424 
VAL HA   H  N N 425 
VAL HB   H  N N 426 
VAL HG11 H  N N 427 
VAL HG12 H  N N 428 
VAL HG13 H  N N 429 
VAL HG21 H  N N 430 
VAL HG22 H  N N 431 
VAL HG23 H  N N 432 
VAL HXT  H  N N 433 
# 
loop_
_chem_comp_bond.comp_id 
_chem_comp_bond.atom_id_1 
_chem_comp_bond.atom_id_2 
_chem_comp_bond.value_order 
_chem_comp_bond.pdbx_aromatic_flag 
_chem_comp_bond.pdbx_stereo_config 
_chem_comp_bond.pdbx_ordinal 
35S C31 C30  doub Y N 1   
35S C31 C4   sing Y N 2   
35S C30 C29  sing Y N 3   
35S C4  C5   doub Y N 4   
35S C29 C3   sing N N 5   
35S C29 N1   doub Y N 6   
35S C3  C2   sing N N 7   
35S C3  C1   sing N N 8   
35S C2  C1   sing N N 9   
35S C5  N1   sing Y N 10  
35S C5  C8   sing N N 11  
35S C8  C10  sing N N 12  
35S C8  N2   sing N N 13  
35S C10 C23  sing N N 14  
35S C27 C28  doub Y N 15  
35S C27 C9   sing Y N 16  
35S C28 C6   sing Y N 17  
35S N2  C7   sing N N 18  
35S N2  C11  sing N N 19  
35S O1  C11  doub N N 20  
35S CL1 C9   sing N N 21  
35S C9  C24  doub Y N 22  
35S C6  C7   sing N N 23  
35S C6  C25  doub Y N 24  
35S C7  C16  sing N N 25  
35S C11 C12  sing N N 26  
35S C24 C25  sing Y N 27  
35S C18 C19  doub Y N 28  
35S C18 C17  sing Y N 29  
35S C19 C20  sing Y N 30  
35S C26 C12  sing N N 31  
35S C16 C17  sing N N 32  
35S C16 C15  sing N N 33  
35S C12 C15  sing N N 34  
35S C12 C13  sing N N 35  
35S C17 C22  doub Y N 36  
35S C20 C21  doub Y N 37  
35S C22 C21  sing Y N 38  
35S C21 CL2  sing N N 39  
35S C13 C14  sing N N 40  
35S C14 O3   doub N N 41  
35S C14 O2   sing N N 42  
35S C24 H1   sing N N 43  
35S C25 H2   sing N N 44  
35S C27 H3   sing N N 45  
35S C28 H4   sing N N 46  
35S C7  H5   sing N N 47  
35S C8  H6   sing N N 48  
35S C13 H7   sing N N 49  
35S C13 H8   sing N N 50  
35S O2  H9   sing N N 51  
35S C15 H10  sing N N 52  
35S C15 H11  sing N N 53  
35S C16 H12  sing N N 54  
35S C18 H13  sing N N 55  
35S C19 H14  sing N N 56  
35S C20 H15  sing N N 57  
35S C22 H16  sing N N 58  
35S C10 H17  sing N N 59  
35S C10 H18  sing N N 60  
35S C23 H19  sing N N 61  
35S C23 H20  sing N N 62  
35S C23 H21  sing N N 63  
35S C26 H22  sing N N 64  
35S C26 H23  sing N N 65  
35S C26 H24  sing N N 66  
35S C30 H25  sing N N 67  
35S C31 H26  sing N N 68  
35S C4  H27  sing N N 69  
35S C1  H28  sing N N 70  
35S C1  H29  sing N N 71  
35S C2  H30  sing N N 72  
35S C2  H31  sing N N 73  
35S C3  H32  sing N N 74  
ALA N   CA   sing N N 75  
ALA N   H    sing N N 76  
ALA N   H2   sing N N 77  
ALA CA  C    sing N N 78  
ALA CA  CB   sing N N 79  
ALA CA  HA   sing N N 80  
ALA C   O    doub N N 81  
ALA C   OXT  sing N N 82  
ALA CB  HB1  sing N N 83  
ALA CB  HB2  sing N N 84  
ALA CB  HB3  sing N N 85  
ALA OXT HXT  sing N N 86  
ARG N   CA   sing N N 87  
ARG N   H    sing N N 88  
ARG N   H2   sing N N 89  
ARG CA  C    sing N N 90  
ARG CA  CB   sing N N 91  
ARG CA  HA   sing N N 92  
ARG C   O    doub N N 93  
ARG C   OXT  sing N N 94  
ARG CB  CG   sing N N 95  
ARG CB  HB2  sing N N 96  
ARG CB  HB3  sing N N 97  
ARG CG  CD   sing N N 98  
ARG CG  HG2  sing N N 99  
ARG CG  HG3  sing N N 100 
ARG CD  NE   sing N N 101 
ARG CD  HD2  sing N N 102 
ARG CD  HD3  sing N N 103 
ARG NE  CZ   sing N N 104 
ARG NE  HE   sing N N 105 
ARG CZ  NH1  sing N N 106 
ARG CZ  NH2  doub N N 107 
ARG NH1 HH11 sing N N 108 
ARG NH1 HH12 sing N N 109 
ARG NH2 HH21 sing N N 110 
ARG NH2 HH22 sing N N 111 
ARG OXT HXT  sing N N 112 
ASN N   CA   sing N N 113 
ASN N   H    sing N N 114 
ASN N   H2   sing N N 115 
ASN CA  C    sing N N 116 
ASN CA  CB   sing N N 117 
ASN CA  HA   sing N N 118 
ASN C   O    doub N N 119 
ASN C   OXT  sing N N 120 
ASN CB  CG   sing N N 121 
ASN CB  HB2  sing N N 122 
ASN CB  HB3  sing N N 123 
ASN CG  OD1  doub N N 124 
ASN CG  ND2  sing N N 125 
ASN ND2 HD21 sing N N 126 
ASN ND2 HD22 sing N N 127 
ASN OXT HXT  sing N N 128 
ASP N   CA   sing N N 129 
ASP N   H    sing N N 130 
ASP N   H2   sing N N 131 
ASP CA  C    sing N N 132 
ASP CA  CB   sing N N 133 
ASP CA  HA   sing N N 134 
ASP C   O    doub N N 135 
ASP C   OXT  sing N N 136 
ASP CB  CG   sing N N 137 
ASP CB  HB2  sing N N 138 
ASP CB  HB3  sing N N 139 
ASP CG  OD1  doub N N 140 
ASP CG  OD2  sing N N 141 
ASP OD2 HD2  sing N N 142 
ASP OXT HXT  sing N N 143 
CYS N   CA   sing N N 144 
CYS N   H    sing N N 145 
CYS N   H2   sing N N 146 
CYS CA  C    sing N N 147 
CYS CA  CB   sing N N 148 
CYS CA  HA   sing N N 149 
CYS C   O    doub N N 150 
CYS C   OXT  sing N N 151 
CYS CB  SG   sing N N 152 
CYS CB  HB2  sing N N 153 
CYS CB  HB3  sing N N 154 
CYS SG  HG   sing N N 155 
CYS OXT HXT  sing N N 156 
GLN N   CA   sing N N 157 
GLN N   H    sing N N 158 
GLN N   H2   sing N N 159 
GLN CA  C    sing N N 160 
GLN CA  CB   sing N N 161 
GLN CA  HA   sing N N 162 
GLN C   O    doub N N 163 
GLN C   OXT  sing N N 164 
GLN CB  CG   sing N N 165 
GLN CB  HB2  sing N N 166 
GLN CB  HB3  sing N N 167 
GLN CG  CD   sing N N 168 
GLN CG  HG2  sing N N 169 
GLN CG  HG3  sing N N 170 
GLN CD  OE1  doub N N 171 
GLN CD  NE2  sing N N 172 
GLN NE2 HE21 sing N N 173 
GLN NE2 HE22 sing N N 174 
GLN OXT HXT  sing N N 175 
GLU N   CA   sing N N 176 
GLU N   H    sing N N 177 
GLU N   H2   sing N N 178 
GLU CA  C    sing N N 179 
GLU CA  CB   sing N N 180 
GLU CA  HA   sing N N 181 
GLU C   O    doub N N 182 
GLU C   OXT  sing N N 183 
GLU CB  CG   sing N N 184 
GLU CB  HB2  sing N N 185 
GLU CB  HB3  sing N N 186 
GLU CG  CD   sing N N 187 
GLU CG  HG2  sing N N 188 
GLU CG  HG3  sing N N 189 
GLU CD  OE1  doub N N 190 
GLU CD  OE2  sing N N 191 
GLU OE2 HE2  sing N N 192 
GLU OXT HXT  sing N N 193 
GLY N   CA   sing N N 194 
GLY N   H    sing N N 195 
GLY N   H2   sing N N 196 
GLY CA  C    sing N N 197 
GLY CA  HA2  sing N N 198 
GLY CA  HA3  sing N N 199 
GLY C   O    doub N N 200 
GLY C   OXT  sing N N 201 
GLY OXT HXT  sing N N 202 
HIS N   CA   sing N N 203 
HIS N   H    sing N N 204 
HIS N   H2   sing N N 205 
HIS CA  C    sing N N 206 
HIS CA  CB   sing N N 207 
HIS CA  HA   sing N N 208 
HIS C   O    doub N N 209 
HIS C   OXT  sing N N 210 
HIS CB  CG   sing N N 211 
HIS CB  HB2  sing N N 212 
HIS CB  HB3  sing N N 213 
HIS CG  ND1  sing Y N 214 
HIS CG  CD2  doub Y N 215 
HIS ND1 CE1  doub Y N 216 
HIS ND1 HD1  sing N N 217 
HIS CD2 NE2  sing Y N 218 
HIS CD2 HD2  sing N N 219 
HIS CE1 NE2  sing Y N 220 
HIS CE1 HE1  sing N N 221 
HIS NE2 HE2  sing N N 222 
HIS OXT HXT  sing N N 223 
HOH O   H1   sing N N 224 
HOH O   H2   sing N N 225 
ILE N   CA   sing N N 226 
ILE N   H    sing N N 227 
ILE N   H2   sing N N 228 
ILE CA  C    sing N N 229 
ILE CA  CB   sing N N 230 
ILE CA  HA   sing N N 231 
ILE C   O    doub N N 232 
ILE C   OXT  sing N N 233 
ILE CB  CG1  sing N N 234 
ILE CB  CG2  sing N N 235 
ILE CB  HB   sing N N 236 
ILE CG1 CD1  sing N N 237 
ILE CG1 HG12 sing N N 238 
ILE CG1 HG13 sing N N 239 
ILE CG2 HG21 sing N N 240 
ILE CG2 HG22 sing N N 241 
ILE CG2 HG23 sing N N 242 
ILE CD1 HD11 sing N N 243 
ILE CD1 HD12 sing N N 244 
ILE CD1 HD13 sing N N 245 
ILE OXT HXT  sing N N 246 
LEU N   CA   sing N N 247 
LEU N   H    sing N N 248 
LEU N   H2   sing N N 249 
LEU CA  C    sing N N 250 
LEU CA  CB   sing N N 251 
LEU CA  HA   sing N N 252 
LEU C   O    doub N N 253 
LEU C   OXT  sing N N 254 
LEU CB  CG   sing N N 255 
LEU CB  HB2  sing N N 256 
LEU CB  HB3  sing N N 257 
LEU CG  CD1  sing N N 258 
LEU CG  CD2  sing N N 259 
LEU CG  HG   sing N N 260 
LEU CD1 HD11 sing N N 261 
LEU CD1 HD12 sing N N 262 
LEU CD1 HD13 sing N N 263 
LEU CD2 HD21 sing N N 264 
LEU CD2 HD22 sing N N 265 
LEU CD2 HD23 sing N N 266 
LEU OXT HXT  sing N N 267 
LYS N   CA   sing N N 268 
LYS N   H    sing N N 269 
LYS N   H2   sing N N 270 
LYS CA  C    sing N N 271 
LYS CA  CB   sing N N 272 
LYS CA  HA   sing N N 273 
LYS C   O    doub N N 274 
LYS C   OXT  sing N N 275 
LYS CB  CG   sing N N 276 
LYS CB  HB2  sing N N 277 
LYS CB  HB3  sing N N 278 
LYS CG  CD   sing N N 279 
LYS CG  HG2  sing N N 280 
LYS CG  HG3  sing N N 281 
LYS CD  CE   sing N N 282 
LYS CD  HD2  sing N N 283 
LYS CD  HD3  sing N N 284 
LYS CE  NZ   sing N N 285 
LYS CE  HE2  sing N N 286 
LYS CE  HE3  sing N N 287 
LYS NZ  HZ1  sing N N 288 
LYS NZ  HZ2  sing N N 289 
LYS NZ  HZ3  sing N N 290 
LYS OXT HXT  sing N N 291 
MET N   CA   sing N N 292 
MET N   H    sing N N 293 
MET N   H2   sing N N 294 
MET CA  C    sing N N 295 
MET CA  CB   sing N N 296 
MET CA  HA   sing N N 297 
MET C   O    doub N N 298 
MET C   OXT  sing N N 299 
MET CB  CG   sing N N 300 
MET CB  HB2  sing N N 301 
MET CB  HB3  sing N N 302 
MET CG  SD   sing N N 303 
MET CG  HG2  sing N N 304 
MET CG  HG3  sing N N 305 
MET SD  CE   sing N N 306 
MET CE  HE1  sing N N 307 
MET CE  HE2  sing N N 308 
MET CE  HE3  sing N N 309 
MET OXT HXT  sing N N 310 
PHE N   CA   sing N N 311 
PHE N   H    sing N N 312 
PHE N   H2   sing N N 313 
PHE CA  C    sing N N 314 
PHE CA  CB   sing N N 315 
PHE CA  HA   sing N N 316 
PHE C   O    doub N N 317 
PHE C   OXT  sing N N 318 
PHE CB  CG   sing N N 319 
PHE CB  HB2  sing N N 320 
PHE CB  HB3  sing N N 321 
PHE CG  CD1  doub Y N 322 
PHE CG  CD2  sing Y N 323 
PHE CD1 CE1  sing Y N 324 
PHE CD1 HD1  sing N N 325 
PHE CD2 CE2  doub Y N 326 
PHE CD2 HD2  sing N N 327 
PHE CE1 CZ   doub Y N 328 
PHE CE1 HE1  sing N N 329 
PHE CE2 CZ   sing Y N 330 
PHE CE2 HE2  sing N N 331 
PHE CZ  HZ   sing N N 332 
PHE OXT HXT  sing N N 333 
PRO N   CA   sing N N 334 
PRO N   CD   sing N N 335 
PRO N   H    sing N N 336 
PRO CA  C    sing N N 337 
PRO CA  CB   sing N N 338 
PRO CA  HA   sing N N 339 
PRO C   O    doub N N 340 
PRO C   OXT  sing N N 341 
PRO CB  CG   sing N N 342 
PRO CB  HB2  sing N N 343 
PRO CB  HB3  sing N N 344 
PRO CG  CD   sing N N 345 
PRO CG  HG2  sing N N 346 
PRO CG  HG3  sing N N 347 
PRO CD  HD2  sing N N 348 
PRO CD  HD3  sing N N 349 
PRO OXT HXT  sing N N 350 
SER N   CA   sing N N 351 
SER N   H    sing N N 352 
SER N   H2   sing N N 353 
SER CA  C    sing N N 354 
SER CA  CB   sing N N 355 
SER CA  HA   sing N N 356 
SER C   O    doub N N 357 
SER C   OXT  sing N N 358 
SER CB  OG   sing N N 359 
SER CB  HB2  sing N N 360 
SER CB  HB3  sing N N 361 
SER OG  HG   sing N N 362 
SER OXT HXT  sing N N 363 
THR N   CA   sing N N 364 
THR N   H    sing N N 365 
THR N   H2   sing N N 366 
THR CA  C    sing N N 367 
THR CA  CB   sing N N 368 
THR CA  HA   sing N N 369 
THR C   O    doub N N 370 
THR C   OXT  sing N N 371 
THR CB  OG1  sing N N 372 
THR CB  CG2  sing N N 373 
THR CB  HB   sing N N 374 
THR OG1 HG1  sing N N 375 
THR CG2 HG21 sing N N 376 
THR CG2 HG22 sing N N 377 
THR CG2 HG23 sing N N 378 
THR OXT HXT  sing N N 379 
TYR N   CA   sing N N 380 
TYR N   H    sing N N 381 
TYR N   H2   sing N N 382 
TYR CA  C    sing N N 383 
TYR CA  CB   sing N N 384 
TYR CA  HA   sing N N 385 
TYR C   O    doub N N 386 
TYR C   OXT  sing N N 387 
TYR CB  CG   sing N N 388 
TYR CB  HB2  sing N N 389 
TYR CB  HB3  sing N N 390 
TYR CG  CD1  doub Y N 391 
TYR CG  CD2  sing Y N 392 
TYR CD1 CE1  sing Y N 393 
TYR CD1 HD1  sing N N 394 
TYR CD2 CE2  doub Y N 395 
TYR CD2 HD2  sing N N 396 
TYR CE1 CZ   doub Y N 397 
TYR CE1 HE1  sing N N 398 
TYR CE2 CZ   sing Y N 399 
TYR CE2 HE2  sing N N 400 
TYR CZ  OH   sing N N 401 
TYR OH  HH   sing N N 402 
TYR OXT HXT  sing N N 403 
VAL N   CA   sing N N 404 
VAL N   H    sing N N 405 
VAL N   H2   sing N N 406 
VAL CA  C    sing N N 407 
VAL CA  CB   sing N N 408 
VAL CA  HA   sing N N 409 
VAL C   O    doub N N 410 
VAL C   OXT  sing N N 411 
VAL CB  CG1  sing N N 412 
VAL CB  CG2  sing N N 413 
VAL CB  HB   sing N N 414 
VAL CG1 HG11 sing N N 415 
VAL CG1 HG12 sing N N 416 
VAL CG1 HG13 sing N N 417 
VAL CG2 HG21 sing N N 418 
VAL CG2 HG22 sing N N 419 
VAL CG2 HG23 sing N N 420 
VAL OXT HXT  sing N N 421 
# 
_atom_sites.entry_id                    4QO4 
_atom_sites.fract_transf_matrix[1][1]   0.00458268 
_atom_sites.fract_transf_matrix[1][2]   0.01238789 
_atom_sites.fract_transf_matrix[1][3]   0.01548797 
_atom_sites.fract_transf_matrix[2][1]   -0.00725345 
_atom_sites.fract_transf_matrix[2][2]   -0.00387288 
_atom_sites.fract_transf_matrix[2][3]   0.01862027 
_atom_sites.fract_transf_matrix[3][1]   0.00791144 
_atom_sites.fract_transf_matrix[3][2]   -0.00538061 
_atom_sites.fract_transf_matrix[3][3]   0.00196274 
_atom_sites.fract_transf_vector[1]      0.188788 
_atom_sites.fract_transf_vector[2]      -0.171103 
_atom_sites.fract_transf_vector[3]      0.145993 
# 
loop_
_atom_type.symbol 
C  
CL 
N  
O  
S  
# 
loop_
_atom_site.group_PDB 
_atom_site.id 
_atom_site.type_symbol 
_atom_site.label_atom_id 
_atom_site.label_alt_id 
_atom_site.label_comp_id 
_atom_site.label_asym_id 
_atom_site.label_entity_id 
_atom_site.label_seq_id 
_atom_site.pdbx_PDB_ins_code 
_atom_site.Cartn_x 
_atom_site.Cartn_y 
_atom_site.Cartn_z 
_atom_site.occupancy 
_atom_site.B_iso_or_equiv 
_atom_site.pdbx_formal_charge 
_atom_site.auth_seq_id 
_atom_site.auth_comp_id 
_atom_site.auth_asym_id 
_atom_site.auth_atom_id 
_atom_site.pdbx_PDB_model_num 
ATOM   1   N  N   . GLN A 1 3  ? 3.966   -18.769 7.039   1.00 31.26 ? 18  GLN A N   1 
ATOM   2   C  CA  . GLN A 1 3  ? 4.350   -17.596 6.225   1.00 30.41 ? 18  GLN A CA  1 
ATOM   3   C  C   . GLN A 1 3  ? 3.484   -16.429 6.679   1.00 28.60 ? 18  GLN A C   1 
ATOM   4   O  O   . GLN A 1 3  ? 3.472   -16.109 7.868   1.00 27.41 ? 18  GLN A O   1 
ATOM   5   C  CB  . GLN A 1 3  ? 4.184   -17.904 4.721   1.00 31.11 ? 18  GLN A CB  1 
ATOM   6   C  CG  . GLN A 1 3  ? 3.394   -19.186 4.405   1.00 34.85 ? 18  GLN A CG  1 
ATOM   7   C  CD  . GLN A 1 3  ? 3.330   -19.498 2.911   1.00 36.02 ? 18  GLN A CD  1 
ATOM   8   O  OE1 . GLN A 1 3  ? 3.243   -20.670 2.497   1.00 38.14 ? 18  GLN A OE1 1 
ATOM   9   N  NE2 . GLN A 1 3  ? 3.372   -18.452 2.091   1.00 38.22 ? 18  GLN A NE2 1 
ATOM   10  N  N   . ILE A 1 4  ? 2.757   -15.800 5.764   1.00 27.10 ? 19  ILE A N   1 
ATOM   11  C  CA  . ILE A 1 4  ? 1.914   -14.677 6.156   1.00 25.00 ? 19  ILE A CA  1 
ATOM   12  C  C   . ILE A 1 4  ? 0.520   -15.211 6.445   1.00 23.70 ? 19  ILE A C   1 
ATOM   13  O  O   . ILE A 1 4  ? -0.100  -15.853 5.589   1.00 23.50 ? 19  ILE A O   1 
ATOM   14  C  CB  . ILE A 1 4  ? 1.869   -13.601 5.058   1.00 26.72 ? 19  ILE A CB  1 
ATOM   15  C  CG1 . ILE A 1 4  ? 3.292   -13.130 4.744   1.00 27.36 ? 19  ILE A CG1 1 
ATOM   16  C  CG2 . ILE A 1 4  ? 0.994   -12.431 5.519   1.00 25.57 ? 19  ILE A CG2 1 
ATOM   17  C  CD1 . ILE A 1 4  ? 3.336   -12.002 3.683   1.00 28.29 ? 19  ILE A CD1 1 
ATOM   18  N  N   . PRO A 1 5  ? 0.015   -14.969 7.664   1.00 20.07 ? 20  PRO A N   1 
ATOM   19  C  CA  . PRO A 1 5  ? -1.316  -15.460 8.021   1.00 20.25 ? 20  PRO A CA  1 
ATOM   20  C  C   . PRO A 1 5  ? -2.465  -14.705 7.363   1.00 19.76 ? 20  PRO A C   1 
ATOM   21  O  O   . PRO A 1 5  ? -2.388  -13.514 7.127   1.00 19.46 ? 20  PRO A O   1 
ATOM   22  C  CB  . PRO A 1 5  ? -1.332  -15.334 9.541   1.00 19.37 ? 20  PRO A CB  1 
ATOM   23  C  CG  . PRO A 1 5  ? -0.471  -14.146 9.801   1.00 20.25 ? 20  PRO A CG  1 
ATOM   24  C  CD  . PRO A 1 5  ? 0.668   -14.296 8.803   1.00 20.77 ? 20  PRO A CD  1 
ATOM   25  N  N   . ALA A 1 6  ? -3.538  -15.432 7.079   1.00 20.35 ? 21  ALA A N   1 
ATOM   26  C  CA  . ALA A 1 6  ? -4.715  -14.836 6.468   1.00 20.58 ? 21  ALA A CA  1 
ATOM   27  C  C   . ALA A 1 6  ? -5.275  -13.784 7.419   1.00 20.15 ? 21  ALA A C   1 
ATOM   28  O  O   . ALA A 1 6  ? -5.896  -12.825 6.995   1.00 21.01 ? 21  ALA A O   1 
ATOM   29  C  CB  . ALA A 1 6  ? -5.764  -15.898 6.204   1.00 22.65 ? 21  ALA A CB  1 
ATOM   30  N  N   . SER A 1 7  ? -5.036  -13.973 8.711   1.00 20.28 ? 22  SER A N   1 
ATOM   31  C  CA  . SER A 1 7  ? -5.536  -13.044 9.713   1.00 18.52 ? 22  SER A CA  1 
ATOM   32  C  C   . SER A 1 7  ? -5.055  -11.615 9.515   1.00 18.20 ? 22  SER A C   1 
ATOM   33  O  O   . SER A 1 7  ? -5.746  -10.683 9.888   1.00 18.22 ? 22  SER A O   1 
ATOM   34  C  CB  . SER A 1 7  ? -5.152  -13.522 11.118  1.00 21.39 ? 22  SER A CB  1 
ATOM   35  O  OG  . SER A 1 7  ? -3.748  -13.494 11.308  1.00 19.16 ? 22  SER A OG  1 
ATOM   36  N  N   . GLU A 1 8  ? -3.876  -11.443 8.927   1.00 17.66 ? 23  GLU A N   1 
ATOM   37  C  CA  . GLU A 1 8  ? -3.346  -10.097 8.714   1.00 19.93 ? 23  GLU A CA  1 
ATOM   38  C  C   . GLU A 1 8  ? -4.284  -9.228  7.872   1.00 20.00 ? 23  GLU A C   1 
ATOM   39  O  O   . GLU A 1 8  ? -4.354  -8.019  8.074   1.00 20.78 ? 23  GLU A O   1 
ATOM   40  C  CB  . GLU A 1 8  ? -1.949  -10.171 8.069   1.00 21.85 ? 23  GLU A CB  1 
ATOM   41  C  CG  . GLU A 1 8  ? -1.403  -8.835  7.543   1.00 24.24 ? 23  GLU A CG  1 
ATOM   42  C  CD  . GLU A 1 8  ? -1.109  -7.805  8.627   1.00 26.34 ? 23  GLU A CD  1 
ATOM   43  O  OE1 . GLU A 1 8  ? -1.401  -8.053  9.820   1.00 26.27 ? 23  GLU A OE1 1 
ATOM   44  O  OE2 . GLU A 1 8  ? -0.583  -6.724  8.272   1.00 29.34 ? 23  GLU A OE2 1 
ATOM   45  N  N   . GLN A 1 9  ? -5.008  -9.840  6.936   1.00 21.64 ? 24  GLN A N   1 
ATOM   46  C  CA  . GLN A 1 9  ? -5.928  -9.091  6.080   1.00 22.04 ? 24  GLN A CA  1 
ATOM   47  C  C   . GLN A 1 9  ? -7.096  -8.476  6.858   1.00 21.77 ? 24  GLN A C   1 
ATOM   48  O  O   . GLN A 1 9  ? -7.774  -7.600  6.366   1.00 20.01 ? 24  GLN A O   1 
ATOM   49  C  CB  . GLN A 1 9  ? -6.482  -9.995  4.952   1.00 26.08 ? 24  GLN A CB  1 
ATOM   50  C  CG  . GLN A 1 9  ? -5.998  -9.640  3.518   1.00 32.02 ? 24  GLN A CG  1 
ATOM   51  C  CD  . GLN A 1 9  ? -4.596  -10.121 3.241   1.00 34.18 ? 24  GLN A CD  1 
ATOM   52  O  OE1 . GLN A 1 9  ? -3.765  -10.117 4.105   1.00 36.47 ? 24  GLN A OE1 1 
ATOM   53  N  NE2 . GLN A 1 9  ? -4.338  -10.528 1.997   1.00 36.10 ? 24  GLN A NE2 1 
ATOM   54  N  N   . GLU A 1 10 ? -7.322  -8.936  8.086   1.00 19.73 ? 25  GLU A N   1 
ATOM   55  C  CA  . GLU A 1 10 ? -8.426  -8.414  8.881   1.00 21.19 ? 25  GLU A CA  1 
ATOM   56  C  C   . GLU A 1 10 ? -7.992  -7.269  9.787   1.00 20.80 ? 25  GLU A C   1 
ATOM   57  O  O   . GLU A 1 10 ? -8.809  -6.648  10.448  1.00 22.32 ? 25  GLU A O   1 
ATOM   58  C  CB  . GLU A 1 10 ? -9.041  -9.556  9.701   1.00 21.90 ? 25  GLU A CB  1 
ATOM   59  C  CG  . GLU A 1 10 ? -9.681  -10.621 8.810   1.00 25.01 ? 25  GLU A CG  1 
ATOM   60  C  CD  . GLU A 1 10 ? -9.492  -12.031 9.331   1.00 23.50 ? 25  GLU A CD  1 
ATOM   61  O  OE1 . GLU A 1 10 ? -9.700  -12.260 10.537  1.00 30.42 ? 25  GLU A OE1 1 
ATOM   62  O  OE2 . GLU A 1 10 ? -9.152  -12.917 8.532   1.00 28.32 ? 25  GLU A OE2 1 
ATOM   63  N  N   . THR A 1 11 ? -6.692  -7.006  9.801   1.00 19.85 ? 26  THR A N   1 
ATOM   64  C  CA  . THR A 1 11 ? -6.124  -5.943  10.620  1.00 19.66 ? 26  THR A CA  1 
ATOM   65  C  C   . THR A 1 11 ? -6.774  -4.592  10.313  1.00 19.00 ? 26  THR A C   1 
ATOM   66  O  O   . THR A 1 11 ? -6.914  -4.222  9.165   1.00 19.26 ? 26  THR A O   1 
ATOM   67  C  CB  . THR A 1 11 ? -4.615  -5.840  10.377  1.00 20.43 ? 26  THR A CB  1 
ATOM   68  O  OG1 . THR A 1 11 ? -4.011  -7.112  10.626  1.00 24.45 ? 26  THR A OG1 1 
ATOM   69  C  CG2 . THR A 1 11 ? -3.991  -4.807  11.292  1.00 21.71 ? 26  THR A CG2 1 
ATOM   70  N  N   . LEU A 1 12 ? -7.164  -3.866  11.359  1.00 18.90 ? 27  LEU A N   1 
ATOM   71  C  CA  . LEU A 1 12 ? -7.784  -2.552  11.194  1.00 19.72 ? 27  LEU A CA  1 
ATOM   72  C  C   . LEU A 1 12 ? -6.691  -1.496  11.295  1.00 20.17 ? 27  LEU A C   1 
ATOM   73  O  O   . LEU A 1 12 ? -5.836  -1.557  12.179  1.00 21.52 ? 27  LEU A O   1 
ATOM   74  C  CB  . LEU A 1 12 ? -8.859  -2.339  12.258  1.00 20.04 ? 27  LEU A CB  1 
ATOM   75  C  CG  . LEU A 1 12 ? -9.979  -3.380  12.207  1.00 20.98 ? 27  LEU A CG  1 
ATOM   76  C  CD1 . LEU A 1 12 ? -10.976 -3.105  13.312  1.00 20.36 ? 27  LEU A CD1 1 
ATOM   77  C  CD2 . LEU A 1 12 ? -10.671 -3.349  10.843  1.00 22.47 ? 27  LEU A CD2 1 
ATOM   78  N  N   . VAL A 1 13 ? -6.715  -0.531  10.383  1.00 20.14 ? 28  VAL A N   1 
ATOM   79  C  CA  . VAL A 1 13 ? -5.676  0.483   10.342  1.00 20.35 ? 28  VAL A CA  1 
ATOM   80  C  C   . VAL A 1 13 ? -6.173  1.882   10.004  1.00 21.83 ? 28  VAL A C   1 
ATOM   81  O  O   . VAL A 1 13 ? -7.218  2.048   9.397   1.00 21.63 ? 28  VAL A O   1 
ATOM   82  C  CB  . VAL A 1 13 ? -4.624  0.102   9.291   1.00 19.83 ? 28  VAL A CB  1 
ATOM   83  C  CG1 . VAL A 1 13 ? -3.994  -1.242  9.641   1.00 20.59 ? 28  VAL A CG1 1 
ATOM   84  C  CG2 . VAL A 1 13 ? -5.288  0.018   7.924   1.00 19.63 ? 28  VAL A CG2 1 
ATOM   85  N  N   . ARG A 1 14 ? -5.384  2.875   10.401  1.00 23.15 ? 29  ARG A N   1 
ATOM   86  C  CA  . ARG A 1 14 ? -5.686  4.275   10.154  1.00 24.43 ? 29  ARG A CA  1 
ATOM   87  C  C   . ARG A 1 14 ? -4.484  4.861   9.426   1.00 23.60 ? 29  ARG A C   1 
ATOM   88  O  O   . ARG A 1 14 ? -3.459  5.148   10.030  1.00 24.21 ? 29  ARG A O   1 
ATOM   89  C  CB  . ARG A 1 14 ? -5.915  4.993   11.491  1.00 26.27 ? 29  ARG A CB  1 
ATOM   90  C  CG  . ARG A 1 14 ? -6.445  6.403   11.387  1.00 30.55 ? 29  ARG A CG  1 
ATOM   91  C  CD  . ARG A 1 14 ? -6.777  6.927   12.782  1.00 33.17 ? 29  ARG A CD  1 
ATOM   92  N  NE  . ARG A 1 14 ? -7.838  6.130   13.406  1.00 36.17 ? 29  ARG A NE  1 
ATOM   93  C  CZ  . ARG A 1 14 ? -7.920  5.864   14.701  1.00 37.86 ? 29  ARG A CZ  1 
ATOM   94  N  NH1 . ARG A 1 14 ? -6.995  6.336   15.515  1.00 39.57 ? 29  ARG A NH1 1 
ATOM   95  N  NH2 . ARG A 1 14 ? -8.907  5.106   15.176  1.00 37.79 ? 29  ARG A NH2 1 
ATOM   96  N  N   . PRO A 1 15 ? -4.592  5.025   8.103   1.00 23.85 ? 30  PRO A N   1 
ATOM   97  C  CA  . PRO A 1 15 ? -3.513  5.573   7.278   1.00 22.84 ? 30  PRO A CA  1 
ATOM   98  C  C   . PRO A 1 15 ? -3.078  6.986   7.661   1.00 24.47 ? 30  PRO A C   1 
ATOM   99  O  O   . PRO A 1 15 ? -3.890  7.816   8.054   1.00 23.88 ? 30  PRO A O   1 
ATOM   100 C  CB  . PRO A 1 15 ? -4.100  5.527   5.869   1.00 24.15 ? 30  PRO A CB  1 
ATOM   101 C  CG  . PRO A 1 15 ? -5.008  4.317   5.938   1.00 23.00 ? 30  PRO A CG  1 
ATOM   102 C  CD  . PRO A 1 15 ? -5.688  4.505   7.265   1.00 23.37 ? 30  PRO A CD  1 
ATOM   103 N  N   . LYS A 1 16 ? -1.781  7.243   7.538   1.00 24.79 ? 31  LYS A N   1 
ATOM   104 C  CA  . LYS A 1 16 ? -1.239  8.563   7.815   1.00 26.25 ? 31  LYS A CA  1 
ATOM   105 C  C   . LYS A 1 16 ? -1.593  9.363   6.568   1.00 27.33 ? 31  LYS A C   1 
ATOM   106 O  O   . LYS A 1 16 ? -1.789  8.794   5.505   1.00 26.97 ? 31  LYS A O   1 
ATOM   107 C  CB  . LYS A 1 16 ? 0.273   8.484   8.042   1.00 26.22 ? 31  LYS A CB  1 
ATOM   108 C  CG  . LYS A 1 16 ? 0.599   7.765   9.343   1.00 26.72 ? 31  LYS A CG  1 
ATOM   109 C  CD  . LYS A 1 16 ? 2.084   7.558   9.578   1.00 28.70 ? 31  LYS A CD  1 
ATOM   110 C  CE  . LYS A 1 16 ? 2.284   6.579   10.730  1.00 30.01 ? 31  LYS A CE  1 
ATOM   111 N  NZ  . LYS A 1 16 ? 3.730   6.385   11.049  1.00 32.73 ? 31  LYS A NZ  1 
ATOM   112 N  N   . PRO A 1 17 ? -1.660  10.698  6.678   1.00 28.79 ? 32  PRO A N   1 
ATOM   113 C  CA  . PRO A 1 17 ? -2.003  11.636  5.601   1.00 29.45 ? 32  PRO A CA  1 
ATOM   114 C  C   . PRO A 1 17 ? -1.580  11.340  4.160   1.00 29.72 ? 32  PRO A C   1 
ATOM   115 O  O   . PRO A 1 17 ? -2.387  11.433  3.234   1.00 30.53 ? 32  PRO A O   1 
ATOM   116 C  CB  . PRO A 1 17 ? -1.411  12.947  6.102   1.00 30.59 ? 32  PRO A CB  1 
ATOM   117 C  CG  . PRO A 1 17 ? -1.609  12.851  7.547   1.00 29.40 ? 32  PRO A CG  1 
ATOM   118 C  CD  . PRO A 1 17 ? -1.139  11.446  7.839   1.00 29.70 ? 32  PRO A CD  1 
ATOM   119 N  N   . LEU A 1 18 ? -0.312  10.995  3.983   1.00 29.66 ? 33  LEU A N   1 
ATOM   120 C  CA  . LEU A 1 18 ? 0.250   10.713  2.672   1.00 29.75 ? 33  LEU A CA  1 
ATOM   121 C  C   . LEU A 1 18 ? -0.320  9.453   2.045   1.00 28.42 ? 33  LEU A C   1 
ATOM   122 O  O   . LEU A 1 18 ? -0.576  9.424   0.870   1.00 30.02 ? 33  LEU A O   1 
ATOM   123 C  CB  . LEU A 1 18 ? 1.759   10.563  2.790   1.00 31.89 ? 33  LEU A CB  1 
ATOM   124 C  CG  . LEU A 1 18 ? 2.582   10.574  1.515   1.00 33.61 ? 33  LEU A CG  1 
ATOM   125 C  CD1 . LEU A 1 18 ? 2.987   12.010  1.137   1.00 35.41 ? 33  LEU A CD1 1 
ATOM   126 C  CD2 . LEU A 1 18 ? 3.818   9.747   1.785   1.00 34.33 ? 33  LEU A CD2 1 
ATOM   127 N  N   . LEU A 1 19 ? -0.487  8.407   2.845   1.00 25.69 ? 34  LEU A N   1 
ATOM   128 C  CA  . LEU A 1 19 ? -1.035  7.150   2.345   1.00 24.62 ? 34  LEU A CA  1 
ATOM   129 C  C   . LEU A 1 19 ? -2.514  7.342   2.082   1.00 23.71 ? 34  LEU A C   1 
ATOM   130 O  O   . LEU A 1 19 ? -3.062  6.844   1.089   1.00 22.93 ? 34  LEU A O   1 
ATOM   131 C  CB  . LEU A 1 19 ? -0.862  6.018   3.362   1.00 24.54 ? 34  LEU A CB  1 
ATOM   132 C  CG  . LEU A 1 19 ? -1.655  4.741   3.028   1.00 24.44 ? 34  LEU A CG  1 
ATOM   133 C  CD1 . LEU A 1 19 ? -1.293  4.286   1.622   1.00 23.40 ? 34  LEU A CD1 1 
ATOM   134 C  CD2 . LEU A 1 19 ? -1.361  3.637   4.043   1.00 23.87 ? 34  LEU A CD2 1 
ATOM   135 N  N   . LEU A 1 20 ? -3.157  8.077   2.982   1.00 24.08 ? 35  LEU A N   1 
ATOM   136 C  CA  . LEU A 1 20 ? -4.580  8.348   2.861   1.00 25.90 ? 35  LEU A CA  1 
ATOM   137 C  C   . LEU A 1 20 ? -4.819  9.091   1.549   1.00 27.28 ? 35  LEU A C   1 
ATOM   138 O  O   . LEU A 1 20 ? -5.808  8.859   0.866   1.00 26.79 ? 35  LEU A O   1 
ATOM   139 C  CB  . LEU A 1 20 ? -5.055  9.186   4.059   1.00 27.06 ? 35  LEU A CB  1 
ATOM   140 C  CG  . LEU A 1 20 ? -6.554  9.323   4.360   1.00 27.45 ? 35  LEU A CG  1 
ATOM   141 C  CD1 . LEU A 1 20 ? -7.212  7.955   4.475   1.00 28.34 ? 35  LEU A CD1 1 
ATOM   142 C  CD2 . LEU A 1 20 ? -6.724  10.100  5.665   1.00 29.42 ? 35  LEU A CD2 1 
ATOM   143 N  N   . LYS A 1 21 ? -3.897  9.979   1.185   1.00 28.42 ? 36  LYS A N   1 
ATOM   144 C  CA  . LYS A 1 21 ? -4.053  10.736  -0.052  1.00 29.21 ? 36  LYS A CA  1 
ATOM   145 C  C   . LYS A 1 21 ? -3.979  9.803   -1.274  1.00 28.21 ? 36  LYS A C   1 
ATOM   146 O  O   . LYS A 1 21 ? -4.725  9.929   -2.240  1.00 27.89 ? 36  LYS A O   1 
ATOM   147 C  CB  . LYS A 1 21 ? -2.967  11.804  -0.114  1.00 31.30 ? 36  LYS A CB  1 
ATOM   148 C  CG  . LYS A 1 21 ? -2.254  11.947  -1.429  1.00 34.49 ? 36  LYS A CG  1 
ATOM   149 C  CD  . LYS A 1 21 ? -0.963  12.706  -1.216  1.00 36.74 ? 36  LYS A CD  1 
ATOM   150 C  CE  . LYS A 1 21 ? -0.968  14.021  -1.973  1.00 38.24 ? 36  LYS A CE  1 
ATOM   151 N  NZ  . LYS A 1 21 ? -1.417  13.810  -3.383  1.00 39.66 ? 36  LYS A NZ  1 
ATOM   152 N  N   . LEU A 1 22 ? -3.079  8.837   -1.208  1.00 26.11 ? 37  LEU A N   1 
ATOM   153 C  CA  . LEU A 1 22 ? -2.940  7.901   -2.298  1.00 25.57 ? 37  LEU A CA  1 
ATOM   154 C  C   . LEU A 1 22 ? -4.192  7.036   -2.408  1.00 23.87 ? 37  LEU A C   1 
ATOM   155 O  O   . LEU A 1 22 ? -4.679  6.780   -3.500  1.00 23.51 ? 37  LEU A O   1 
ATOM   156 C  CB  . LEU A 1 22 ? -1.716  7.033   -2.066  1.00 26.47 ? 37  LEU A CB  1 
ATOM   157 C  CG  . LEU A 1 22 ? -1.472  6.008   -3.172  1.00 27.23 ? 37  LEU A CG  1 
ATOM   158 C  CD1 . LEU A 1 22 ? -0.032  5.545   -3.110  1.00 28.80 ? 37  LEU A CD1 1 
ATOM   159 C  CD2 . LEU A 1 22 ? -2.410  4.809   -3.041  1.00 29.40 ? 37  LEU A CD2 1 
ATOM   160 N  N   . LEU A 1 23 ? -4.693  6.565   -1.268  1.00 22.78 ? 38  LEU A N   1 
ATOM   161 C  CA  . LEU A 1 23 ? -5.883  5.722   -1.253  1.00 21.83 ? 38  LEU A CA  1 
ATOM   162 C  C   . LEU A 1 23 ? -7.087  6.454   -1.828  1.00 23.07 ? 38  LEU A C   1 
ATOM   163 O  O   . LEU A 1 23 ? -7.871  5.885   -2.572  1.00 22.21 ? 38  LEU A O   1 
ATOM   164 C  CB  . LEU A 1 23 ? -6.197  5.273   0.179   1.00 21.29 ? 38  LEU A CB  1 
ATOM   165 C  CG  . LEU A 1 23 ? -5.179  4.330   0.817   1.00 21.15 ? 38  LEU A CG  1 
ATOM   166 C  CD1 . LEU A 1 23 ? -5.527  4.140   2.272   1.00 22.03 ? 38  LEU A CD1 1 
ATOM   167 C  CD2 . LEU A 1 23 ? -5.152  2.994   0.079   1.00 22.84 ? 38  LEU A CD2 1 
ATOM   168 N  N   . LYS A 1 24 ? -7.212  7.736   -1.499  1.00 24.83 ? 39  LYS A N   1 
ATOM   169 C  CA  . LYS A 1 24 ? -8.359  8.492   -1.982  1.00 26.56 ? 39  LYS A CA  1 
ATOM   170 C  C   . LYS A 1 24 ? -8.345  8.759   -3.485  1.00 27.23 ? 39  LYS A C   1 
ATOM   171 O  O   . LYS A 1 24 ? -9.374  9.048   -4.080  1.00 25.07 ? 39  LYS A O   1 
ATOM   172 C  CB  . LYS A 1 24 ? -8.516  9.774   -1.171  1.00 28.88 ? 39  LYS A CB  1 
ATOM   173 C  CG  . LYS A 1 24 ? -9.069  9.465   0.211   1.00 32.36 ? 39  LYS A CG  1 
ATOM   174 C  CD  . LYS A 1 24 ? -9.638  10.695  0.873   1.00 33.79 ? 39  LYS A CD  1 
ATOM   175 C  CE  . LYS A 1 24 ? -10.059 10.356  2.285   1.00 36.41 ? 39  LYS A CE  1 
ATOM   176 N  NZ  . LYS A 1 24 ? -11.267 9.467   2.230   1.00 37.61 ? 39  LYS A NZ  1 
ATOM   177 N  N   . SER A 1 25 ? -7.182  8.586   -4.109  1.00 28.88 ? 40  SER A N   1 
ATOM   178 C  CA  . SER A 1 25 ? -7.054  8.787   -5.548  1.00 29.85 ? 40  SER A CA  1 
ATOM   179 C  C   . SER A 1 25 ? -7.661  7.608   -6.318  1.00 30.60 ? 40  SER A C   1 
ATOM   180 O  O   . SER A 1 25 ? -7.970  7.721   -7.504  1.00 31.60 ? 40  SER A O   1 
ATOM   181 C  CB  . SER A 1 25 ? -5.570  8.998   -5.925  1.00 31.35 ? 40  SER A CB  1 
ATOM   182 O  OG  . SER A 1 25 ? -4.755  7.856   -5.688  1.00 32.68 ? 40  SER A OG  1 
ATOM   183 N  N   . VAL A 1 26 ? -7.865  6.478   -5.643  1.00 30.14 ? 41  VAL A N   1 
ATOM   184 C  CA  . VAL A 1 26 ? -8.449  5.307   -6.305  1.00 31.15 ? 41  VAL A CA  1 
ATOM   185 C  C   . VAL A 1 26 ? -9.835  4.997   -5.744  1.00 32.54 ? 41  VAL A C   1 
ATOM   186 O  O   . VAL A 1 26 ? -10.355 3.887   -5.907  1.00 33.09 ? 41  VAL A O   1 
ATOM   187 C  CB  . VAL A 1 26 ? -7.519  4.079   -6.214  1.00 31.46 ? 41  VAL A CB  1 
ATOM   188 C  CG1 . VAL A 1 26 ? -6.240  4.362   -6.994  1.00 30.64 ? 41  VAL A CG1 1 
ATOM   189 C  CG2 . VAL A 1 26 ? -7.182  3.772   -4.763  1.00 30.75 ? 41  VAL A CG2 1 
ATOM   190 N  N   . GLY A 1 27 ? -10.416 6.000   -5.075  1.00 33.85 ? 42  GLY A N   1 
ATOM   191 C  CA  . GLY A 1 27 ? -11.757 5.871   -4.508  1.00 34.34 ? 42  GLY A CA  1 
ATOM   192 C  C   . GLY A 1 27 ? -11.924 5.737   -2.998  1.00 33.70 ? 42  GLY A C   1 
ATOM   193 O  O   . GLY A 1 27 ? -13.044 5.855   -2.494  1.00 34.10 ? 42  GLY A O   1 
ATOM   194 N  N   . ALA A 1 28 ? -10.840 5.495   -2.271  1.00 33.27 ? 43  ALA A N   1 
ATOM   195 C  CA  . ALA A 1 28 ? -10.936 5.325   -0.815  1.00 32.78 ? 43  ALA A CA  1 
ATOM   196 C  C   . ALA A 1 28 ? -11.741 6.459   -0.176  1.00 32.37 ? 43  ALA A C   1 
ATOM   197 O  O   . ALA A 1 28 ? -11.433 7.611   -0.368  1.00 31.91 ? 43  ALA A O   1 
ATOM   198 C  CB  . ALA A 1 28 ? -9.542  5.256   -0.198  1.00 31.74 ? 43  ALA A CB  1 
ATOM   199 N  N   . GLN A 1 29 ? -12.756 6.112   0.609   1.00 31.04 ? 44  GLN A N   1 
ATOM   200 C  CA  . GLN A 1 29 ? -13.615 7.124   1.232   1.00 31.26 ? 44  GLN A CA  1 
ATOM   201 C  C   . GLN A 1 29 ? -13.472 7.262   2.739   1.00 29.26 ? 44  GLN A C   1 
ATOM   202 O  O   . GLN A 1 29 ? -13.937 8.232   3.334   1.00 26.60 ? 44  GLN A O   1 
ATOM   203 C  CB  . GLN A 1 29 ? -15.094 6.806   0.956   1.00 33.09 ? 44  GLN A CB  1 
ATOM   204 C  CG  . GLN A 1 29 ? -15.579 7.081   -0.451  1.00 35.88 ? 44  GLN A CG  1 
ATOM   205 C  CD  . GLN A 1 29 ? -16.681 8.124   -0.482  1.00 36.94 ? 44  GLN A CD  1 
ATOM   206 O  OE1 . GLN A 1 29 ? -17.540 8.160   0.382   1.00 40.22 ? 44  GLN A OE1 1 
ATOM   207 N  NE2 . GLN A 1 29 ? -16.658 8.972   -1.503  1.00 39.91 ? 44  GLN A NE2 1 
ATOM   208 N  N   . LYS A 1 30 ? -12.815 6.293   3.356   1.00 28.25 ? 45  LYS A N   1 
ATOM   209 C  CA  . LYS A 1 30 ? -12.704 6.271   4.804   1.00 27.31 ? 45  LYS A CA  1 
ATOM   210 C  C   . LYS A 1 30 ? -11.401 6.670   5.485   1.00 27.37 ? 45  LYS A C   1 
ATOM   211 O  O   . LYS A 1 30 ? -10.401 6.942   4.841   1.00 29.19 ? 45  LYS A O   1 
ATOM   212 C  CB  . LYS A 1 30 ? -13.122 4.875   5.255   1.00 27.97 ? 45  LYS A CB  1 
ATOM   213 C  CG  . LYS A 1 30 ? -14.480 4.455   4.677   1.00 27.34 ? 45  LYS A CG  1 
ATOM   214 C  CD  . LYS A 1 30 ? -14.854 3.023   5.024   1.00 27.25 ? 45  LYS A CD  1 
ATOM   215 C  CE  . LYS A 1 30 ? -13.980 2.033   4.280   1.00 27.42 ? 45  LYS A CE  1 
ATOM   216 N  NZ  . LYS A 1 30 ? -14.390 0.638   4.601   1.00 25.64 ? 45  LYS A NZ  1 
ATOM   217 N  N   . ASP A 1 31 ? -11.462 6.711   6.814   1.00 26.12 ? 46  ASP A N   1 
ATOM   218 C  CA  . ASP A 1 31 ? -10.315 7.030   7.643   1.00 27.20 ? 46  ASP A CA  1 
ATOM   219 C  C   . ASP A 1 31 ? -9.781  5.763   8.325   1.00 25.61 ? 46  ASP A C   1 
ATOM   220 O  O   . ASP A 1 31 ? -8.623  5.713   8.686   1.00 25.46 ? 46  ASP A O   1 
ATOM   221 C  CB  . ASP A 1 31 ? -10.668 8.082   8.697   1.00 29.32 ? 46  ASP A CB  1 
ATOM   222 C  CG  . ASP A 1 31 ? -10.876 9.474   8.100   1.00 32.57 ? 46  ASP A CG  1 
ATOM   223 O  OD1 . ASP A 1 31 ? -10.289 9.781   7.032   1.00 33.21 ? 46  ASP A OD1 1 
ATOM   224 O  OD2 . ASP A 1 31 ? -11.614 10.275  8.718   1.00 34.09 ? 46  ASP A OD2 1 
ATOM   225 N  N   . THR A 1 32 ? -10.635 4.755   8.517   1.00 24.19 ? 47  THR A N   1 
ATOM   226 C  CA  . THR A 1 32 ? -10.184 3.486   9.096   1.00 22.03 ? 47  THR A CA  1 
ATOM   227 C  C   . THR A 1 32 ? -10.509 2.389   8.078   1.00 20.71 ? 47  THR A C   1 
ATOM   228 O  O   . THR A 1 32 ? -11.615 2.334   7.547   1.00 20.51 ? 47  THR A O   1 
ATOM   229 C  CB  . THR A 1 32 ? -10.874 3.134   10.446  1.00 23.30 ? 47  THR A CB  1 
ATOM   230 O  OG1 . THR A 1 32 ? -10.498 4.086   11.457  1.00 26.26 ? 47  THR A OG1 1 
ATOM   231 C  CG2 . THR A 1 32 ? -10.428 1.749   10.911  1.00 25.13 ? 47  THR A CG2 1 
ATOM   232 N  N   . TYR A 1 33 ? -9.532  1.527   7.816   1.00 19.95 ? 48  TYR A N   1 
ATOM   233 C  CA  . TYR A 1 33 ? -9.678  0.440   6.852   1.00 19.71 ? 48  TYR A CA  1 
ATOM   234 C  C   . TYR A 1 33 ? -9.212  -0.907  7.406   1.00 19.94 ? 48  TYR A C   1 
ATOM   235 O  O   . TYR A 1 33 ? -8.643  -0.988  8.480   1.00 19.55 ? 48  TYR A O   1 
ATOM   236 C  CB  . TYR A 1 33 ? -8.817  0.705   5.612   1.00 20.26 ? 48  TYR A CB  1 
ATOM   237 C  CG  . TYR A 1 33 ? -9.074  2.000   4.872   1.00 19.63 ? 48  TYR A CG  1 
ATOM   238 C  CD1 . TYR A 1 33 ? -8.558  3.209   5.339   1.00 20.19 ? 48  TYR A CD1 1 
ATOM   239 C  CD2 . TYR A 1 33 ? -9.812  2.011   3.693   1.00 21.77 ? 48  TYR A CD2 1 
ATOM   240 C  CE1 . TYR A 1 33 ? -8.766  4.402   4.642   1.00 21.04 ? 48  TYR A CE1 1 
ATOM   241 C  CE2 . TYR A 1 33 ? -10.030 3.200   2.988   1.00 22.38 ? 48  TYR A CE2 1 
ATOM   242 C  CZ  . TYR A 1 33 ? -9.504  4.387   3.468   1.00 20.80 ? 48  TYR A CZ  1 
ATOM   243 O  OH  . TYR A 1 33 ? -9.714  5.558   2.781   1.00 22.92 ? 48  TYR A OH  1 
ATOM   244 N  N   . THR A 1 34 ? -9.473  -1.964  6.642   1.00 18.92 ? 49  THR A N   1 
ATOM   245 C  CA  . THR A 1 34 ? -8.983  -3.292  6.979   1.00 17.72 ? 49  THR A CA  1 
ATOM   246 C  C   . THR A 1 34 ? -7.767  -3.359  6.055   1.00 16.98 ? 49  THR A C   1 
ATOM   247 O  O   . THR A 1 34 ? -7.723  -2.659  5.057   1.00 15.68 ? 49  THR A O   1 
ATOM   248 C  CB  . THR A 1 34 ? -9.953  -4.420  6.563   1.00 17.95 ? 49  THR A CB  1 
ATOM   249 O  OG1 . THR A 1 34 ? -10.143 -4.387  5.140   1.00 17.24 ? 49  THR A OG1 1 
ATOM   250 C  CG2 . THR A 1 34 ? -11.293 -4.259  7.266   1.00 20.09 ? 49  THR A CG2 1 
ATOM   251 N  N   . MET A 1 35 ? -6.780  -4.182  6.375   1.00 16.01 ? 50  MET A N   1 
ATOM   252 C  CA  . MET A 1 35 ? -5.617  -4.266  5.505   1.00 15.49 ? 50  MET A CA  1 
ATOM   253 C  C   . MET A 1 35 ? -6.025  -4.788  4.126   1.00 15.09 ? 50  MET A C   1 
ATOM   254 O  O   . MET A 1 35 ? -5.415  -4.451  3.117   1.00 15.37 ? 50  MET A O   1 
ATOM   255 C  CB  . MET A 1 35 ? -4.529  -5.143  6.131   1.00 16.42 ? 50  MET A CB  1 
ATOM   256 C  CG  . MET A 1 35 ? -3.611  -4.389  7.092   1.00 21.30 ? 50  MET A CG  1 
ATOM   257 S  SD  . MET A 1 35 ? -2.723  -2.997  6.310   1.00 25.55 ? 50  MET A SD  1 
ATOM   258 C  CE  . MET A 1 35 ? -1.777  -3.824  5.141   1.00 19.71 ? 50  MET A CE  1 
ATOM   259 N  N   . LYS A 1 36 ? -7.075  -5.602  4.087   1.00 16.10 ? 51  LYS A N   1 
ATOM   260 C  CA  . LYS A 1 36 ? -7.564  -6.130  2.817   1.00 15.88 ? 51  LYS A CA  1 
ATOM   261 C  C   . LYS A 1 36 ? -7.906  -4.978  1.875   1.00 14.98 ? 51  LYS A C   1 
ATOM   262 O  O   . LYS A 1 36 ? -7.629  -5.044  0.685   1.00 14.91 ? 51  LYS A O   1 
ATOM   263 C  CB  . LYS A 1 36 ? -8.818  -6.976  3.040   1.00 17.35 ? 51  LYS A CB  1 
ATOM   264 C  CG  . LYS A 1 36 ? -9.495  -7.428  1.763   1.00 19.91 ? 51  LYS A CG  1 
ATOM   265 C  CD  . LYS A 1 36 ? -10.694 -8.305  2.080   1.00 22.08 ? 51  LYS A CD  1 
ATOM   266 C  CE  . LYS A 1 36 ? -11.311 -8.899  0.820   1.00 25.25 ? 51  LYS A CE  1 
ATOM   267 N  NZ  . LYS A 1 36 ? -12.308 -9.960  1.170   1.00 27.57 ? 51  LYS A NZ  1 
ATOM   268 N  N   . GLU A 1 37 ? -8.517  -3.932  2.430   1.00 14.70 ? 52  GLU A N   1 
ATOM   269 C  CA  . GLU A 1 37 ? -8.905  -2.750  1.658   1.00 14.97 ? 52  GLU A CA  1 
ATOM   270 C  C   . GLU A 1 37 ? -7.670  -1.973  1.211   1.00 15.37 ? 52  GLU A C   1 
ATOM   271 O  O   . GLU A 1 37 ? -7.545  -1.582  0.055   1.00 15.64 ? 52  GLU A O   1 
ATOM   272 C  CB  . GLU A 1 37 ? -9.814  -1.833  2.494   1.00 15.39 ? 52  GLU A CB  1 
ATOM   273 C  CG  . GLU A 1 37 ? -11.213 -2.395  2.781   1.00 17.97 ? 52  GLU A CG  1 
ATOM   274 C  CD  . GLU A 1 37 ? -12.058 -1.464  3.644   1.00 19.76 ? 52  GLU A CD  1 
ATOM   275 O  OE1 . GLU A 1 37 ? -11.562 -0.999  4.686   1.00 18.10 ? 52  GLU A OE1 1 
ATOM   276 O  OE2 . GLU A 1 37 ? -13.227 -1.201  3.284   1.00 23.16 ? 52  GLU A OE2 1 
ATOM   277 N  N   . VAL A 1 38 ? -6.751  -1.761  2.143   1.00 15.11 ? 53  VAL A N   1 
ATOM   278 C  CA  . VAL A 1 38 ? -5.528  -1.030  1.840   1.00 15.12 ? 53  VAL A CA  1 
ATOM   279 C  C   . VAL A 1 38 ? -4.720  -1.712  0.738   1.00 15.69 ? 53  VAL A C   1 
ATOM   280 O  O   . VAL A 1 38 ? -4.219  -1.058  -0.162  1.00 16.02 ? 53  VAL A O   1 
ATOM   281 C  CB  . VAL A 1 38 ? -4.663  -0.901  3.095   1.00 15.85 ? 53  VAL A CB  1 
ATOM   282 C  CG1 . VAL A 1 38 ? -3.345  -0.223  2.760   1.00 17.10 ? 53  VAL A CG1 1 
ATOM   283 C  CG2 . VAL A 1 38 ? -5.434  -0.118  4.163   1.00 16.83 ? 53  VAL A CG2 1 
ATOM   284 N  N   . LEU A 1 39 ? -4.591  -3.031  0.825   1.00 15.49 ? 54  LEU A N   1 
ATOM   285 C  CA  . LEU A 1 39 ? -3.840  -3.785  -0.171  1.00 15.45 ? 54  LEU A CA  1 
ATOM   286 C  C   . LEU A 1 39 ? -4.490  -3.706  -1.544  1.00 15.30 ? 54  LEU A C   1 
ATOM   287 O  O   . LEU A 1 39 ? -3.810  -3.597  -2.553  1.00 16.65 ? 54  LEU A O   1 
ATOM   288 C  CB  . LEU A 1 39 ? -3.710  -5.243  0.274   1.00 17.28 ? 54  LEU A CB  1 
ATOM   289 C  CG  . LEU A 1 39 ? -2.758  -5.438  1.459   1.00 16.87 ? 54  LEU A CG  1 
ATOM   290 C  CD1 . LEU A 1 39 ? -2.963  -6.822  2.073   1.00 17.62 ? 54  LEU A CD1 1 
ATOM   291 C  CD2 . LEU A 1 39 ? -1.314  -5.259  0.988   1.00 17.78 ? 54  LEU A CD2 1 
ATOM   292 N  N   . PHE A 1 40 ? -5.813  -3.768  -1.584  1.00 15.95 ? 55  PHE A N   1 
ATOM   293 C  CA  . PHE A 1 40 ? -6.503  -3.689  -2.867  1.00 16.47 ? 55  PHE A CA  1 
ATOM   294 C  C   . PHE A 1 40 ? -6.354  -2.307  -3.477  1.00 16.48 ? 55  PHE A C   1 
ATOM   295 O  O   . PHE A 1 40 ? -6.018  -2.181  -4.643  1.00 18.09 ? 55  PHE A O   1 
ATOM   296 C  CB  . PHE A 1 40 ? -7.989  -3.991  -2.711  1.00 17.66 ? 55  PHE A CB  1 
ATOM   297 C  CG  . PHE A 1 40 ? -8.788  -3.680  -3.937  1.00 17.51 ? 55  PHE A CG  1 
ATOM   298 C  CD1 . PHE A 1 40 ? -8.833  -4.571  -5.003  1.00 20.93 ? 55  PHE A CD1 1 
ATOM   299 C  CD2 . PHE A 1 40 ? -9.459  -2.464  -4.048  1.00 18.78 ? 55  PHE A CD2 1 
ATOM   300 C  CE1 . PHE A 1 40 ? -9.542  -4.254  -6.168  1.00 21.84 ? 55  PHE A CE1 1 
ATOM   301 C  CE2 . PHE A 1 40 ? -10.166 -2.137  -5.199  1.00 21.04 ? 55  PHE A CE2 1 
ATOM   302 C  CZ  . PHE A 1 40 ? -10.206 -3.032  -6.264  1.00 21.49 ? 55  PHE A CZ  1 
ATOM   303 N  N   . TYR A 1 41 ? -6.619  -1.271  -2.685  1.00 15.66 ? 56  TYR A N   1 
ATOM   304 C  CA  . TYR A 1 41 ? -6.511  0.092   -3.192  1.00 16.55 ? 56  TYR A CA  1 
ATOM   305 C  C   . TYR A 1 41 ? -5.086  0.374   -3.667  1.00 17.21 ? 56  TYR A C   1 
ATOM   306 O  O   . TYR A 1 41 ? -4.894  1.002   -4.699  1.00 17.81 ? 56  TYR A O   1 
ATOM   307 C  CB  . TYR A 1 41 ? -6.969  1.104   -2.128  1.00 15.87 ? 56  TYR A CB  1 
ATOM   308 C  CG  . TYR A 1 41 ? -8.477  1.072   -1.890  1.00 17.70 ? 56  TYR A CG  1 
ATOM   309 C  CD1 . TYR A 1 41 ? -9.371  1.185   -2.953  1.00 20.91 ? 56  TYR A CD1 1 
ATOM   310 C  CD2 . TYR A 1 41 ? -9.002  0.907   -0.610  1.00 19.25 ? 56  TYR A CD2 1 
ATOM   311 C  CE1 . TYR A 1 41 ? -10.761 1.132   -2.753  1.00 20.04 ? 56  TYR A CE1 1 
ATOM   312 C  CE2 . TYR A 1 41 ? -10.385 0.854   -0.393  1.00 20.48 ? 56  TYR A CE2 1 
ATOM   313 C  CZ  . TYR A 1 41 ? -11.258 0.967   -1.466  1.00 21.60 ? 56  TYR A CZ  1 
ATOM   314 O  OH  . TYR A 1 41 ? -12.624 0.925   -1.260  1.00 22.04 ? 56  TYR A OH  1 
ATOM   315 N  N   . LEU A 1 42 ? -4.085  -0.106  -2.933  1.00 16.81 ? 57  LEU A N   1 
ATOM   316 C  CA  . LEU A 1 42 ? -2.699  0.095   -3.365  1.00 17.06 ? 57  LEU A CA  1 
ATOM   317 C  C   . LEU A 1 42 ? -2.445  -0.702  -4.643  1.00 17.80 ? 57  LEU A C   1 
ATOM   318 O  O   . LEU A 1 42 ? -1.780  -0.234  -5.559  1.00 19.47 ? 57  LEU A O   1 
ATOM   319 C  CB  . LEU A 1 42 ? -1.711  -0.365  -2.292  1.00 15.76 ? 57  LEU A CB  1 
ATOM   320 C  CG  . LEU A 1 42 ? -1.400  0.609   -1.158  1.00 17.89 ? 57  LEU A CG  1 
ATOM   321 C  CD1 . LEU A 1 42 ? -0.521  -0.098  -0.122  1.00 19.27 ? 57  LEU A CD1 1 
ATOM   322 C  CD2 . LEU A 1 42 ? -0.693  1.838   -1.701  1.00 21.27 ? 57  LEU A CD2 1 
ATOM   323 N  N   . GLY A 1 43 ? -2.971  -1.920  -4.682  1.00 17.47 ? 58  GLY A N   1 
ATOM   324 C  CA  . GLY A 1 43 ? -2.811  -2.757  -5.853  1.00 19.02 ? 58  GLY A CA  1 
ATOM   325 C  C   . GLY A 1 43 ? -3.409  -2.101  -7.093  1.00 20.77 ? 58  GLY A C   1 
ATOM   326 O  O   . GLY A 1 43 ? -2.815  -2.159  -8.170  1.00 20.88 ? 58  GLY A O   1 
ATOM   327 N  N   . GLN A 1 44 ? -4.581  -1.480  -6.943  1.00 20.49 ? 59  GLN A N   1 
ATOM   328 C  CA  . GLN A 1 44 ? -5.246  -0.809  -8.060  1.00 22.15 ? 59  GLN A CA  1 
ATOM   329 C  C   . GLN A 1 44 ? -4.512  0.477   -8.434  1.00 22.69 ? 59  GLN A C   1 
ATOM   330 O  O   . GLN A 1 44 ? -4.516  0.860   -9.594  1.00 24.51 ? 59  GLN A O   1 
ATOM   331 C  CB  . GLN A 1 44 ? -6.723  -0.487  -7.738  1.00 24.12 ? 59  GLN A CB  1 
ATOM   332 C  CG  . GLN A 1 44 ? -7.652  -1.712  -7.768  1.00 27.51 ? 59  GLN A CG  1 
ATOM   333 C  CD  . GLN A 1 44 ? -7.873  -2.270  -9.177  1.00 28.68 ? 59  GLN A CD  1 
ATOM   334 O  OE1 . GLN A 1 44 ? -8.057  -3.500  -9.355  1.00 28.86 ? 59  GLN A OE1 1 
ATOM   335 N  NE2 . GLN A 1 44 ? -7.823  -1.400  -10.180 1.00 28.05 ? 59  GLN A NE2 1 
ATOM   336 N  N   . TYR A 1 45 ? -3.905  1.155   -7.460  1.00 21.97 ? 60  TYR A N   1 
ATOM   337 C  CA  . TYR A 1 45 ? -3.157  2.387   -7.744  1.00 23.14 ? 60  TYR A CA  1 
ATOM   338 C  C   . TYR A 1 45 ? -1.976  1.977   -8.639  1.00 22.68 ? 60  TYR A C   1 
ATOM   339 O  O   . TYR A 1 45 ? -1.666  2.643   -9.639  1.00 23.74 ? 60  TYR A O   1 
ATOM   340 C  CB  . TYR A 1 45 ? -2.628  3.005   -6.441  1.00 24.01 ? 60  TYR A CB  1 
ATOM   341 C  CG  . TYR A 1 45 ? -1.759  4.241   -6.603  1.00 25.81 ? 60  TYR A CG  1 
ATOM   342 C  CD1 . TYR A 1 45 ? -2.313  5.523   -6.592  1.00 26.14 ? 60  TYR A CD1 1 
ATOM   343 C  CD2 . TYR A 1 45 ? -0.370  4.127   -6.718  1.00 25.91 ? 60  TYR A CD2 1 
ATOM   344 C  CE1 . TYR A 1 45 ? -1.507  6.663   -6.682  1.00 26.80 ? 60  TYR A CE1 1 
ATOM   345 C  CE2 . TYR A 1 45 ? 0.443   5.268   -6.814  1.00 26.84 ? 60  TYR A CE2 1 
ATOM   346 C  CZ  . TYR A 1 45 ? -0.131  6.524   -6.792  1.00 27.03 ? 60  TYR A CZ  1 
ATOM   347 O  OH  . TYR A 1 45 ? 0.670   7.643   -6.871  1.00 27.68 ? 60  TYR A OH  1 
ATOM   348 N  N   . ILE A 1 46 ? -1.344  0.863   -8.277  1.00 21.65 ? 61  ILE A N   1 
ATOM   349 C  CA  . ILE A 1 46 ? -0.211  0.321   -9.006  1.00 22.53 ? 61  ILE A CA  1 
ATOM   350 C  C   . ILE A 1 46 ? -0.540  -0.051  -10.456 1.00 24.17 ? 61  ILE A C   1 
ATOM   351 O  O   . ILE A 1 46 ? 0.145   0.379   -11.371 1.00 24.10 ? 61  ILE A O   1 
ATOM   352 C  CB  . ILE A 1 46 ? 0.341   -0.918  -8.278  1.00 21.69 ? 61  ILE A CB  1 
ATOM   353 C  CG1 . ILE A 1 46 ? 1.012   -0.469  -6.980  1.00 22.63 ? 61  ILE A CG1 1 
ATOM   354 C  CG2 . ILE A 1 46 ? 1.299   -1.693  -9.172  1.00 22.28 ? 61  ILE A CG2 1 
ATOM   355 C  CD1 . ILE A 1 46 ? 1.555   -1.600  -6.138  1.00 21.32 ? 61  ILE A CD1 1 
ATOM   356 N  N   . MET A 1 47 ? -1.595  -0.831  -10.666 1.00 24.98 ? 62  MET A N   1 
ATOM   357 C  CA  . MET A 1 47 ? -1.957  -1.273  -12.010 1.00 25.76 ? 62  MET A CA  1 
ATOM   358 C  C   . MET A 1 47 ? -2.500  -0.144  -12.907 1.00 26.74 ? 62  MET A C   1 
ATOM   359 O  O   . MET A 1 47 ? -2.118  -0.052  -14.080 1.00 26.38 ? 62  MET A O   1 
ATOM   360 C  CB  . MET A 1 47 ? -2.973  -2.423  -11.928 1.00 25.29 ? 62  MET A CB  1 
ATOM   361 C  CG  . MET A 1 47 ? -2.553  -3.655  -11.100 1.00 25.07 ? 62  MET A CG  1 
ATOM   362 S  SD  . MET A 1 47 ? -0.937  -4.328  -11.573 1.00 26.24 ? 62  MET A SD  1 
ATOM   363 C  CE  . MET A 1 47 ? -1.262  -5.098  -13.166 1.00 27.06 ? 62  MET A CE  1 
ATOM   364 N  N   . THR A 1 48 ? -3.367  0.710   -12.364 1.00 27.29 ? 63  THR A N   1 
ATOM   365 C  CA  . THR A 1 48 ? -3.927  1.796   -13.153 1.00 28.59 ? 63  THR A CA  1 
ATOM   366 C  C   . THR A 1 48 ? -2.852  2.773   -13.619 1.00 28.76 ? 63  THR A C   1 
ATOM   367 O  O   . THR A 1 48 ? -2.983  3.388   -14.675 1.00 29.92 ? 63  THR A O   1 
ATOM   368 C  CB  . THR A 1 48 ? -5.046  2.549   -12.377 1.00 28.80 ? 63  THR A CB  1 
ATOM   369 O  OG1 . THR A 1 48 ? -4.506  3.129   -11.185 1.00 31.04 ? 63  THR A OG1 1 
ATOM   370 C  CG2 . THR A 1 48 ? -6.171  1.594   -12.012 1.00 27.42 ? 63  THR A CG2 1 
ATOM   371 N  N   . LYS A 1 49 ? -1.779  2.895   -12.846 1.00 29.17 ? 64  LYS A N   1 
ATOM   372 C  CA  . LYS A 1 49 ? -0.690  3.784   -13.222 1.00 29.10 ? 64  LYS A CA  1 
ATOM   373 C  C   . LYS A 1 49 ? 0.409   3.047   -13.958 1.00 29.03 ? 64  LYS A C   1 
ATOM   374 O  O   . LYS A 1 49 ? 1.454   3.604   -14.213 1.00 29.19 ? 64  LYS A O   1 
ATOM   375 C  CB  . LYS A 1 49 ? -0.080  4.470   -12.002 1.00 30.70 ? 64  LYS A CB  1 
ATOM   376 C  CG  . LYS A 1 49 ? -0.981  5.483   -11.319 1.00 32.72 ? 64  LYS A CG  1 
ATOM   377 C  CD  . LYS A 1 49 ? -0.124  6.391   -10.454 1.00 34.59 ? 64  LYS A CD  1 
ATOM   378 C  CE  . LYS A 1 49 ? -0.473  7.855   -10.651 1.00 36.81 ? 64  LYS A CE  1 
ATOM   379 N  NZ  . LYS A 1 49 ? 0.411   8.762   -9.871  1.00 39.08 ? 64  LYS A NZ  1 
ATOM   380 N  N   . ARG A 1 50 ? 0.177   1.779   -14.265 1.00 28.69 ? 65  ARG A N   1 
ATOM   381 C  CA  . ARG A 1 50 ? 1.173   0.990   -14.980 1.00 29.25 ? 65  ARG A CA  1 
ATOM   382 C  C   . ARG A 1 50 ? 2.562   1.047   -14.352 1.00 28.35 ? 65  ARG A C   1 
ATOM   383 O  O   . ARG A 1 50 ? 3.580   1.219   -15.048 1.00 29.15 ? 65  ARG A O   1 
ATOM   384 C  CB  . ARG A 1 50 ? 1.219   1.449   -16.442 1.00 30.83 ? 65  ARG A CB  1 
ATOM   385 C  CG  . ARG A 1 50 ? -0.154  1.406   -17.080 1.00 33.49 ? 65  ARG A CG  1 
ATOM   386 C  CD  . ARG A 1 50 ? -0.110  0.841   -18.473 1.00 36.89 ? 65  ARG A CD  1 
ATOM   387 N  NE  . ARG A 1 50 ? -1.355  0.168   -18.816 1.00 40.68 ? 65  ARG A NE  1 
ATOM   388 C  CZ  . ARG A 1 50 ? -1.571  -0.376  -20.010 1.00 42.02 ? 65  ARG A CZ  1 
ATOM   389 N  NH1 . ARG A 1 50 ? -0.616  -0.303  -20.943 1.00 43.57 ? 65  ARG A NH1 1 
ATOM   390 N  NH2 . ARG A 1 50 ? -2.703  -1.042  -20.257 1.00 43.25 ? 65  ARG A NH2 1 
ATOM   391 N  N   . LEU A 1 51 ? 2.597   0.918   -13.028 1.00 26.57 ? 66  LEU A N   1 
ATOM   392 C  CA  . LEU A 1 51 ? 3.858   0.915   -12.305 1.00 25.25 ? 66  LEU A CA  1 
ATOM   393 C  C   . LEU A 1 51 ? 4.318   -0.540  -12.268 1.00 26.03 ? 66  LEU A C   1 
ATOM   394 O  O   . LEU A 1 51 ? 5.451   -0.830  -11.935 1.00 26.27 ? 66  LEU A O   1 
ATOM   395 C  CB  . LEU A 1 51 ? 3.672   1.437   -10.878 1.00 25.21 ? 66  LEU A CB  1 
ATOM   396 C  CG  . LEU A 1 51 ? 3.165   2.866   -10.698 1.00 25.17 ? 66  LEU A CG  1 
ATOM   397 C  CD1 . LEU A 1 51 ? 3.162   3.216   -9.221  1.00 24.88 ? 66  LEU A CD1 1 
ATOM   398 C  CD2 . LEU A 1 51 ? 4.051   3.832   -11.460 1.00 26.24 ? 66  LEU A CD2 1 
ATOM   399 N  N   . TYR A 1 52 ? 3.407   -1.447  -12.619 1.00 26.67 ? 67  TYR A N   1 
ATOM   400 C  CA  . TYR A 1 52 ? 3.676   -2.883  -12.651 1.00 29.06 ? 67  TYR A CA  1 
ATOM   401 C  C   . TYR A 1 52 ? 3.024   -3.484  -13.890 1.00 30.29 ? 67  TYR A C   1 
ATOM   402 O  O   . TYR A 1 52 ? 1.983   -3.018  -14.322 1.00 30.77 ? 67  TYR A O   1 
ATOM   403 C  CB  . TYR A 1 52 ? 3.093   -3.566  -11.419 1.00 29.04 ? 67  TYR A CB  1 
ATOM   404 C  CG  . TYR A 1 52 ? 3.327   -5.052  -11.415 1.00 30.57 ? 67  TYR A CG  1 
ATOM   405 C  CD1 . TYR A 1 52 ? 4.620   -5.562  -11.375 1.00 31.29 ? 67  TYR A CD1 1 
ATOM   406 C  CD2 . TYR A 1 52 ? 2.259   -5.951  -11.468 1.00 30.21 ? 67  TYR A CD2 1 
ATOM   407 C  CE1 . TYR A 1 52 ? 4.850   -6.925  -11.372 1.00 31.49 ? 67  TYR A CE1 1 
ATOM   408 C  CE2 . TYR A 1 52 ? 2.481   -7.317  -11.465 1.00 32.07 ? 67  TYR A CE2 1 
ATOM   409 C  CZ  . TYR A 1 52 ? 3.776   -7.798  -11.422 1.00 32.11 ? 67  TYR A CZ  1 
ATOM   410 O  OH  . TYR A 1 52 ? 4.016   -9.159  -11.400 1.00 35.02 ? 67  TYR A OH  1 
ATOM   411 N  N   . ASP A 1 53 ? 3.638   -4.528  -14.439 1.00 32.17 ? 68  ASP A N   1 
ATOM   412 C  CA  . ASP A 1 53 ? 3.131   -5.188  -15.635 1.00 33.51 ? 68  ASP A CA  1 
ATOM   413 C  C   . ASP A 1 53 ? 3.895   -6.477  -15.892 1.00 33.89 ? 68  ASP A C   1 
ATOM   414 O  O   . ASP A 1 53 ? 4.894   -6.760  -15.238 1.00 34.15 ? 68  ASP A O   1 
ATOM   415 C  CB  . ASP A 1 53 ? 3.259   -4.224  -16.828 1.00 36.14 ? 68  ASP A CB  1 
ATOM   416 C  CG  . ASP A 1 53 ? 3.155   -4.915  -18.185 1.00 37.54 ? 68  ASP A CG  1 
ATOM   417 O  OD1 . ASP A 1 53 ? 3.040   -6.158  -18.254 1.00 38.53 ? 68  ASP A OD1 1 
ATOM   418 O  OD2 . ASP A 1 53 ? 3.195   -4.183  -19.196 1.00 40.32 ? 68  ASP A OD2 1 
ATOM   419 N  N   . HIS A 1 58 ? 8.589   -8.925  -12.199 1.00 34.37 ? 73  HIS A N   1 
ATOM   420 C  CA  . HIS A 1 58 ? 7.886   -8.796  -10.924 1.00 34.53 ? 73  HIS A CA  1 
ATOM   421 C  C   . HIS A 1 58 ? 8.264   -7.540  -10.147 1.00 34.06 ? 73  HIS A C   1 
ATOM   422 O  O   . HIS A 1 58 ? 8.049   -7.447  -8.937  1.00 33.87 ? 73  HIS A O   1 
ATOM   423 C  CB  . HIS A 1 58 ? 8.146   -10.035 -10.062 1.00 36.50 ? 73  HIS A CB  1 
ATOM   424 C  CG  . HIS A 1 58 ? 7.571   -11.303 -10.625 1.00 37.71 ? 73  HIS A CG  1 
ATOM   425 N  ND1 . HIS A 1 58 ? 6.286   -11.372 -11.118 1.00 38.62 ? 73  HIS A ND1 1 
ATOM   426 C  CD2 . HIS A 1 58 ? 8.098   -12.545 -10.796 1.00 38.13 ? 73  HIS A CD2 1 
ATOM   427 C  CE1 . HIS A 1 58 ? 6.047   -12.587 -11.572 1.00 38.54 ? 73  HIS A CE1 1 
ATOM   428 N  NE2 . HIS A 1 58 ? 7.134   -13.319 -11.390 1.00 38.06 ? 73  HIS A NE2 1 
ATOM   429 N  N   . ILE A 1 59 ? 8.806   -6.549  -10.842 1.00 32.55 ? 74  ILE A N   1 
ATOM   430 C  CA  . ILE A 1 59 ? 9.188   -5.323  -10.168 1.00 31.41 ? 74  ILE A CA  1 
ATOM   431 C  C   . ILE A 1 59 ? 8.239   -4.165  -10.432 1.00 30.52 ? 74  ILE A C   1 
ATOM   432 O  O   . ILE A 1 59 ? 7.773   -3.946  -11.561 1.00 30.38 ? 74  ILE A O   1 
ATOM   433 C  CB  . ILE A 1 59 ? 10.621  -4.910  -10.557 1.00 31.16 ? 74  ILE A CB  1 
ATOM   434 C  CG1 . ILE A 1 59 ? 11.584  -6.014  -10.131 1.00 31.27 ? 74  ILE A CG1 1 
ATOM   435 C  CG2 . ILE A 1 59 ? 11.004  -3.588  -9.890  1.00 31.29 ? 74  ILE A CG2 1 
ATOM   436 C  CD1 . ILE A 1 59 ? 12.707  -6.230  -11.080 1.00 32.71 ? 74  ILE A CD1 1 
ATOM   437 N  N   . VAL A 1 60 ? 7.940   -3.450  -9.354  1.00 29.80 ? 75  VAL A N   1 
ATOM   438 C  CA  . VAL A 1 60 ? 7.093   -2.272  -9.394  1.00 28.04 ? 75  VAL A CA  1 
ATOM   439 C  C   . VAL A 1 60 ? 8.043   -1.074  -9.391  1.00 28.10 ? 75  VAL A C   1 
ATOM   440 O  O   . VAL A 1 60 ? 8.915   -0.975  -8.528  1.00 26.83 ? 75  VAL A O   1 
ATOM   441 C  CB  . VAL A 1 60 ? 6.182   -2.215  -8.156  1.00 28.11 ? 75  VAL A CB  1 
ATOM   442 C  CG1 . VAL A 1 60 ? 5.417   -0.901  -8.126  1.00 27.22 ? 75  VAL A CG1 1 
ATOM   443 C  CG2 . VAL A 1 60 ? 5.220   -3.387  -8.184  1.00 28.05 ? 75  VAL A CG2 1 
ATOM   444 N  N   . TYR A 1 61 ? 7.887   -0.180  -10.367 1.00 28.43 ? 76  TYR A N   1 
ATOM   445 C  CA  . TYR A 1 61 ? 8.741   1.008   -10.450 1.00 29.38 ? 76  TYR A CA  1 
ATOM   446 C  C   . TYR A 1 61 ? 8.037   2.256   -9.960  1.00 30.00 ? 76  TYR A C   1 
ATOM   447 O  O   . TYR A 1 61 ? 7.071   2.720   -10.573 1.00 31.51 ? 76  TYR A O   1 
ATOM   448 C  CB  . TYR A 1 61 ? 9.217   1.232   -11.883 1.00 29.53 ? 76  TYR A CB  1 
ATOM   449 C  CG  . TYR A 1 61 ? 9.961   0.054   -12.423 1.00 29.15 ? 76  TYR A CG  1 
ATOM   450 C  CD1 . TYR A 1 61 ? 9.285   -0.971  -13.080 1.00 29.13 ? 76  TYR A CD1 1 
ATOM   451 C  CD2 . TYR A 1 61 ? 11.339  -0.074  -12.230 1.00 29.23 ? 76  TYR A CD2 1 
ATOM   452 C  CE1 . TYR A 1 61 ? 9.952   -2.083  -13.538 1.00 29.68 ? 76  TYR A CE1 1 
ATOM   453 C  CE2 . TYR A 1 61 ? 12.017  -1.194  -12.683 1.00 30.12 ? 76  TYR A CE2 1 
ATOM   454 C  CZ  . TYR A 1 61 ? 11.316  -2.195  -13.337 1.00 30.25 ? 76  TYR A CZ  1 
ATOM   455 O  OH  . TYR A 1 61 ? 11.985  -3.305  -13.806 1.00 32.31 ? 76  TYR A OH  1 
ATOM   456 N  N   . CYS A 1 62 ? 8.539   2.807   -8.862  1.00 29.51 ? 77  CYS A N   1 
ATOM   457 C  CA  . CYS A 1 62 ? 7.945   3.983   -8.252  1.00 30.90 ? 77  CYS A CA  1 
ATOM   458 C  C   . CYS A 1 62 ? 8.897   5.161   -7.958  1.00 31.74 ? 77  CYS A C   1 
ATOM   459 O  O   . CYS A 1 62 ? 8.657   5.916   -7.046  1.00 31.26 ? 77  CYS A O   1 
ATOM   460 C  CB  . CYS A 1 62 ? 7.279   3.544   -6.949  1.00 29.40 ? 77  CYS A CB  1 
ATOM   461 S  SG  . CYS A 1 62 ? 8.295   2.369   -5.984  1.00 26.93 ? 77  CYS A SG  1 
ATOM   462 N  N   . SER A 1 63 ? 9.937   5.338   -8.771  1.00 33.43 ? 78  SER A N   1 
ATOM   463 C  CA  . SER A 1 63 ? 10.922  6.411   -8.544  1.00 35.10 ? 78  SER A CA  1 
ATOM   464 C  C   . SER A 1 63 ? 10.368  7.829   -8.574  1.00 36.02 ? 78  SER A C   1 
ATOM   465 O  O   . SER A 1 63 ? 10.783  8.677   -7.800  1.00 36.47 ? 78  SER A O   1 
ATOM   466 C  CB  . SER A 1 63 ? 12.039  6.332   -9.577  1.00 35.25 ? 78  SER A CB  1 
ATOM   467 O  OG  . SER A 1 63 ? 11.944  5.116   -10.292 1.00 37.96 ? 78  SER A OG  1 
ATOM   468 N  N   . ASN A 1 64 ? 9.450   8.078   -9.505  1.00 36.48 ? 79  ASN A N   1 
ATOM   469 C  CA  . ASN A 1 64 ? 8.817   9.385   -9.669  1.00 37.01 ? 79  ASN A CA  1 
ATOM   470 C  C   . ASN A 1 64 ? 7.325   9.355   -9.369  1.00 37.02 ? 79  ASN A C   1 
ATOM   471 O  O   . ASN A 1 64 ? 6.485   9.943   -10.089 1.00 37.59 ? 79  ASN A O   1 
ATOM   472 C  CB  . ASN A 1 64 ? 9.080   9.911   -11.086 1.00 38.08 ? 79  ASN A CB  1 
ATOM   473 C  CG  . ASN A 1 64 ? 10.478  10.435  -11.246 1.00 37.88 ? 79  ASN A CG  1 
ATOM   474 O  OD1 . ASN A 1 64 ? 10.845  11.448  -10.628 1.00 39.07 ? 79  ASN A OD1 1 
ATOM   475 N  ND2 . ASN A 1 64 ? 11.279  9.757   -12.058 1.00 37.62 ? 79  ASN A ND2 1 
ATOM   476 N  N   . ASP A 1 65 ? 7.005   8.708   -8.257  1.00 36.42 ? 80  ASP A N   1 
ATOM   477 C  CA  . ASP A 1 65 ? 5.617   8.555   -7.843  1.00 34.91 ? 80  ASP A CA  1 
ATOM   478 C  C   . ASP A 1 65 ? 5.554   8.629   -6.335  1.00 34.16 ? 80  ASP A C   1 
ATOM   479 O  O   . ASP A 1 65 ? 6.474   8.201   -5.645  1.00 33.61 ? 80  ASP A O   1 
ATOM   480 C  CB  . ASP A 1 65 ? 5.090   7.191   -8.315  1.00 34.50 ? 80  ASP A CB  1 
ATOM   481 C  CG  . ASP A 1 65 ? 3.590   7.117   -8.287  1.00 33.87 ? 80  ASP A CG  1 
ATOM   482 O  OD1 . ASP A 1 65 ? 2.992   6.830   -7.228  1.00 32.77 ? 80  ASP A OD1 1 
ATOM   483 O  OD2 . ASP A 1 65 ? 3.007   7.403   -9.338  1.00 33.94 ? 80  ASP A OD2 1 
ATOM   484 N  N   . LEU A 1 66 ? 4.484   9.211   -5.816  1.00 33.42 ? 81  LEU A N   1 
ATOM   485 C  CA  . LEU A 1 66 ? 4.359   9.333   -4.379  1.00 33.85 ? 81  LEU A CA  1 
ATOM   486 C  C   . LEU A 1 66 ? 4.501   7.983   -3.695  1.00 31.84 ? 81  LEU A C   1 
ATOM   487 O  O   . LEU A 1 66 ? 4.863   7.928   -2.549  1.00 32.76 ? 81  LEU A O   1 
ATOM   488 C  CB  . LEU A 1 66 ? 3.015   9.930   -3.984  1.00 35.14 ? 81  LEU A CB  1 
ATOM   489 C  CG  . LEU A 1 66 ? 2.959   10.245  -2.486  1.00 35.57 ? 81  LEU A CG  1 
ATOM   490 C  CD1 . LEU A 1 66 ? 3.637   11.600  -2.191  1.00 37.28 ? 81  LEU A CD1 1 
ATOM   491 C  CD2 . LEU A 1 66 ? 1.520   10.276  -2.066  1.00 37.15 ? 81  LEU A CD2 1 
ATOM   492 N  N   . LEU A 1 67 ? 4.186   6.900   -4.402  1.00 30.62 ? 82  LEU A N   1 
ATOM   493 C  CA  . LEU A 1 67 ? 4.316   5.567   -3.807  1.00 30.08 ? 82  LEU A CA  1 
ATOM   494 C  C   . LEU A 1 67 ? 5.770   5.397   -3.374  1.00 29.85 ? 82  LEU A C   1 
ATOM   495 O  O   . LEU A 1 67 ? 6.050   4.898   -2.289  1.00 28.99 ? 82  LEU A O   1 
ATOM   496 C  CB  . LEU A 1 67 ? 3.946   4.472   -4.818  1.00 29.54 ? 82  LEU A CB  1 
ATOM   497 C  CG  . LEU A 1 67 ? 4.056   3.048   -4.259  1.00 28.00 ? 82  LEU A CG  1 
ATOM   498 C  CD1 . LEU A 1 67 ? 3.013   2.866   -3.157  1.00 28.16 ? 82  LEU A CD1 1 
ATOM   499 C  CD2 . LEU A 1 67 ? 3.849   2.023   -5.371  1.00 26.63 ? 82  LEU A CD2 1 
ATOM   500 N  N   . GLY A 1 68 ? 6.690   5.842   -4.227  1.00 30.46 ? 83  GLY A N   1 
ATOM   501 C  CA  . GLY A 1 68 ? 8.103   5.728   -3.914  1.00 30.10 ? 83  GLY A CA  1 
ATOM   502 C  C   . GLY A 1 68 ? 8.512   6.504   -2.675  1.00 30.99 ? 83  GLY A C   1 
ATOM   503 O  O   . GLY A 1 68 ? 9.389   6.073   -1.933  1.00 31.60 ? 83  GLY A O   1 
ATOM   504 N  N   . ASP A 1 69 ? 7.890   7.658   -2.453  1.00 32.22 ? 84  ASP A N   1 
ATOM   505 C  CA  . ASP A 1 69 ? 8.202   8.472   -1.278  1.00 32.77 ? 84  ASP A CA  1 
ATOM   506 C  C   . ASP A 1 69 ? 7.600   7.803   -0.037  1.00 31.85 ? 84  ASP A C   1 
ATOM   507 O  O   . ASP A 1 69 ? 8.190   7.797   1.044   1.00 31.91 ? 84  ASP A O   1 
ATOM   508 C  CB  . ASP A 1 69 ? 7.629   9.886   -1.448  1.00 34.53 ? 84  ASP A CB  1 
ATOM   509 C  CG  . ASP A 1 69 ? 8.186   10.602  -2.676  1.00 36.44 ? 84  ASP A CG  1 
ATOM   510 O  OD1 . ASP A 1 69 ? 9.331   10.300  -3.078  1.00 38.70 ? 84  ASP A OD1 1 
ATOM   511 O  OD2 . ASP A 1 69 ? 7.487   11.473  -3.232  1.00 38.41 ? 84  ASP A OD2 1 
ATOM   512 N  N   . LEU A 1 70 ? 6.420   7.224   -0.230  1.00 31.41 ? 85  LEU A N   1 
ATOM   513 C  CA  . LEU A 1 70 ? 5.679   6.525   0.822   1.00 30.23 ? 85  LEU A CA  1 
ATOM   514 C  C   . LEU A 1 70 ? 6.446   5.301   1.315   1.00 29.08 ? 85  LEU A C   1 
ATOM   515 O  O   . LEU A 1 70 ? 6.552   5.067   2.511   1.00 29.19 ? 85  LEU A O   1 
ATOM   516 C  CB  . LEU A 1 70 ? 4.314   6.080   0.271   1.00 31.59 ? 85  LEU A CB  1 
ATOM   517 C  CG  . LEU A 1 70 ? 3.099   6.971   0.585   1.00 32.42 ? 85  LEU A CG  1 
ATOM   518 C  CD1 . LEU A 1 70 ? 2.011   6.854   -0.477  1.00 33.05 ? 85  LEU A CD1 1 
ATOM   519 C  CD2 . LEU A 1 70 ? 2.572   6.577   1.947   1.00 33.35 ? 85  LEU A CD2 1 
ATOM   520 N  N   . PHE A 1 71 ? 6.965   4.521   0.367   1.00 27.96 ? 86  PHE A N   1 
ATOM   521 C  CA  . PHE A 1 71 ? 7.704   3.294   0.655   1.00 27.68 ? 86  PHE A CA  1 
ATOM   522 C  C   . PHE A 1 71 ? 9.202   3.477   0.927   1.00 28.41 ? 86  PHE A C   1 
ATOM   523 O  O   . PHE A 1 71 ? 9.824   2.642   1.593   1.00 27.59 ? 86  PHE A O   1 
ATOM   524 C  CB  . PHE A 1 71 ? 7.486   2.289   -0.492  1.00 26.09 ? 86  PHE A CB  1 
ATOM   525 C  CG  . PHE A 1 71 ? 6.177   1.533   -0.398  1.00 23.07 ? 86  PHE A CG  1 
ATOM   526 C  CD1 . PHE A 1 71 ? 5.193   1.930   0.499   1.00 22.62 ? 86  PHE A CD1 1 
ATOM   527 C  CD2 . PHE A 1 71 ? 5.934   0.433   -1.214  1.00 22.62 ? 86  PHE A CD2 1 
ATOM   528 C  CE1 . PHE A 1 71 ? 3.987   1.235   0.595   1.00 22.46 ? 86  PHE A CE1 1 
ATOM   529 C  CE2 . PHE A 1 71 ? 4.739   -0.268  -1.127  1.00 22.93 ? 86  PHE A CE2 1 
ATOM   530 C  CZ  . PHE A 1 71 ? 3.755   0.141   -0.218  1.00 22.03 ? 86  PHE A CZ  1 
ATOM   531 N  N   . GLY A 1 72 ? 9.770   4.570   0.428   1.00 28.71 ? 87  GLY A N   1 
ATOM   532 C  CA  . GLY A 1 72 ? 11.185  4.838   0.634   1.00 29.76 ? 87  GLY A CA  1 
ATOM   533 C  C   . GLY A 1 72 ? 12.100  4.083   -0.314  1.00 29.82 ? 87  GLY A C   1 
ATOM   534 O  O   . GLY A 1 72 ? 13.293  3.948   -0.057  1.00 31.11 ? 87  GLY A O   1 
ATOM   535 N  N   . VAL A 1 73 ? 11.548  3.594   -1.419  1.00 29.87 ? 88  VAL A N   1 
ATOM   536 C  CA  . VAL A 1 73 ? 12.335  2.848   -2.395  1.00 29.62 ? 88  VAL A CA  1 
ATOM   537 C  C   . VAL A 1 73 ? 11.960  3.258   -3.816  1.00 30.23 ? 88  VAL A C   1 
ATOM   538 O  O   . VAL A 1 73 ? 10.856  3.735   -4.060  1.00 29.79 ? 88  VAL A O   1 
ATOM   539 C  CB  . VAL A 1 73 ? 12.105  1.320   -2.237  1.00 29.04 ? 88  VAL A CB  1 
ATOM   540 C  CG1 . VAL A 1 73 ? 12.516  0.870   -0.839  1.00 28.41 ? 88  VAL A CG1 1 
ATOM   541 C  CG2 . VAL A 1 73 ? 10.633  0.982   -2.490  1.00 28.76 ? 88  VAL A CG2 1 
ATOM   542 N  N   . PRO A 1 74 ? 12.884  3.088   -4.778  1.00 30.35 ? 89  PRO A N   1 
ATOM   543 C  CA  . PRO A 1 74 ? 12.608  3.448   -6.174  1.00 30.25 ? 89  PRO A CA  1 
ATOM   544 C  C   . PRO A 1 74 ? 11.907  2.291   -6.894  1.00 29.65 ? 89  PRO A C   1 
ATOM   545 O  O   . PRO A 1 74 ? 11.363  2.455   -7.986  1.00 30.70 ? 89  PRO A O   1 
ATOM   546 C  CB  . PRO A 1 74 ? 14.001  3.709   -6.734  1.00 31.00 ? 89  PRO A CB  1 
ATOM   547 C  CG  . PRO A 1 74 ? 14.797  2.630   -6.055  1.00 31.18 ? 89  PRO A CG  1 
ATOM   548 C  CD  . PRO A 1 74 ? 14.301  2.701   -4.609  1.00 31.42 ? 89  PRO A CD  1 
ATOM   549 N  N   . SER A 1 75 ? 11.939  1.120   -6.262  1.00 29.12 ? 90  SER A N   1 
ATOM   550 C  CA  . SER A 1 75 ? 11.314  -0.084  -6.800  1.00 27.81 ? 90  SER A CA  1 
ATOM   551 C  C   . SER A 1 75 ? 11.268  -1.179  -5.743  1.00 27.34 ? 90  SER A C   1 
ATOM   552 O  O   . SER A 1 75 ? 11.858  -1.045  -4.681  1.00 27.75 ? 90  SER A O   1 
ATOM   553 C  CB  . SER A 1 75 ? 12.090  -0.600  -8.018  1.00 29.11 ? 90  SER A CB  1 
ATOM   554 O  OG  . SER A 1 75 ? 13.426  -0.935  -7.669  1.00 28.86 ? 90  SER A OG  1 
ATOM   555 N  N   . PHE A 1 76 ? 10.562  -2.261  -6.054  1.00 25.97 ? 91  PHE A N   1 
ATOM   556 C  CA  . PHE A 1 76 ? 10.444  -3.400  -5.150  1.00 24.95 ? 91  PHE A CA  1 
ATOM   557 C  C   . PHE A 1 76 ? 9.722   -4.511  -5.889  1.00 25.32 ? 91  PHE A C   1 
ATOM   558 O  O   . PHE A 1 76 ? 9.008   -4.249  -6.837  1.00 25.47 ? 91  PHE A O   1 
ATOM   559 C  CB  . PHE A 1 76 ? 9.673   -3.007  -3.880  1.00 23.66 ? 91  PHE A CB  1 
ATOM   560 C  CG  . PHE A 1 76 ? 8.219   -2.654  -4.111  1.00 21.45 ? 91  PHE A CG  1 
ATOM   561 C  CD1 . PHE A 1 76 ? 7.241   -3.646  -4.162  1.00 22.08 ? 91  PHE A CD1 1 
ATOM   562 C  CD2 . PHE A 1 76 ? 7.829   -1.328  -4.250  1.00 22.90 ? 91  PHE A CD2 1 
ATOM   563 C  CE1 . PHE A 1 76 ? 5.894   -3.318  -4.333  1.00 22.14 ? 91  PHE A CE1 1 
ATOM   564 C  CE2 . PHE A 1 76 ? 6.491   -0.986  -4.422  1.00 22.64 ? 91  PHE A CE2 1 
ATOM   565 C  CZ  . PHE A 1 76 ? 5.519   -1.984  -4.468  1.00 22.13 ? 91  PHE A CZ  1 
ATOM   566 N  N   . SER A 1 77 ? 9.926   -5.753  -5.456  1.00 25.74 ? 92  SER A N   1 
ATOM   567 C  CA  . SER A 1 77 ? 9.271   -6.892  -6.092  1.00 26.82 ? 92  SER A CA  1 
ATOM   568 C  C   . SER A 1 77 ? 7.895   -7.162  -5.490  1.00 27.21 ? 92  SER A C   1 
ATOM   569 O  O   . SER A 1 77 ? 7.722   -7.105  -4.280  1.00 26.46 ? 92  SER A O   1 
ATOM   570 C  CB  . SER A 1 77 ? 10.132  -8.142  -5.946  1.00 28.10 ? 92  SER A CB  1 
ATOM   571 O  OG  . SER A 1 77 ? 9.378   -9.304  -6.258  1.00 29.59 ? 92  SER A OG  1 
ATOM   572 N  N   . VAL A 1 78 ? 6.918   -7.468  -6.342  1.00 27.26 ? 93  VAL A N   1 
ATOM   573 C  CA  . VAL A 1 78 ? 5.568   -7.747  -5.861  1.00 27.09 ? 93  VAL A CA  1 
ATOM   574 C  C   . VAL A 1 78 ? 5.462   -9.092  -5.155  1.00 26.35 ? 93  VAL A C   1 
ATOM   575 O  O   . VAL A 1 78 ? 4.432   -9.400  -4.570  1.00 26.36 ? 93  VAL A O   1 
ATOM   576 C  CB  . VAL A 1 78 ? 4.532   -7.759  -6.999  1.00 27.47 ? 93  VAL A CB  1 
ATOM   577 C  CG1 . VAL A 1 78 ? 4.567   -6.437  -7.723  1.00 28.83 ? 93  VAL A CG1 1 
ATOM   578 C  CG2 . VAL A 1 78 ? 4.793   -8.921  -7.945  1.00 27.18 ? 93  VAL A CG2 1 
ATOM   579 N  N   . LYS A 1 79 ? 6.522   -9.896  -5.220  1.00 25.99 ? 94  LYS A N   1 
ATOM   580 C  CA  . LYS A 1 79 ? 6.510   -11.203 -4.571  1.00 27.09 ? 94  LYS A CA  1 
ATOM   581 C  C   . LYS A 1 79 ? 7.047   -11.167 -3.148  1.00 26.77 ? 94  LYS A C   1 
ATOM   582 O  O   . LYS A 1 79 ? 6.886   -12.125 -2.406  1.00 27.48 ? 94  LYS A O   1 
ATOM   583 C  CB  . LYS A 1 79 ? 7.331   -12.196 -5.372  1.00 28.17 ? 94  LYS A CB  1 
ATOM   584 C  CG  . LYS A 1 79 ? 6.755   -12.497 -6.731  1.00 29.04 ? 94  LYS A CG  1 
ATOM   585 C  CD  . LYS A 1 79 ? 5.363   -13.087 -6.632  1.00 30.23 ? 94  LYS A CD  1 
ATOM   586 C  CE  . LYS A 1 79 ? 4.977   -13.733 -7.950  1.00 31.66 ? 94  LYS A CE  1 
ATOM   587 N  NZ  . LYS A 1 79 ? 3.522   -14.030 -8.037  1.00 32.32 ? 94  LYS A NZ  1 
ATOM   588 N  N   . GLU A 1 80 ? 7.695   -10.067 -2.779  1.00 26.30 ? 95  GLU A N   1 
ATOM   589 C  CA  . GLU A 1 80 ? 8.238   -9.916  -1.432  1.00 26.11 ? 95  GLU A CA  1 
ATOM   590 C  C   . GLU A 1 80 ? 7.207   -9.271  -0.510  1.00 24.19 ? 95  GLU A C   1 
ATOM   591 O  O   . GLU A 1 80 ? 7.336   -8.124  -0.107  1.00 23.13 ? 95  GLU A O   1 
ATOM   592 C  CB  . GLU A 1 80 ? 9.527   -9.084  -1.462  1.00 28.64 ? 95  GLU A CB  1 
ATOM   593 C  CG  . GLU A 1 80 ? 10.625  -9.729  -2.303  1.00 32.64 ? 95  GLU A CG  1 
ATOM   594 C  CD  . GLU A 1 80 ? 12.018  -9.183  -2.023  1.00 35.17 ? 95  GLU A CD  1 
ATOM   595 O  OE1 . GLU A 1 80 ? 12.190  -7.951  -1.967  1.00 37.02 ? 95  GLU A OE1 1 
ATOM   596 O  OE2 . GLU A 1 80 ? 12.959  -9.995  -1.875  1.00 38.29 ? 95  GLU A OE2 1 
ATOM   597 N  N   . HIS A 1 81 ? 6.187   -10.046 -0.168  1.00 24.28 ? 96  HIS A N   1 
ATOM   598 C  CA  . HIS A 1 81 ? 5.100   -9.571  0.676   1.00 23.08 ? 96  HIS A CA  1 
ATOM   599 C  C   . HIS A 1 81 ? 5.481   -9.090  2.070   1.00 22.94 ? 96  HIS A C   1 
ATOM   600 O  O   . HIS A 1 81 ? 4.984   -8.066  2.509   1.00 22.61 ? 96  HIS A O   1 
ATOM   601 C  CB  . HIS A 1 81 ? 4.024   -10.645 0.759   1.00 23.60 ? 96  HIS A CB  1 
ATOM   602 C  CG  . HIS A 1 81 ? 3.343   -10.903 -0.545  1.00 24.28 ? 96  HIS A CG  1 
ATOM   603 N  ND1 . HIS A 1 81 ? 2.172   -11.620 -0.640  1.00 23.93 ? 96  HIS A ND1 1 
ATOM   604 C  CD2 . HIS A 1 81 ? 3.658   -10.524 -1.806  1.00 24.10 ? 96  HIS A CD2 1 
ATOM   605 C  CE1 . HIS A 1 81 ? 1.790   -11.668 -1.903  1.00 25.02 ? 96  HIS A CE1 1 
ATOM   606 N  NE2 . HIS A 1 81 ? 2.675   -11.010 -2.631  1.00 24.94 ? 96  HIS A NE2 1 
ATOM   607 N  N   . ARG A 1 82 ? 6.355   -9.815  2.768   1.00 22.40 ? 97  ARG A N   1 
ATOM   608 C  CA  . ARG A 1 82 ? 6.745   -9.375  4.110   1.00 22.17 ? 97  ARG A CA  1 
ATOM   609 C  C   . ARG A 1 82 ? 7.362   -7.986  4.028   1.00 20.95 ? 97  ARG A C   1 
ATOM   610 O  O   . ARG A 1 82 ? 7.083   -7.129  4.846   1.00 21.43 ? 97  ARG A O   1 
ATOM   611 C  CB  . ARG A 1 82 ? 7.763   -10.324 4.734   1.00 22.98 ? 97  ARG A CB  1 
ATOM   612 C  CG  . ARG A 1 82 ? 7.343   -11.762 4.783   1.00 25.27 ? 97  ARG A CG  1 
ATOM   613 C  CD  . ARG A 1 82 ? 8.511   -12.579 5.316   1.00 27.44 ? 97  ARG A CD  1 
ATOM   614 N  NE  . ARG A 1 82 ? 8.209   -14.003 5.344   1.00 29.34 ? 97  ARG A NE  1 
ATOM   615 C  CZ  . ARG A 1 82 ? 9.000   -14.945 5.856   1.00 29.92 ? 97  ARG A CZ  1 
ATOM   616 N  NH1 . ARG A 1 82 ? 10.163  -14.627 6.422   1.00 29.85 ? 97  ARG A NH1 1 
ATOM   617 N  NH2 . ARG A 1 82 ? 8.690   -16.237 5.681   1.00 31.66 ? 97  ARG A NH2 1 
ATOM   618 N  N   . LYS A 1 83 ? 8.213   -7.764  3.033   1.00 21.37 ? 98  LYS A N   1 
ATOM   619 C  CA  . LYS A 1 83 ? 8.846   -6.455  2.887   1.00 20.97 ? 98  LYS A CA  1 
ATOM   620 C  C   . LYS A 1 83 ? 7.821   -5.383  2.587   1.00 20.70 ? 98  LYS A C   1 
ATOM   621 O  O   . LYS A 1 83 ? 7.937   -4.265  3.054   1.00 20.41 ? 98  LYS A O   1 
ATOM   622 C  CB  . LYS A 1 83 ? 9.856   -6.452  1.755   1.00 23.32 ? 98  LYS A CB  1 
ATOM   623 C  CG  . LYS A 1 83 ? 10.998  -7.375  1.989   1.00 26.42 ? 98  LYS A CG  1 
ATOM   624 C  CD  . LYS A 1 83 ? 12.025  -7.236  0.893   1.00 28.37 ? 98  LYS A CD  1 
ATOM   625 C  CE  . LYS A 1 83 ? 13.200  -8.157  1.139   1.00 30.03 ? 98  LYS A CE  1 
ATOM   626 N  NZ  . LYS A 1 83 ? 14.249  -7.939  0.103   1.00 32.50 ? 98  LYS A NZ  1 
ATOM   627 N  N   . ILE A 1 84 ? 6.832   -5.734  1.775   1.00 18.62 ? 99  ILE A N   1 
ATOM   628 C  CA  . ILE A 1 84 ? 5.796   -4.783  1.405   1.00 19.74 ? 99  ILE A CA  1 
ATOM   629 C  C   . ILE A 1 84 ? 4.981   -4.381  2.632   1.00 18.54 ? 99  ILE A C   1 
ATOM   630 O  O   . ILE A 1 84 ? 4.718   -3.205  2.839   1.00 18.70 ? 99  ILE A O   1 
ATOM   631 C  CB  . ILE A 1 84 ? 4.875   -5.367  0.303   1.00 21.27 ? 99  ILE A CB  1 
ATOM   632 C  CG1 . ILE A 1 84 ? 5.675   -5.526  -0.997  1.00 20.17 ? 99  ILE A CG1 1 
ATOM   633 C  CG2 . ILE A 1 84 ? 3.671   -4.458  0.076   1.00 20.82 ? 99  ILE A CG2 1 
ATOM   634 C  CD1 . ILE A 1 84 ? 4.955   -6.309  -2.089  1.00 18.51 ? 99  ILE A CD1 1 
ATOM   635 N  N   . TYR A 1 85 ? 4.598   -5.362  3.448   1.00 18.87 ? 100 TYR A N   1 
ATOM   636 C  CA  . TYR A 1 85 ? 3.825   -5.087  4.660   1.00 18.52 ? 100 TYR A CA  1 
ATOM   637 C  C   . TYR A 1 85 ? 4.579   -4.105  5.559   1.00 18.82 ? 100 TYR A C   1 
ATOM   638 O  O   . TYR A 1 85 ? 3.992   -3.219  6.152   1.00 19.80 ? 100 TYR A O   1 
ATOM   639 C  CB  . TYR A 1 85 ? 3.546   -6.393  5.431   1.00 17.39 ? 100 TYR A CB  1 
ATOM   640 C  CG  . TYR A 1 85 ? 2.298   -7.125  4.985   1.00 18.31 ? 100 TYR A CG  1 
ATOM   641 C  CD1 . TYR A 1 85 ? 1.036   -6.556  5.154   1.00 18.93 ? 100 TYR A CD1 1 
ATOM   642 C  CD2 . TYR A 1 85 ? 2.377   -8.373  4.362   1.00 20.15 ? 100 TYR A CD2 1 
ATOM   643 C  CE1 . TYR A 1 85 ? -0.113  -7.200  4.705   1.00 19.35 ? 100 TYR A CE1 1 
ATOM   644 C  CE2 . TYR A 1 85 ? 1.231   -9.026  3.913   1.00 21.38 ? 100 TYR A CE2 1 
ATOM   645 C  CZ  . TYR A 1 85 ? -0.008  -8.435  4.086   1.00 21.97 ? 100 TYR A CZ  1 
ATOM   646 O  OH  . TYR A 1 85 ? -1.139  -9.076  3.632   1.00 23.64 ? 100 TYR A OH  1 
ATOM   647 N  N   . THR A 1 86 ? 5.893   -4.268  5.650   1.00 20.48 ? 101 THR A N   1 
ATOM   648 C  CA  . THR A 1 86 ? 6.694   -3.383  6.485   1.00 20.37 ? 101 THR A CA  1 
ATOM   649 C  C   . THR A 1 86 ? 6.654   -1.948  5.967   1.00 21.15 ? 101 THR A C   1 
ATOM   650 O  O   . THR A 1 86 ? 6.474   -1.005  6.731   1.00 22.14 ? 101 THR A O   1 
ATOM   651 C  CB  . THR A 1 86 ? 8.152   -3.869  6.548   1.00 21.81 ? 101 THR A CB  1 
ATOM   652 O  OG1 . THR A 1 86 ? 8.189   -5.180  7.129   1.00 22.66 ? 101 THR A OG1 1 
ATOM   653 C  CG2 . THR A 1 86 ? 8.988   -2.934  7.386   1.00 21.45 ? 101 THR A CG2 1 
ATOM   654 N  N   . MET A 1 87 ? 6.817   -1.787  4.660   1.00 20.61 ? 102 MET A N   1 
ATOM   655 C  CA  . MET A 1 87 ? 6.784   -0.454  4.066   1.00 20.90 ? 102 MET A CA  1 
ATOM   656 C  C   . MET A 1 87 ? 5.415   0.181   4.261   1.00 20.94 ? 102 MET A C   1 
ATOM   657 O  O   . MET A 1 87 ? 5.313   1.367   4.525   1.00 20.84 ? 102 MET A O   1 
ATOM   658 C  CB  . MET A 1 87 ? 7.120   -0.524  2.577   1.00 21.46 ? 102 MET A CB  1 
ATOM   659 C  CG  . MET A 1 87 ? 8.556   -0.923  2.320   1.00 22.88 ? 102 MET A CG  1 
ATOM   660 S  SD  . MET A 1 87 ? 9.025   -0.929  0.607   1.00 25.02 ? 102 MET A SD  1 
ATOM   661 C  CE  . MET A 1 87 ? 8.230   -2.400  0.035   1.00 24.57 ? 102 MET A CE  1 
ATOM   662 N  N   . ILE A 1 88 ? 4.357   -0.615  4.136   1.00 20.72 ? 103 ILE A N   1 
ATOM   663 C  CA  . ILE A 1 88 ? 3.012   -0.073  4.309   1.00 22.03 ? 103 ILE A CA  1 
ATOM   664 C  C   . ILE A 1 88 ? 2.819   0.427   5.737   1.00 24.35 ? 103 ILE A C   1 
ATOM   665 O  O   . ILE A 1 88 ? 2.370   1.532   5.954   1.00 23.88 ? 103 ILE A O   1 
ATOM   666 C  CB  . ILE A 1 88 ? 1.938   -1.127  3.993   1.00 21.69 ? 103 ILE A CB  1 
ATOM   667 C  CG1 . ILE A 1 88 ? 1.949   -1.438  2.496   1.00 22.29 ? 103 ILE A CG1 1 
ATOM   668 C  CG2 . ILE A 1 88 ? 0.559   -0.616  4.405   1.00 22.51 ? 103 ILE A CG2 1 
ATOM   669 C  CD1 . ILE A 1 88 ? 1.001   -2.553  2.087   1.00 20.92 ? 103 ILE A CD1 1 
ATOM   670 N  N   . TYR A 1 89 ? 3.181   -0.398  6.710   1.00 25.35 ? 104 TYR A N   1 
ATOM   671 C  CA  . TYR A 1 89 ? 3.027   -0.012  8.108   1.00 27.95 ? 104 TYR A CA  1 
ATOM   672 C  C   . TYR A 1 89 ? 3.722   1.308   8.490   1.00 28.09 ? 104 TYR A C   1 
ATOM   673 O  O   . TYR A 1 89 ? 3.331   1.952   9.450   1.00 27.48 ? 104 TYR A O   1 
ATOM   674 C  CB  . TYR A 1 89 ? 3.479   -1.169  9.008   1.00 28.90 ? 104 TYR A CB  1 
ATOM   675 C  CG  . TYR A 1 89 ? 2.354   -2.158  9.288   1.00 29.68 ? 104 TYR A CG  1 
ATOM   676 C  CD1 . TYR A 1 89 ? 1.596   -2.708  8.247   1.00 31.55 ? 104 TYR A CD1 1 
ATOM   677 C  CD2 . TYR A 1 89 ? 2.007   -2.499  10.593  1.00 30.91 ? 104 TYR A CD2 1 
ATOM   678 C  CE1 . TYR A 1 89 ? 0.524   -3.562  8.506   1.00 31.19 ? 104 TYR A CE1 1 
ATOM   679 C  CE2 . TYR A 1 89 ? 0.935   -3.354  10.855  1.00 30.88 ? 104 TYR A CE2 1 
ATOM   680 C  CZ  . TYR A 1 89 ? 0.201   -3.877  9.816   1.00 32.19 ? 104 TYR A CZ  1 
ATOM   681 O  OH  . TYR A 1 89 ? -0.875  -4.697  10.089  1.00 34.00 ? 104 TYR A OH  1 
ATOM   682 N  N   . ARG A 1 90 ? 4.726   1.714   7.719   1.00 29.69 ? 105 ARG A N   1 
ATOM   683 C  CA  . ARG A 1 90 ? 5.460   2.957   7.976   1.00 29.73 ? 105 ARG A CA  1 
ATOM   684 C  C   . ARG A 1 90 ? 4.514   4.131   7.812   1.00 29.20 ? 105 ARG A C   1 
ATOM   685 O  O   . ARG A 1 90 ? 4.749   5.221   8.332   1.00 29.50 ? 105 ARG A O   1 
ATOM   686 C  CB  . ARG A 1 90 ? 6.579   3.174   6.947   1.00 33.63 ? 105 ARG A CB  1 
ATOM   687 C  CG  . ARG A 1 90 ? 7.301   1.935   6.441   1.00 37.18 ? 105 ARG A CG  1 
ATOM   688 C  CD  . ARG A 1 90 ? 8.615   2.337   5.775   1.00 40.62 ? 105 ARG A CD  1 
ATOM   689 N  NE  . ARG A 1 90 ? 8.507   3.599   5.049   1.00 43.68 ? 105 ARG A NE  1 
ATOM   690 C  CZ  . ARG A 1 90 ? 9.536   4.417   4.829   1.00 44.77 ? 105 ARG A CZ  1 
ATOM   691 N  NH1 . ARG A 1 90 ? 10.748  4.104   5.279   1.00 45.38 ? 105 ARG A NH1 1 
ATOM   692 N  NH2 . ARG A 1 90 ? 9.363   5.548   4.156   1.00 45.53 ? 105 ARG A NH2 1 
ATOM   693 N  N   . ASN A 1 91 ? 3.454   3.890   7.054   1.00 26.87 ? 106 ASN A N   1 
ATOM   694 C  CA  . ASN A 1 91 ? 2.480   4.913   6.719   1.00 26.31 ? 106 ASN A CA  1 
ATOM   695 C  C   . ASN A 1 91 ? 1.100   4.756   7.342   1.00 24.67 ? 106 ASN A C   1 
ATOM   696 O  O   . ASN A 1 91 ? 0.148   5.318   6.855   1.00 23.16 ? 106 ASN A O   1 
ATOM   697 C  CB  . ASN A 1 91 ? 2.347   4.957   5.199   1.00 27.55 ? 106 ASN A CB  1 
ATOM   698 C  CG  . ASN A 1 91 ? 3.653   5.307   4.518   1.00 29.42 ? 106 ASN A CG  1 
ATOM   699 O  OD1 . ASN A 1 91 ? 4.114   6.434   4.602   1.00 29.96 ? 106 ASN A OD1 1 
ATOM   700 N  ND2 . ASN A 1 91 ? 4.263   4.327   3.848   1.00 29.75 ? 106 ASN A ND2 1 
ATOM   701 N  N   . LEU A 1 92 ? 1.001   4.005   8.428   1.00 25.10 ? 107 LEU A N   1 
ATOM   702 C  CA  . LEU A 1 92 ? -0.289  3.822   9.069   1.00 25.74 ? 107 LEU A CA  1 
ATOM   703 C  C   . LEU A 1 92 ? -0.181  3.543   10.564  1.00 27.03 ? 107 LEU A C   1 
ATOM   704 O  O   . LEU A 1 92 ? 0.911   3.320   11.094  1.00 27.09 ? 107 LEU A O   1 
ATOM   705 C  CB  . LEU A 1 92 ? -1.060  2.689   8.374   1.00 25.69 ? 107 LEU A CB  1 
ATOM   706 C  CG  . LEU A 1 92 ? -0.396  1.309   8.276   1.00 25.68 ? 107 LEU A CG  1 
ATOM   707 C  CD1 . LEU A 1 92 ? -0.448  0.625   9.631   1.00 24.98 ? 107 LEU A CD1 1 
ATOM   708 C  CD2 . LEU A 1 92 ? -1.125  0.452   7.247   1.00 26.40 ? 107 LEU A CD2 1 
ATOM   709 N  N   . VAL A 1 93 ? -1.327  3.582   11.233  1.00 27.62 ? 108 VAL A N   1 
ATOM   710 C  CA  . VAL A 1 93 ? -1.419  3.319   12.661  1.00 29.57 ? 108 VAL A CA  1 
ATOM   711 C  C   . VAL A 1 93 ? -2.458  2.219   12.847  1.00 29.27 ? 108 VAL A C   1 
ATOM   712 O  O   . VAL A 1 93 ? -3.550  2.288   12.298  1.00 28.90 ? 108 VAL A O   1 
ATOM   713 C  CB  . VAL A 1 93 ? -1.868  4.581   13.442  1.00 30.26 ? 108 VAL A CB  1 
ATOM   714 C  CG1 . VAL A 1 93 ? -2.014  4.258   14.913  1.00 30.06 ? 108 VAL A CG1 1 
ATOM   715 C  CG2 . VAL A 1 93 ? -0.873  5.705   13.225  1.00 31.15 ? 108 VAL A CG2 1 
ATOM   716 N  N   . VAL A 1 94 ? -2.104  1.196   13.612  1.00 29.67 ? 109 VAL A N   1 
ATOM   717 C  CA  . VAL A 1 94 ? -3.010  0.092   13.854  1.00 30.48 ? 109 VAL A CA  1 
ATOM   718 C  C   . VAL A 1 94 ? -4.095  0.452   14.861  1.00 31.58 ? 109 VAL A C   1 
ATOM   719 O  O   . VAL A 1 94 ? -3.831  1.095   15.878  1.00 31.90 ? 109 VAL A O   1 
ATOM   720 C  CB  . VAL A 1 94 ? -2.259  -1.152  14.373  1.00 30.33 ? 109 VAL A CB  1 
ATOM   721 C  CG1 . VAL A 1 94 ? -3.254  -2.248  14.700  1.00 30.85 ? 109 VAL A CG1 1 
ATOM   722 C  CG2 . VAL A 1 94 ? -1.269  -1.639  13.324  1.00 31.05 ? 109 VAL A CG2 1 
ATOM   723 N  N   . VAL A 1 95 ? -5.316  0.031   14.554  1.00 31.99 ? 110 VAL A N   1 
ATOM   724 C  CA  . VAL A 1 95 ? -6.467  0.278   15.412  1.00 33.23 ? 110 VAL A CA  1 
ATOM   725 C  C   . VAL A 1 95 ? -6.687  -0.915  16.319  1.00 34.47 ? 110 VAL A C   1 
ATOM   726 O  O   . VAL A 1 95 ? -7.157  -1.957  15.804  1.00 35.01 ? 110 VAL A O   1 
ATOM   727 C  CB  . VAL A 1 95 ? -7.737  0.506   14.591  1.00 32.53 ? 110 VAL A CB  1 
ATOM   728 C  CG1 . VAL A 1 95 ? -8.924  0.697   15.526  1.00 31.92 ? 110 VAL A CG1 1 
ATOM   729 C  CG2 . VAL A 1 95 ? -7.561  1.727   13.702  1.00 32.12 ? 110 VAL A CG2 1 
HETATM 730 CL CL1 . 35S B 2 .  ? 1.953   -2.292  -2.472  1.00 20.78 ? 201 35S A CL1 1 
HETATM 731 C  C9  . 35S B 2 .  ? 1.247   -3.671  -3.143  1.00 18.63 ? 201 35S A C9  1 
HETATM 732 C  C24 . 35S B 2 .  ? 2.013   -4.480  -3.978  1.00 17.48 ? 201 35S A C24 1 
HETATM 733 C  C25 . 35S B 2 .  ? 1.416   -5.633  -4.509  1.00 19.24 ? 201 35S A C25 1 
HETATM 734 C  C27 . 35S B 2 .  ? -0.086  -3.945  -2.812  1.00 17.60 ? 201 35S A C27 1 
HETATM 735 C  C28 . 35S B 2 .  ? -0.669  -5.106  -3.356  1.00 18.49 ? 201 35S A C28 1 
HETATM 736 C  C6  . 35S B 2 .  ? 0.084   -5.947  -4.200  1.00 18.38 ? 201 35S A C6  1 
HETATM 737 C  C7  . 35S B 2 .  ? -0.524  -7.206  -4.744  1.00 21.06 ? 201 35S A C7  1 
HETATM 738 N  N2  . 35S B 2 .  ? -0.816  -7.259  -6.219  1.00 22.37 ? 201 35S A N2  1 
HETATM 739 C  C8  . 35S B 2 .  ? -1.292  -6.045  -6.895  1.00 22.68 ? 201 35S A C8  1 
HETATM 740 C  C11 . 35S B 2 .  ? -0.717  -8.413  -6.954  1.00 23.82 ? 201 35S A C11 1 
HETATM 741 O  O1  . 35S B 2 .  ? -1.119  -8.464  -8.108  1.00 24.87 ? 201 35S A O1  1 
HETATM 742 C  C12 . 35S B 2 .  ? -0.126  -9.690  -6.350  1.00 24.32 ? 201 35S A C12 1 
HETATM 743 C  C13 . 35S B 2 .  ? 1.372   -9.794  -6.704  1.00 24.69 ? 201 35S A C13 1 
HETATM 744 C  C14 . 35S B 2 .  ? 1.937   -11.149 -6.364  1.00 24.17 ? 201 35S A C14 1 
HETATM 745 O  O2  . 35S B 2 .  ? 2.286   -11.579 -5.292  1.00 25.65 ? 201 35S A O2  1 
HETATM 746 O  O3  . 35S B 2 .  ? 1.983   -11.827 -7.541  1.00 26.53 ? 201 35S A O3  1 
HETATM 747 C  C15 . 35S B 2 .  ? -0.294  -9.769  -4.854  1.00 23.52 ? 201 35S A C15 1 
HETATM 748 C  C16 . 35S B 2 .  ? 0.103   -8.496  -4.141  1.00 22.00 ? 201 35S A C16 1 
HETATM 749 C  C17 . 35S B 2 .  ? -0.055  -8.607  -2.638  1.00 21.91 ? 201 35S A C17 1 
HETATM 750 C  C18 . 35S B 2 .  ? -1.245  -9.100  -2.062  1.00 22.85 ? 201 35S A C18 1 
HETATM 751 C  C19 . 35S B 2 .  ? -1.415  -9.155  -0.655  1.00 21.34 ? 201 35S A C19 1 
HETATM 752 C  C20 . 35S B 2 .  ? -0.396  -8.718  0.196   1.00 22.15 ? 201 35S A C20 1 
HETATM 753 C  C21 . 35S B 2 .  ? 0.785   -8.232  -0.381  1.00 22.17 ? 201 35S A C21 1 
HETATM 754 CL CL2 . 35S B 2 .  ? 2.055   -7.673  0.619   1.00 22.05 ? 201 35S A CL2 1 
HETATM 755 C  C22 . 35S B 2 .  ? 0.973   -8.172  -1.773  1.00 22.59 ? 201 35S A C22 1 
HETATM 756 C  C10 . 35S B 2 .  ? -0.658  -5.723  -8.252  1.00 24.17 ? 201 35S A C10 1 
HETATM 757 C  C23 . 35S B 2 .  ? 0.801   -5.295  -8.136  1.00 24.31 ? 201 35S A C23 1 
HETATM 758 C  C26 . 35S B 2 .  ? -0.976  -10.873 -6.868  1.00 26.67 ? 201 35S A C26 1 
HETATM 759 C  C29 . 35S B 2 .  ? -4.790  -6.660  -5.745  1.00 23.14 ? 201 35S A C29 1 
HETATM 760 C  C30 . 35S B 2 .  ? -5.606  -6.163  -6.770  1.00 22.01 ? 201 35S A C30 1 
HETATM 761 C  C31 . 35S B 2 .  ? -5.003  -5.605  -7.903  1.00 22.64 ? 201 35S A C31 1 
HETATM 762 C  C4  . 35S B 2 .  ? -3.603  -5.541  -8.015  1.00 23.87 ? 201 35S A C4  1 
HETATM 763 C  C5  . 35S B 2 .  ? -2.831  -6.057  -6.943  1.00 22.06 ? 201 35S A C5  1 
HETATM 764 N  N1  . 35S B 2 .  ? -3.436  -6.595  -5.855  1.00 21.87 ? 201 35S A N1  1 
HETATM 765 C  C1  . 35S B 2 .  ? -4.671  -8.285  -3.773  1.00 22.75 ? 201 35S A C1  1 
HETATM 766 C  C2  . 35S B 2 .  ? -4.898  -6.929  -3.203  1.00 22.43 ? 201 35S A C2  1 
HETATM 767 C  C3  . 35S B 2 .  ? -5.460  -7.274  -4.532  1.00 22.71 ? 201 35S A C3  1 
HETATM 768 O  O   . HOH C 3 .  ? 10.024  -10.745 1.608   1.00 29.47 ? 301 HOH A O   1 
HETATM 769 O  O   . HOH C 3 .  ? -12.442 -5.734  4.413   1.00 24.79 ? 302 HOH A O   1 
HETATM 770 O  O   . HOH C 3 .  ? -7.003  -7.054  -0.986  1.00 23.81 ? 303 HOH A O   1 
HETATM 771 O  O   . HOH C 3 .  ? -15.005 -7.549  2.273   1.00 27.62 ? 304 HOH A O   1 
HETATM 772 O  O   . HOH C 3 .  ? -2.883  -12.424 4.838   1.00 32.11 ? 305 HOH A O   1 
HETATM 773 O  O   . HOH C 3 .  ? 10.072  -7.040  6.631   1.00 30.34 ? 306 HOH A O   1 
HETATM 774 O  O   . HOH C 3 .  ? 11.124  -9.744  5.889   1.00 31.09 ? 307 HOH A O   1 
HETATM 775 O  O   . HOH C 3 .  ? -15.733 9.457   1.712   1.00 33.42 ? 308 HOH A O   1 
HETATM 776 O  O   . HOH C 3 .  ? 1.676   7.835   5.007   1.00 41.78 ? 309 HOH A O   1 
HETATM 777 O  O   . HOH C 3 .  ? 0.796   -12.779 1.019   1.00 35.38 ? 310 HOH A O   1 
HETATM 778 O  O   . HOH C 3 .  ? -13.573 3.050   0.813   1.00 26.94 ? 311 HOH A O   1 
HETATM 779 O  O   . HOH C 3 .  ? -4.409  -16.582 10.008  1.00 20.01 ? 312 HOH A O   1 
HETATM 780 O  O   . HOH C 3 .  ? 11.031  -5.985  -2.752  1.00 32.87 ? 313 HOH A O   1 
HETATM 781 O  O   . HOH C 3 .  ? -7.448  -10.989 12.425  1.00 32.10 ? 314 HOH A O   1 
HETATM 782 O  O   . HOH C 3 .  ? 2.716   -14.079 -4.452  1.00 27.75 ? 315 HOH A O   1 
HETATM 783 O  O   . HOH C 3 .  ? -7.088  -4.699  14.139  1.00 28.03 ? 316 HOH A O   1 
HETATM 784 O  O   . HOH C 3 .  ? -8.276  -13.114 5.615   1.00 34.02 ? 317 HOH A O   1 
HETATM 785 O  O   . HOH C 3 .  ? 9.548   -9.218  -14.632 1.00 37.50 ? 318 HOH A O   1 
HETATM 786 O  O   . HOH C 3 .  ? -5.831  4.403   -15.406 1.00 33.91 ? 319 HOH A O   1 
HETATM 787 O  O   . HOH C 3 .  ? 7.321   -0.043  9.036   1.00 30.44 ? 320 HOH A O   1 
HETATM 788 O  O   . HOH C 3 .  ? 11.773  -5.168  5.538   1.00 33.90 ? 321 HOH A O   1 
HETATM 789 O  O   . HOH C 3 .  ? -3.094  7.290   11.925  1.00 35.35 ? 322 HOH A O   1 
HETATM 790 O  O   . HOH C 3 .  ? 11.355  -12.279 6.686   1.00 30.45 ? 323 HOH A O   1 
HETATM 791 O  O   . HOH C 3 .  ? -5.390  -9.110  -0.151  1.00 34.01 ? 324 HOH A O   1 
HETATM 792 O  O   . HOH C 3 .  ? 10.376  -6.963  -13.858 1.00 35.49 ? 325 HOH A O   1 
HETATM 793 O  O   . HOH C 3 .  ? 6.748   -3.388  -13.696 1.00 32.69 ? 326 HOH A O   1 
HETATM 794 O  O   . HOH C 3 .  ? -0.199  -9.320  -10.435 1.00 25.62 ? 327 HOH A O   1 
HETATM 795 O  O   . HOH C 3 .  ? 10.532  -3.559  3.876   1.00 33.84 ? 328 HOH A O   1 
HETATM 796 O  O   . HOH C 3 .  ? 4.131   -5.417  -21.095 1.00 58.59 ? 329 HOH A O   1 
HETATM 797 O  O   . HOH C 3 .  ? -1.097  -11.507 2.797   1.00 36.53 ? 330 HOH A O   1 
HETATM 798 O  O   . HOH C 3 .  ? -12.920 -8.226  8.079   1.00 27.78 ? 331 HOH A O   1 
HETATM 799 O  O   . HOH C 3 .  ? -6.622  12.099  -2.692  1.00 41.31 ? 332 HOH A O   1 
HETATM 800 O  O   . HOH C 3 .  ? -6.657  7.739   8.560   1.00 30.46 ? 333 HOH A O   1 
HETATM 801 O  O   . HOH C 3 .  ? -11.745 -6.935  10.052  1.00 36.44 ? 334 HOH A O   1 
HETATM 802 O  O   . HOH C 3 .  ? 5.234   9.728   10.015  1.00 41.87 ? 335 HOH A O   1 
HETATM 803 O  O   . HOH C 3 .  ? -13.180 9.995   -1.220  1.00 37.21 ? 336 HOH A O   1 
HETATM 804 O  O   . HOH C 3 .  ? 5.651   -8.021  -17.688 1.00 37.91 ? 337 HOH A O   1 
HETATM 805 O  O   . HOH C 3 .  ? -14.773 0.439   7.330   1.00 36.15 ? 338 HOH A O   1 
HETATM 806 O  O   . HOH C 3 .  ? -9.121  -2.393  19.808  1.00 46.45 ? 339 HOH A O   1 
HETATM 807 O  O   . HOH C 3 .  ? 2.364   -16.336 2.876   1.00 46.29 ? 340 HOH A O   1 
HETATM 808 O  O   . HOH C 3 .  ? -14.510 11.427  0.622   1.00 42.32 ? 341 HOH A O   1 
HETATM 809 O  O   . HOH C 3 .  ? -15.986 -12.194 -0.855  0.50 46.02 ? 342 HOH A O   1 
HETATM 810 O  O   . HOH C 3 .  ? -11.174 -8.086  5.974   1.00 34.53 ? 343 HOH A O   1 
HETATM 811 O  O   . HOH C 3 .  ? 7.164   -12.768 1.407   1.00 33.57 ? 344 HOH A O   1 
HETATM 812 O  O   . HOH C 3 .  ? 1.955   -10.805 -10.231 1.00 31.78 ? 345 HOH A O   1 
HETATM 813 O  O   . HOH C 3 .  ? 5.864   -20.771 7.299   1.00 58.92 ? 346 HOH A O   1 
HETATM 814 O  O   . HOH C 3 .  ? 6.046   -15.809 2.254   1.00 34.68 ? 347 HOH A O   1 
HETATM 815 O  O   . HOH C 3 .  ? 2.475   10.368  6.094   1.00 39.39 ? 348 HOH A O   1 
HETATM 816 O  O   . HOH C 3 .  ? 8.091   -7.613  -16.330 1.00 42.50 ? 349 HOH A O   1 
HETATM 817 O  O   . HOH C 3 .  ? -4.294  -11.242 -1.718  1.00 42.84 ? 350 HOH A O   1 
HETATM 818 O  O   . HOH C 3 .  ? -4.867  -9.177  12.322  1.00 31.99 ? 351 HOH A O   1 
HETATM 819 O  O   . HOH C 3 .  ? 8.041   -4.688  -15.503 1.00 68.48 ? 352 HOH A O   1 
HETATM 820 O  O   . HOH C 3 .  ? -3.531  -12.012 -4.389  1.00 49.89 ? 353 HOH A O   1 
HETATM 821 O  O   . HOH C 3 .  ? 5.418   8.058   12.201  1.00 39.42 ? 354 HOH A O   1 
HETATM 822 O  O   . HOH C 3 .  ? 13.297  -2.217  -2.869  1.00 30.97 ? 355 HOH A O   1 
HETATM 823 O  O   . HOH C 3 .  ? 4.804   2.709   -17.846 1.00 37.77 ? 356 HOH A O   1 
HETATM 824 O  O   . HOH C 3 .  ? -0.733  -13.377 -3.496  1.00 47.50 ? 357 HOH A O   1 
HETATM 825 O  O   . HOH C 3 .  ? 11.983  2.800   -10.727 1.00 43.58 ? 358 HOH A O   1 
HETATM 826 O  O   . HOH C 3 .  ? 11.911  1.601   2.868   1.00 35.12 ? 359 HOH A O   1 
HETATM 827 O  O   . HOH C 3 .  ? 11.302  -11.257 -6.942  1.00 50.44 ? 360 HOH A O   1 
HETATM 828 O  O   . HOH C 3 .  ? 12.010  -3.853  -1.037  1.00 40.52 ? 361 HOH A O   1 
HETATM 829 O  O   . HOH C 3 .  ? -9.526  2.579   18.636  1.00 42.88 ? 362 HOH A O   1 
HETATM 830 O  O   . HOH C 3 .  ? 4.955   -13.965 -2.542  1.00 47.39 ? 363 HOH A O   1 
HETATM 831 O  O   . HOH C 3 .  ? 0.153   -2.297  -15.944 1.00 44.73 ? 364 HOH A O   1 
HETATM 832 O  O   . HOH C 3 .  ? 7.715   6.195   9.125   1.00 46.19 ? 365 HOH A O   1 
HETATM 833 O  O   . HOH C 3 .  ? 11.664  -2.947  1.364   1.00 45.70 ? 366 HOH A O   1 
HETATM 834 O  O   . HOH C 3 .  ? 10.432  -0.622  4.938   1.00 34.75 ? 367 HOH A O   1 
HETATM 835 O  O   . HOH C 3 .  ? -1.463  -13.617 -0.882  1.00 48.25 ? 368 HOH A O   1 
HETATM 836 O  O   . HOH C 3 .  ? 2.001   6.576   -14.038 1.00 35.48 ? 369 HOH A O   1 
HETATM 837 O  O   . HOH C 3 .  ? 0.678   1.408   14.423  1.00 44.54 ? 370 HOH A O   1 
HETATM 838 O  O   . HOH C 3 .  ? 10.876  -9.797  -11.515 1.00 40.24 ? 371 HOH A O   1 
HETATM 839 O  O   . HOH C 3 .  ? -2.608  -3.502  -16.383 1.00 40.61 ? 372 HOH A O   1 
HETATM 840 O  O   . HOH C 3 .  ? -4.132  -0.714  19.542  1.00 59.24 ? 373 HOH A O   1 
HETATM 841 O  O   . HOH C 3 .  ? 13.486  -0.606  2.775   1.00 54.26 ? 374 HOH A O   1 
HETATM 842 O  O   . HOH C 3 .  ? 12.666  -9.779  -15.157 1.00 47.26 ? 375 HOH A O   1 
HETATM 843 O  O   . HOH C 3 .  ? 11.353  -0.105  7.360   1.00 62.56 ? 376 HOH A O   1 
HETATM 844 O  O   . HOH C 3 .  ? 3.715   7.716   -12.013 1.00 41.10 ? 377 HOH A O   1 
HETATM 845 O  O   . HOH C 3 .  ? -9.656  -12.147 2.932   1.00 39.18 ? 378 HOH A O   1 
# 
